data_6YHH
#
_entry.id   6YHH
#
_cell.length_a   75.986
_cell.length_b   124.547
_cell.length_c   151.587
_cell.angle_alpha   90.000
_cell.angle_beta   90.000
_cell.angle_gamma   90.000
#
_symmetry.space_group_name_H-M   'P 21 21 21'
#
loop_
_entity.id
_entity.type
_entity.pdbx_description
1 polymer 'Beta-N-acetylglucosaminidase-like protein Glycoside hydrolase family 20'
2 non-polymer 2-AMINO-2-HYDROXYMETHYL-PROPANE-1,3-DIOL
3 non-polymer GLYCEROL
4 water water
#
_entity_poly.entity_id   1
_entity_poly.type   'polypeptide(L)'
_entity_poly.pdbx_seq_one_letter_code
;QMQKEQLNLMPWPQNVVVNDGNFTLTKNFKVNISGNPDSRIFGGVTRFLRRLDGRTGIFFEQGFITKLNEFPNAELQINC
TKNGKIGLYEDESYSLDVKANKITINATSDLGALHGLETLLQLLQNDSKKFYFPVSQISDFPRFTWRGLMLDASRHFQPV
DVVKRNLDALAAMKMNVFHWHLVDDQGWRIETKKHPKLIELASDGLYYTQEEIRNIVKYADERGILIVPEIDVPGHGSAI
LTAYPEIGSKVITLTGGTSEKNIQGTAISTYRIERNAGIFSPTLDPSNPKTYKILSELFDEVCPLFPGAYFHIGGDENEG
KDWDANPKIQEFKKKHNLKTNHELQTYFTMQLAPMLKKHGKQLMGWEEILTKDLSKEAIVHSWRGPNEGMVAGQSLVDAV
KKGYKTVLSNGFYIDLMYPVASHYLNDPMPKGADLSAEEKARILGGEATMWTELATPETFDSRVWPRTAAIAERLWSAEN
ITDVANMRKRLESVSFRLEELGLTHIKNKAVILRNIANNQNIKSVNEFTNVCEPLKGYTRNKGGTEYQMYSPFTLFADAC
TPDAKDSLAFDEAVSQYLANKSADNKAKVAAFFNKWIAVNKGLVELSANAPLVQPILPLSKKLSDASQELLLVLDNKSTL
KTADLKTLIEQCNTKDHADVELSVYESLKKLIA
;
_entity_poly.pdbx_strand_id   A,B
#
# COMPACT_ATOMS: atom_id res chain seq x y z
N GLN A 1 19.18 2.65 -32.36
CA GLN A 1 19.15 1.21 -32.77
C GLN A 1 19.64 0.27 -31.65
N MET A 2 18.72 -0.52 -31.09
CA MET A 2 19.03 -1.57 -30.08
C MET A 2 19.68 -2.84 -30.71
N GLN A 3 20.39 -3.58 -29.83
CA GLN A 3 20.88 -4.97 -30.03
C GLN A 3 20.11 -5.84 -29.02
N LYS A 4 19.92 -7.15 -29.26
CA LYS A 4 19.13 -7.99 -28.30
C LYS A 4 19.78 -7.99 -26.87
N GLU A 5 21.09 -7.84 -26.78
CA GLU A 5 21.79 -7.75 -25.49
C GLU A 5 21.38 -6.53 -24.58
N GLN A 6 20.70 -5.52 -25.12
CA GLN A 6 20.32 -4.34 -24.37
C GLN A 6 18.88 -4.49 -23.86
N LEU A 7 18.20 -5.56 -24.25
CA LEU A 7 16.79 -5.72 -23.92
C LEU A 7 16.64 -6.31 -22.52
N ASN A 8 15.78 -5.65 -21.75
CA ASN A 8 15.49 -6.17 -20.39
C ASN A 8 14.26 -6.97 -20.28
N LEU A 9 14.29 -8.15 -20.93
CA LEU A 9 13.13 -9.05 -20.99
C LEU A 9 13.31 -10.11 -19.95
N MET A 10 12.24 -10.46 -19.20
CA MET A 10 12.35 -11.47 -18.17
C MET A 10 10.92 -11.95 -17.89
N PRO A 11 10.60 -13.25 -18.00
CA PRO A 11 11.53 -14.29 -18.51
C PRO A 11 12.07 -13.98 -19.93
N TRP A 12 13.35 -14.35 -20.16
CA TRP A 12 13.92 -14.23 -21.51
C TRP A 12 13.13 -15.11 -22.47
N PRO A 13 12.59 -14.53 -23.57
CA PRO A 13 11.72 -15.33 -24.44
C PRO A 13 12.49 -16.43 -25.21
N GLN A 14 11.74 -17.42 -25.65
CA GLN A 14 12.29 -18.64 -26.28
C GLN A 14 13.00 -18.24 -27.61
N ASN A 15 12.48 -17.26 -28.27
CA ASN A 15 13.06 -16.77 -29.56
C ASN A 15 12.98 -15.27 -29.59
N VAL A 16 14.10 -14.65 -29.89
CA VAL A 16 14.13 -13.16 -29.96
C VAL A 16 15.03 -12.76 -31.11
N VAL A 17 14.51 -11.97 -32.04
CA VAL A 17 15.36 -11.36 -33.07
C VAL A 17 15.06 -9.86 -33.13
N VAL A 18 16.11 -9.06 -33.14
CA VAL A 18 15.90 -7.62 -33.32
C VAL A 18 16.37 -7.24 -34.74
N ASN A 19 15.53 -6.50 -35.44
CA ASN A 19 15.86 -6.06 -36.83
C ASN A 19 16.07 -4.53 -36.79
N ASP A 20 16.18 -3.89 -37.91
CA ASP A 20 16.48 -2.45 -38.00
C ASP A 20 15.24 -1.57 -37.76
N GLY A 21 15.44 -0.45 -37.05
CA GLY A 21 14.39 0.60 -36.94
C GLY A 21 13.57 0.46 -35.66
N ASN A 22 12.69 1.43 -35.45
CA ASN A 22 11.85 1.49 -34.26
C ASN A 22 10.42 1.82 -34.58
N PHE A 23 9.53 1.41 -33.71
CA PHE A 23 8.16 1.89 -33.72
C PHE A 23 8.14 3.04 -32.70
N THR A 24 7.70 4.25 -33.12
CA THR A 24 7.67 5.41 -32.21
C THR A 24 6.29 5.56 -31.59
N LEU A 25 6.24 5.66 -30.23
CA LEU A 25 4.96 5.80 -29.54
C LEU A 25 4.52 7.28 -29.54
N THR A 26 3.29 7.49 -29.97
CA THR A 26 2.72 8.81 -30.10
C THR A 26 1.31 8.77 -29.60
N LYS A 27 0.69 9.96 -29.61
CA LYS A 27 -0.69 10.08 -29.24
C LYS A 27 -1.69 9.40 -30.18
N ASN A 28 -1.22 8.91 -31.32
CA ASN A 28 -2.05 8.13 -32.25
C ASN A 28 -2.22 6.69 -31.81
N PHE A 29 -1.39 6.25 -30.84
CA PHE A 29 -1.47 4.88 -30.38
C PHE A 29 -2.81 4.41 -29.86
N LYS A 30 -3.25 3.30 -30.44
CA LYS A 30 -4.44 2.59 -30.06
C LYS A 30 -4.27 1.08 -30.16
N VAL A 31 -5.17 0.36 -29.50
CA VAL A 31 -5.22 -1.08 -29.44
C VAL A 31 -6.54 -1.62 -29.93
N ASN A 32 -6.44 -2.76 -30.60
CA ASN A 32 -7.58 -3.50 -31.16
C ASN A 32 -7.40 -4.97 -30.90
N ILE A 33 -8.50 -5.64 -30.62
CA ILE A 33 -8.51 -7.03 -30.29
C ILE A 33 -9.44 -7.77 -31.27
N SER A 34 -8.97 -8.91 -31.74
N SER A 34 -8.93 -8.83 -31.86
CA SER A 34 -9.72 -9.71 -32.71
CA SER A 34 -9.72 -9.63 -32.82
C SER A 34 -9.66 -11.19 -32.40
C SER A 34 -9.62 -11.12 -32.50
N GLY A 35 -10.54 -11.92 -33.08
CA GLY A 35 -10.57 -13.32 -32.90
C GLY A 35 -11.62 -13.77 -31.92
N ASN A 36 -11.26 -14.74 -31.11
CA ASN A 36 -12.24 -15.33 -30.17
C ASN A 36 -11.55 -15.57 -28.81
N PRO A 37 -11.06 -14.48 -28.22
CA PRO A 37 -10.54 -14.62 -26.81
C PRO A 37 -11.63 -14.77 -25.75
N ASP A 38 -11.22 -15.28 -24.59
CA ASP A 38 -12.00 -15.19 -23.40
C ASP A 38 -12.10 -13.74 -23.01
N SER A 39 -13.20 -13.35 -22.35
CA SER A 39 -13.39 -11.95 -21.94
C SER A 39 -12.34 -11.39 -20.99
N ARG A 40 -11.52 -12.23 -20.36
CA ARG A 40 -10.40 -11.71 -19.53
C ARG A 40 -9.43 -10.87 -20.32
N ILE A 41 -9.50 -10.99 -21.65
CA ILE A 41 -8.58 -10.18 -22.45
C ILE A 41 -8.88 -8.67 -22.27
N PHE A 42 -10.12 -8.29 -22.02
CA PHE A 42 -10.52 -6.86 -22.03
C PHE A 42 -9.87 -6.06 -20.89
N GLY A 43 -9.96 -6.62 -19.70
CA GLY A 43 -9.32 -5.93 -18.55
C GLY A 43 -7.82 -5.95 -18.76
N GLY A 44 -7.28 -7.06 -19.21
CA GLY A 44 -5.78 -7.12 -19.40
C GLY A 44 -5.25 -6.11 -20.36
N VAL A 45 -5.97 -5.89 -21.48
CA VAL A 45 -5.60 -4.88 -22.46
C VAL A 45 -5.77 -3.47 -21.90
N THR A 46 -6.83 -3.27 -21.16
CA THR A 46 -7.04 -1.95 -20.51
C THR A 46 -5.91 -1.64 -19.53
N ARG A 47 -5.55 -2.62 -18.69
CA ARG A 47 -4.44 -2.39 -17.72
C ARG A 47 -3.13 -2.18 -18.42
N PHE A 48 -2.88 -2.88 -19.51
CA PHE A 48 -1.69 -2.68 -20.32
C PHE A 48 -1.56 -1.20 -20.75
N LEU A 49 -2.66 -0.70 -21.30
CA LEU A 49 -2.71 0.68 -21.81
C LEU A 49 -2.51 1.69 -20.68
N ARG A 50 -3.19 1.47 -19.55
CA ARG A 50 -2.99 2.29 -18.37
C ARG A 50 -1.55 2.28 -17.91
N ARG A 51 -0.94 1.08 -17.86
CA ARG A 51 0.43 1.00 -17.42
C ARG A 51 1.40 1.69 -18.40
N LEU A 52 1.20 1.45 -19.67
CA LEU A 52 2.02 2.12 -20.68
C LEU A 52 1.94 3.63 -20.60
N ASP A 53 0.74 4.14 -20.42
CA ASP A 53 0.53 5.59 -20.29
C ASP A 53 1.21 6.11 -19.05
N GLY A 54 1.14 5.34 -17.95
CA GLY A 54 1.82 5.80 -16.74
C GLY A 54 3.34 5.97 -16.92
N ARG A 55 3.92 5.14 -17.77
CA ARG A 55 5.34 5.22 -18.01
C ARG A 55 5.78 6.29 -18.98
N THR A 56 4.83 6.75 -19.82
CA THR A 56 5.13 7.61 -20.96
C THR A 56 4.52 8.98 -20.95
N GLY A 57 3.39 9.14 -20.25
CA GLY A 57 2.82 10.49 -20.13
C GLY A 57 2.20 10.98 -21.45
N ILE A 58 1.73 10.06 -22.27
CA ILE A 58 1.21 10.42 -23.58
C ILE A 58 -0.22 10.89 -23.54
N PHE A 59 -1.03 10.35 -22.64
CA PHE A 59 -2.48 10.56 -22.52
C PHE A 59 -3.19 9.95 -23.73
N PHE A 60 -3.20 8.63 -23.76
CA PHE A 60 -3.79 7.88 -24.89
C PHE A 60 -5.27 8.18 -24.99
N GLU A 61 -5.78 8.09 -26.20
CA GLU A 61 -7.24 8.30 -26.46
C GLU A 61 -8.16 7.36 -25.81
N GLN A 62 -7.91 6.05 -25.78
CA GLN A 62 -8.84 5.11 -25.30
C GLN A 62 -8.87 5.09 -23.78
N GLY A 63 -10.09 4.92 -23.26
CA GLY A 63 -10.25 4.69 -21.85
C GLY A 63 -10.31 3.20 -21.60
N PHE A 64 -11.48 2.70 -21.28
CA PHE A 64 -11.69 1.24 -21.11
C PHE A 64 -11.85 0.51 -22.45
N ILE A 65 -11.22 -0.67 -22.57
CA ILE A 65 -11.35 -1.56 -23.74
C ILE A 65 -12.33 -2.66 -23.30
N THR A 66 -13.45 -2.79 -24.04
CA THR A 66 -14.52 -3.69 -23.63
C THR A 66 -15.07 -4.69 -24.68
N LYS A 67 -14.76 -4.45 -25.95
CA LYS A 67 -15.27 -5.29 -27.09
C LYS A 67 -14.18 -5.54 -28.12
N LEU A 68 -14.45 -6.55 -28.94
CA LEU A 68 -13.65 -6.80 -30.10
C LEU A 68 -13.82 -5.74 -31.16
N ASN A 69 -12.79 -5.57 -31.91
CA ASN A 69 -12.75 -4.74 -33.08
C ASN A 69 -13.21 -3.33 -32.88
N GLU A 70 -12.74 -2.76 -31.80
CA GLU A 70 -13.02 -1.39 -31.52
C GLU A 70 -12.34 -0.44 -32.44
N PHE A 71 -11.15 -0.77 -32.95
CA PHE A 71 -10.33 0.10 -33.84
C PHE A 71 -9.55 -0.76 -34.84
N PRO A 72 -10.18 -1.08 -35.98
CA PRO A 72 -9.53 -2.12 -36.77
C PRO A 72 -8.21 -1.73 -37.41
N ASN A 73 -7.94 -0.45 -37.52
CA ASN A 73 -6.61 -0.01 -38.00
C ASN A 73 -5.66 0.43 -36.90
N ALA A 74 -5.96 0.05 -35.65
CA ALA A 74 -5.08 0.38 -34.54
C ALA A 74 -3.63 -0.03 -34.75
N GLU A 75 -2.70 0.72 -34.19
CA GLU A 75 -1.26 0.41 -34.26
C GLU A 75 -0.89 -0.89 -33.57
N LEU A 76 -1.63 -1.25 -32.53
CA LEU A 76 -1.44 -2.54 -31.83
C LEU A 76 -2.63 -3.42 -32.04
N GLN A 77 -2.39 -4.56 -32.70
CA GLN A 77 -3.42 -5.59 -32.98
C GLN A 77 -3.11 -6.82 -32.19
N ILE A 78 -4.12 -7.32 -31.51
CA ILE A 78 -4.04 -8.46 -30.70
C ILE A 78 -5.09 -9.46 -31.21
N ASN A 79 -4.59 -10.60 -31.71
CA ASN A 79 -5.45 -11.65 -32.30
C ASN A 79 -5.32 -12.91 -31.44
N CYS A 80 -6.43 -13.41 -30.95
CA CYS A 80 -6.52 -14.62 -30.19
C CYS A 80 -7.40 -15.67 -30.87
N THR A 81 -6.92 -16.91 -31.01
CA THR A 81 -7.68 -17.89 -31.81
C THR A 81 -8.87 -18.40 -31.05
N LYS A 82 -8.71 -18.68 -29.75
CA LYS A 82 -9.74 -19.34 -28.93
C LYS A 82 -9.69 -18.82 -27.48
N ASN A 83 -10.65 -19.28 -26.70
CA ASN A 83 -10.77 -18.90 -25.28
C ASN A 83 -9.78 -19.71 -24.47
N GLY A 84 -9.03 -19.02 -23.61
CA GLY A 84 -8.16 -19.69 -22.67
C GLY A 84 -8.97 -20.23 -21.53
N LYS A 85 -8.43 -21.26 -20.90
CA LYS A 85 -9.01 -21.82 -19.67
C LYS A 85 -7.95 -21.74 -18.58
N ILE A 86 -8.36 -21.59 -17.34
CA ILE A 86 -7.41 -21.48 -16.18
C ILE A 86 -7.10 -22.95 -15.85
N GLY A 87 -5.84 -23.31 -15.70
CA GLY A 87 -5.53 -24.66 -15.37
C GLY A 87 -4.14 -24.90 -15.90
N LEU A 88 -3.77 -26.17 -15.84
CA LEU A 88 -2.49 -26.61 -16.33
C LEU A 88 -2.64 -27.15 -17.81
N TYR A 89 -1.50 -27.25 -18.46
CA TYR A 89 -1.32 -27.73 -19.82
C TYR A 89 -1.97 -26.87 -20.87
N GLU A 90 -2.30 -25.60 -20.60
CA GLU A 90 -2.81 -24.75 -21.62
C GLU A 90 -1.72 -24.34 -22.57
N ASP A 91 -2.10 -24.05 -23.81
CA ASP A 91 -1.20 -23.46 -24.76
C ASP A 91 -1.08 -21.97 -24.44
N GLU A 92 0.06 -21.57 -23.87
CA GLU A 92 0.29 -20.20 -23.37
C GLU A 92 1.24 -19.48 -24.31
N SER A 93 1.40 -20.03 -25.50
CA SER A 93 2.34 -19.44 -26.47
C SER A 93 1.81 -18.15 -27.10
N TYR A 94 2.72 -17.36 -27.69
CA TYR A 94 2.34 -16.15 -28.41
C TYR A 94 3.48 -15.78 -29.29
N SER A 95 3.17 -14.92 -30.29
CA SER A 95 4.20 -14.20 -31.04
C SER A 95 3.91 -12.71 -30.97
N LEU A 96 4.97 -11.96 -30.94
CA LEU A 96 4.96 -10.53 -30.86
C LEU A 96 5.87 -10.01 -31.96
N ASP A 97 5.25 -9.24 -32.87
CA ASP A 97 5.95 -8.68 -33.99
C ASP A 97 5.80 -7.16 -33.98
N VAL A 98 6.92 -6.50 -33.89
CA VAL A 98 7.03 -5.06 -33.89
C VAL A 98 7.62 -4.68 -35.27
N LYS A 99 6.80 -3.96 -36.03
CA LYS A 99 7.26 -3.31 -37.24
C LYS A 99 7.21 -1.82 -37.07
N ALA A 100 7.79 -1.06 -38.02
CA ALA A 100 7.91 0.38 -37.80
C ALA A 100 6.58 1.08 -37.59
N ASN A 101 5.49 0.55 -38.16
CA ASN A 101 4.23 1.22 -38.12
C ASN A 101 3.13 0.43 -37.52
N LYS A 102 3.40 -0.78 -37.02
CA LYS A 102 2.37 -1.64 -36.56
C LYS A 102 2.94 -2.73 -35.68
N ILE A 103 2.20 -3.08 -34.65
CA ILE A 103 2.60 -4.15 -33.71
C ILE A 103 1.49 -5.19 -33.65
N THR A 104 1.85 -6.50 -33.72
CA THR A 104 0.86 -7.52 -33.67
C THR A 104 1.23 -8.59 -32.65
N ILE A 105 0.28 -8.93 -31.82
CA ILE A 105 0.35 -10.06 -30.95
C ILE A 105 -0.58 -11.09 -31.45
N ASN A 106 -0.07 -12.26 -31.74
CA ASN A 106 -0.88 -13.39 -32.18
C ASN A 106 -0.72 -14.47 -31.14
N ALA A 107 -1.82 -15.03 -30.68
CA ALA A 107 -1.76 -16.10 -29.72
C ALA A 107 -2.85 -17.07 -29.87
N THR A 108 -2.55 -18.32 -29.53
CA THR A 108 -3.61 -19.32 -29.52
C THR A 108 -4.82 -18.89 -28.71
N SER A 109 -4.58 -18.35 -27.53
CA SER A 109 -5.70 -17.87 -26.70
C SER A 109 -5.29 -16.55 -25.98
N ASP A 110 -6.25 -15.95 -25.30
CA ASP A 110 -5.99 -14.77 -24.46
C ASP A 110 -4.87 -15.05 -23.44
N LEU A 111 -4.58 -16.29 -23.03
CA LEU A 111 -3.53 -16.52 -22.03
C LEU A 111 -2.17 -16.12 -22.61
N GLY A 112 -1.87 -16.58 -23.83
CA GLY A 112 -0.67 -16.12 -24.50
C GLY A 112 -0.64 -14.65 -24.81
N ALA A 113 -1.78 -14.08 -25.19
CA ALA A 113 -1.80 -12.63 -25.46
C ALA A 113 -1.53 -11.80 -24.20
N LEU A 114 -2.09 -12.22 -23.07
CA LEU A 114 -1.80 -11.54 -21.80
C LEU A 114 -0.30 -11.56 -21.51
N HIS A 115 0.35 -12.68 -21.77
CA HIS A 115 1.78 -12.77 -21.60
C HIS A 115 2.49 -11.82 -22.55
N GLY A 116 2.03 -11.80 -23.80
CA GLY A 116 2.70 -10.94 -24.77
C GLY A 116 2.64 -9.49 -24.45
N LEU A 117 1.53 -9.06 -23.79
CA LEU A 117 1.47 -7.69 -23.38
C LEU A 117 2.58 -7.34 -22.35
N GLU A 118 2.94 -8.31 -21.51
CA GLU A 118 4.02 -8.11 -20.53
C GLU A 118 5.36 -8.00 -21.23
N THR A 119 5.58 -8.83 -22.23
CA THR A 119 6.81 -8.72 -23.01
C THR A 119 6.90 -7.38 -23.68
N LEU A 120 5.80 -6.96 -24.34
CA LEU A 120 5.73 -5.64 -24.98
C LEU A 120 6.12 -4.50 -24.03
N LEU A 121 5.58 -4.47 -22.82
CA LEU A 121 6.00 -3.45 -21.84
C LEU A 121 7.48 -3.47 -21.60
N GLN A 122 8.04 -4.69 -21.54
CA GLN A 122 9.50 -4.79 -21.30
C GLN A 122 10.31 -4.38 -22.45
N LEU A 123 9.72 -4.36 -23.64
CA LEU A 123 10.46 -3.93 -24.81
C LEU A 123 10.55 -2.43 -24.97
N LEU A 124 9.74 -1.70 -24.21
CA LEU A 124 9.75 -0.19 -24.24
C LEU A 124 11.08 0.39 -24.03
N GLN A 125 11.49 1.26 -24.94
CA GLN A 125 12.73 1.99 -24.88
C GLN A 125 12.43 3.49 -24.92
N ASN A 126 13.46 4.27 -24.65
CA ASN A 126 13.37 5.72 -24.86
C ASN A 126 14.74 6.28 -25.15
N ASP A 127 14.74 7.46 -25.73
CA ASP A 127 15.93 8.29 -25.84
C ASP A 127 15.68 9.48 -24.88
N SER A 128 16.21 10.66 -25.18
CA SER A 128 15.93 11.80 -24.25
C SER A 128 14.55 12.40 -24.35
N LYS A 129 13.80 12.07 -25.43
CA LYS A 129 12.54 12.75 -25.76
C LYS A 129 11.40 11.87 -26.13
N LYS A 130 11.66 10.69 -26.73
CA LYS A 130 10.58 9.84 -27.22
C LYS A 130 10.72 8.44 -26.65
N PHE A 131 9.60 7.72 -26.74
CA PHE A 131 9.48 6.32 -26.39
C PHE A 131 9.30 5.52 -27.64
N TYR A 132 9.88 4.32 -27.65
CA TYR A 132 9.77 3.49 -28.82
C TYR A 132 9.90 2.03 -28.52
N PHE A 133 9.54 1.17 -29.48
CA PHE A 133 9.76 -0.27 -29.39
C PHE A 133 10.61 -0.68 -30.58
N PRO A 134 11.67 -1.43 -30.33
CA PRO A 134 12.52 -1.86 -31.43
C PRO A 134 11.81 -2.85 -32.35
N VAL A 135 11.99 -2.66 -33.65
CA VAL A 135 11.51 -3.58 -34.66
C VAL A 135 12.18 -4.93 -34.34
N SER A 136 11.34 -5.96 -34.23
CA SER A 136 11.78 -7.25 -33.67
C SER A 136 10.69 -8.29 -33.83
N GLN A 137 11.07 -9.57 -33.64
CA GLN A 137 10.15 -10.65 -33.68
C GLN A 137 10.47 -11.61 -32.56
N ILE A 138 9.41 -11.94 -31.81
CA ILE A 138 9.55 -12.79 -30.66
C ILE A 138 8.53 -13.86 -30.77
N SER A 139 8.89 -15.11 -30.49
CA SER A 139 7.94 -16.16 -30.37
C SER A 139 8.30 -16.93 -29.12
N ASP A 140 7.27 -17.25 -28.34
CA ASP A 140 7.55 -17.63 -26.94
C ASP A 140 6.54 -18.60 -26.41
N PHE A 141 6.92 -19.30 -25.34
CA PHE A 141 6.08 -20.25 -24.69
C PHE A 141 6.85 -20.66 -23.42
N PRO A 142 6.12 -21.22 -22.43
CA PRO A 142 6.79 -21.62 -21.22
C PRO A 142 7.45 -23.01 -21.26
N ARG A 143 8.57 -23.16 -20.54
CA ARG A 143 9.18 -24.43 -20.32
C ARG A 143 8.37 -25.36 -19.46
N PHE A 144 7.75 -24.85 -18.36
CA PHE A 144 6.95 -25.68 -17.46
C PHE A 144 5.58 -25.11 -17.39
N THR A 145 4.64 -25.98 -17.15
CA THR A 145 3.26 -25.52 -17.04
C THR A 145 2.82 -24.94 -15.66
N TRP A 146 3.48 -25.34 -14.58
CA TRP A 146 3.18 -24.91 -13.20
C TRP A 146 4.27 -23.98 -12.82
N ARG A 147 3.96 -22.69 -12.76
CA ARG A 147 4.94 -21.66 -12.46
C ARG A 147 4.33 -20.76 -11.34
N GLY A 148 4.68 -21.14 -10.09
CA GLY A 148 3.91 -20.71 -8.94
C GLY A 148 4.62 -19.89 -7.84
N LEU A 149 3.80 -19.16 -7.13
CA LEU A 149 4.17 -18.57 -5.82
C LEU A 149 3.17 -19.10 -4.80
N MET A 150 3.71 -19.56 -3.66
CA MET A 150 2.92 -19.88 -2.48
C MET A 150 2.95 -18.68 -1.54
N LEU A 151 1.79 -18.24 -1.08
CA LEU A 151 1.68 -17.19 -0.02
C LEU A 151 1.15 -17.80 1.29
N ASP A 152 1.94 -17.72 2.34
CA ASP A 152 1.54 -18.18 3.72
C ASP A 152 0.75 -17.09 4.37
N ALA A 153 -0.56 -17.31 4.46
CA ALA A 153 -1.42 -16.32 5.10
C ALA A 153 -1.66 -16.62 6.61
N SER A 154 -1.04 -17.70 7.11
CA SER A 154 -1.25 -18.11 8.50
C SER A 154 -0.25 -17.42 9.48
N ARG A 155 1.05 -17.53 9.18
CA ARG A 155 2.03 -17.05 10.14
C ARG A 155 1.85 -15.53 10.38
N HIS A 156 1.88 -14.76 9.31
CA HIS A 156 1.39 -13.40 9.26
C HIS A 156 0.33 -13.29 8.18
N PHE A 157 -0.85 -12.88 8.62
CA PHE A 157 -1.97 -12.68 7.74
C PHE A 157 -1.57 -11.63 6.72
N GLN A 158 -1.93 -11.90 5.48
CA GLN A 158 -1.67 -10.96 4.39
C GLN A 158 -3.03 -10.50 3.82
N PRO A 159 -3.36 -9.24 4.05
CA PRO A 159 -4.68 -8.75 3.63
C PRO A 159 -4.91 -8.80 2.09
N VAL A 160 -6.19 -8.62 1.75
CA VAL A 160 -6.61 -8.65 0.35
C VAL A 160 -5.71 -7.83 -0.52
N ASP A 161 -5.31 -6.62 -0.10
CA ASP A 161 -4.47 -5.79 -0.98
C ASP A 161 -3.13 -6.42 -1.33
N VAL A 162 -2.55 -7.12 -0.35
CA VAL A 162 -1.27 -7.79 -0.61
C VAL A 162 -1.45 -8.88 -1.63
N VAL A 163 -2.53 -9.66 -1.51
CA VAL A 163 -2.78 -10.78 -2.40
C VAL A 163 -3.00 -10.24 -3.82
N LYS A 164 -3.82 -9.20 -3.97
CA LYS A 164 -4.12 -8.65 -5.27
C LYS A 164 -2.88 -8.14 -5.98
N ARG A 165 -2.05 -7.34 -5.31
CA ARG A 165 -0.91 -6.78 -6.04
C ARG A 165 0.06 -7.88 -6.40
N ASN A 166 0.20 -8.88 -5.54
CA ASN A 166 1.10 -9.98 -5.88
C ASN A 166 0.58 -10.81 -7.08
N LEU A 167 -0.72 -10.95 -7.23
CA LEU A 167 -1.27 -11.57 -8.40
C LEU A 167 -0.89 -10.73 -9.62
N ASP A 168 -0.94 -9.39 -9.53
CA ASP A 168 -0.46 -8.57 -10.68
C ASP A 168 1.02 -8.84 -10.96
N ALA A 169 1.83 -8.97 -9.92
CA ALA A 169 3.26 -9.17 -10.11
C ALA A 169 3.50 -10.56 -10.81
N LEU A 170 2.75 -11.56 -10.37
CA LEU A 170 2.84 -12.92 -10.96
C LEU A 170 2.55 -12.82 -12.48
N ALA A 171 1.48 -12.12 -12.82
CA ALA A 171 1.20 -11.96 -14.26
C ALA A 171 2.29 -11.24 -14.99
N ALA A 172 2.84 -10.21 -14.37
CA ALA A 172 3.90 -9.44 -14.97
C ALA A 172 5.11 -10.28 -15.29
N MET A 173 5.31 -11.33 -14.50
CA MET A 173 6.45 -12.26 -14.67
C MET A 173 6.03 -13.55 -15.38
N LYS A 174 4.82 -13.60 -15.93
CA LYS A 174 4.27 -14.79 -16.61
C LYS A 174 4.13 -16.01 -15.73
N MET A 175 3.95 -15.78 -14.42
CA MET A 175 3.66 -16.85 -13.49
C MET A 175 2.16 -17.13 -13.44
N ASN A 176 1.77 -18.40 -13.32
CA ASN A 176 0.36 -18.78 -13.50
C ASN A 176 -0.27 -19.57 -12.44
N VAL A 177 0.40 -19.75 -11.29
CA VAL A 177 -0.17 -20.47 -10.16
C VAL A 177 0.06 -19.66 -8.88
N PHE A 178 -1.03 -19.51 -8.15
CA PHE A 178 -0.96 -18.88 -6.81
C PHE A 178 -1.45 -19.90 -5.81
N HIS A 179 -0.54 -20.41 -5.02
CA HIS A 179 -0.85 -21.41 -4.02
C HIS A 179 -1.04 -20.68 -2.67
N TRP A 180 -2.22 -20.88 -2.09
CA TRP A 180 -2.64 -20.06 -0.92
C TRP A 180 -2.65 -20.97 0.31
N HIS A 181 -1.66 -20.76 1.18
CA HIS A 181 -1.47 -21.57 2.38
C HIS A 181 -2.27 -20.90 3.48
N LEU A 182 -3.52 -21.40 3.65
CA LEU A 182 -4.58 -20.70 4.31
C LEU A 182 -4.82 -21.12 5.78
N VAL A 183 -4.00 -22.04 6.25
CA VAL A 183 -4.08 -22.59 7.59
C VAL A 183 -2.72 -23.11 8.01
N ASP A 184 -2.35 -22.84 9.28
CA ASP A 184 -1.19 -23.44 9.86
C ASP A 184 -1.36 -23.29 11.38
N ASP A 185 -0.30 -23.56 12.14
CA ASP A 185 -0.40 -23.55 13.61
C ASP A 185 -0.80 -22.17 14.18
N GLN A 186 -0.44 -21.15 13.42
CA GLN A 186 -0.51 -19.76 13.81
C GLN A 186 -1.83 -19.08 13.39
N GLY A 187 -2.75 -19.86 12.75
CA GLY A 187 -4.04 -19.31 12.40
C GLY A 187 -4.69 -19.94 11.21
N TRP A 188 -6.02 -19.98 11.27
CA TRP A 188 -6.94 -20.40 10.23
C TRP A 188 -7.55 -19.21 9.52
N ARG A 189 -7.44 -19.15 8.20
CA ARG A 189 -7.77 -17.95 7.46
C ARG A 189 -8.97 -17.96 6.50
N ILE A 190 -9.85 -18.97 6.58
CA ILE A 190 -10.98 -19.12 5.66
C ILE A 190 -12.30 -18.90 6.42
N GLU A 191 -13.08 -17.91 6.06
CA GLU A 191 -14.35 -17.81 6.64
C GLU A 191 -15.13 -19.11 6.39
N THR A 192 -15.61 -19.65 7.50
CA THR A 192 -16.39 -20.87 7.46
C THR A 192 -17.65 -20.62 8.29
N LYS A 193 -18.76 -20.49 7.61
CA LYS A 193 -20.05 -20.20 8.26
C LYS A 193 -20.68 -21.39 8.97
N LYS A 194 -20.31 -22.57 8.54
CA LYS A 194 -20.77 -23.82 9.12
C LYS A 194 -19.88 -24.41 10.19
N HIS A 195 -18.62 -23.90 10.30
CA HIS A 195 -17.72 -24.27 11.37
C HIS A 195 -17.17 -23.02 11.98
N PRO A 196 -18.04 -22.19 12.57
CA PRO A 196 -17.62 -20.86 13.00
C PRO A 196 -16.58 -20.79 14.07
N LYS A 197 -16.38 -21.85 14.84
CA LYS A 197 -15.38 -21.86 15.86
C LYS A 197 -13.97 -21.65 15.26
N LEU A 198 -13.80 -22.06 14.02
CA LEU A 198 -12.44 -21.84 13.41
C LEU A 198 -12.12 -20.36 13.25
N ILE A 199 -13.13 -19.56 13.01
CA ILE A 199 -12.95 -18.08 12.95
C ILE A 199 -12.89 -17.50 14.36
N GLU A 200 -13.86 -17.89 15.21
CA GLU A 200 -13.94 -17.35 16.52
C GLU A 200 -12.70 -17.58 17.36
N LEU A 201 -12.20 -18.79 17.32
CA LEU A 201 -11.19 -19.29 18.25
C LEU A 201 -9.80 -19.44 17.62
N ALA A 202 -9.72 -19.52 16.31
CA ALA A 202 -8.44 -19.92 15.66
C ALA A 202 -7.93 -18.89 14.64
N SER A 203 -8.45 -17.67 14.65
CA SER A 203 -8.06 -16.66 13.65
C SER A 203 -7.56 -15.30 14.17
N ASP A 204 -7.83 -14.97 15.42
CA ASP A 204 -7.61 -13.62 15.99
C ASP A 204 -8.38 -12.55 15.20
N GLY A 205 -9.42 -12.98 14.52
CA GLY A 205 -10.18 -12.04 13.66
C GLY A 205 -9.60 -11.71 12.32
N LEU A 206 -8.53 -12.43 11.95
CA LEU A 206 -7.76 -12.15 10.71
C LEU A 206 -8.04 -13.31 9.76
N TYR A 207 -8.80 -13.05 8.67
CA TYR A 207 -9.23 -14.07 7.76
C TYR A 207 -9.82 -13.45 6.50
N TYR A 208 -9.88 -14.27 5.48
CA TYR A 208 -10.54 -13.88 4.23
C TYR A 208 -11.99 -14.32 4.26
N THR A 209 -12.89 -13.40 3.93
CA THR A 209 -14.29 -13.82 3.81
C THR A 209 -14.46 -14.68 2.58
N GLN A 210 -15.58 -15.41 2.51
CA GLN A 210 -15.90 -16.25 1.31
C GLN A 210 -16.02 -15.37 0.05
N GLU A 211 -16.65 -14.18 0.21
CA GLU A 211 -16.85 -13.31 -0.90
C GLU A 211 -15.44 -12.78 -1.33
N GLU A 212 -14.57 -12.44 -0.36
CA GLU A 212 -13.23 -12.03 -0.73
C GLU A 212 -12.50 -13.11 -1.48
N ILE A 213 -12.62 -14.35 -1.04
CA ILE A 213 -11.98 -15.45 -1.73
C ILE A 213 -12.52 -15.56 -3.16
N ARG A 214 -13.85 -15.56 -3.34
CA ARG A 214 -14.42 -15.63 -4.67
C ARG A 214 -13.94 -14.49 -5.53
N ASN A 215 -13.81 -13.30 -4.96
CA ASN A 215 -13.40 -12.17 -5.77
C ASN A 215 -11.90 -12.19 -6.06
N ILE A 216 -11.10 -12.81 -5.16
CA ILE A 216 -9.66 -13.00 -5.47
C ILE A 216 -9.52 -14.05 -6.55
N VAL A 217 -10.32 -15.12 -6.52
CA VAL A 217 -10.29 -16.16 -7.59
C VAL A 217 -10.55 -15.46 -8.91
N LYS A 218 -11.57 -14.58 -8.96
CA LYS A 218 -11.89 -13.85 -10.20
C LYS A 218 -10.77 -12.96 -10.64
N TYR A 219 -10.17 -12.26 -9.69
CA TYR A 219 -9.09 -11.30 -9.97
C TYR A 219 -7.94 -12.10 -10.59
N ALA A 220 -7.66 -13.24 -10.01
CA ALA A 220 -6.58 -14.12 -10.52
C ALA A 220 -6.89 -14.62 -11.95
N ASP A 221 -8.11 -15.06 -12.14
CA ASP A 221 -8.61 -15.67 -13.43
C ASP A 221 -8.51 -14.62 -14.53
N GLU A 222 -8.89 -13.39 -14.22
CA GLU A 222 -8.75 -12.30 -15.15
C GLU A 222 -7.31 -12.11 -15.59
N ARG A 223 -6.37 -12.51 -14.71
CA ARG A 223 -4.93 -12.35 -15.00
C ARG A 223 -4.25 -13.63 -15.36
N GLY A 224 -5.04 -14.66 -15.76
CA GLY A 224 -4.53 -15.92 -16.24
C GLY A 224 -3.92 -16.89 -15.24
N ILE A 225 -4.29 -16.68 -13.98
CA ILE A 225 -3.70 -17.40 -12.82
C ILE A 225 -4.70 -18.36 -12.14
N LEU A 226 -4.24 -19.56 -11.94
CA LEU A 226 -4.91 -20.64 -11.16
C LEU A 226 -4.63 -20.48 -9.67
N ILE A 227 -5.66 -20.58 -8.84
CA ILE A 227 -5.45 -20.64 -7.43
C ILE A 227 -5.55 -22.04 -6.89
N VAL A 228 -4.54 -22.44 -6.12
CA VAL A 228 -4.49 -23.72 -5.49
C VAL A 228 -4.58 -23.47 -3.96
N PRO A 229 -5.76 -23.73 -3.36
CA PRO A 229 -5.90 -23.62 -1.89
C PRO A 229 -5.27 -24.75 -1.13
N GLU A 230 -4.77 -24.45 0.08
CA GLU A 230 -4.20 -25.48 0.95
C GLU A 230 -4.78 -25.41 2.32
N ILE A 231 -5.32 -26.54 2.75
CA ILE A 231 -5.67 -26.78 4.13
C ILE A 231 -4.75 -27.89 4.66
N ASP A 232 -3.71 -27.51 5.42
CA ASP A 232 -2.66 -28.41 5.77
C ASP A 232 -3.04 -29.34 6.94
N VAL A 233 -3.08 -30.65 6.65
CA VAL A 233 -3.49 -31.69 7.60
C VAL A 233 -2.61 -32.90 7.41
N PRO A 234 -2.30 -33.68 8.47
CA PRO A 234 -2.80 -33.56 9.82
C PRO A 234 -1.85 -32.93 10.84
N GLY A 235 -0.64 -32.64 10.40
CA GLY A 235 0.33 -31.94 11.25
C GLY A 235 -0.01 -30.44 11.20
N HIS A 236 0.79 -29.62 11.89
CA HIS A 236 0.58 -28.17 11.87
C HIS A 236 -0.86 -27.90 12.29
N GLY A 237 -1.31 -28.67 13.29
CA GLY A 237 -2.73 -28.65 13.68
C GLY A 237 -3.13 -27.74 14.80
N SER A 238 -2.24 -26.86 15.29
CA SER A 238 -2.52 -26.11 16.54
C SER A 238 -3.82 -25.31 16.51
N ALA A 239 -4.04 -24.58 15.42
CA ALA A 239 -5.14 -23.71 15.28
C ALA A 239 -6.41 -24.49 15.05
N ILE A 240 -6.38 -25.50 14.18
CA ILE A 240 -7.56 -26.34 13.98
C ILE A 240 -8.04 -26.93 15.31
N LEU A 241 -7.10 -27.41 16.07
CA LEU A 241 -7.40 -28.13 17.32
C LEU A 241 -7.73 -27.18 18.48
N THR A 242 -7.40 -25.88 18.38
CA THR A 242 -7.92 -24.90 19.30
C THR A 242 -9.48 -24.81 19.16
N ALA A 243 -9.98 -24.85 17.94
CA ALA A 243 -11.40 -24.87 17.67
C ALA A 243 -12.06 -26.26 17.94
N TYR A 244 -11.39 -27.33 17.55
CA TYR A 244 -11.90 -28.73 17.63
C TYR A 244 -10.94 -29.62 18.39
N PRO A 245 -10.74 -29.41 19.69
CA PRO A 245 -9.75 -30.22 20.46
C PRO A 245 -10.08 -31.69 20.48
N GLU A 246 -11.35 -32.01 20.21
CA GLU A 246 -11.78 -33.41 20.31
C GLU A 246 -11.27 -34.31 19.19
N ILE A 247 -10.74 -33.73 18.09
CA ILE A 247 -10.10 -34.52 17.06
C ILE A 247 -8.58 -34.46 17.12
N GLY A 248 -8.03 -34.04 18.24
CA GLY A 248 -6.57 -34.09 18.40
C GLY A 248 -6.07 -35.46 18.81
N SER A 249 -4.74 -35.62 18.80
CA SER A 249 -4.17 -36.95 18.97
C SER A 249 -3.59 -37.15 20.35
N LYS A 250 -3.32 -36.09 21.09
CA LYS A 250 -2.78 -36.19 22.46
C LYS A 250 -3.79 -36.79 23.40
N VAL A 251 -3.34 -37.73 24.24
CA VAL A 251 -4.27 -38.31 25.17
C VAL A 251 -4.42 -37.37 26.39
N THR A 270 -6.46 -27.00 25.98
CA THR A 270 -5.32 -27.87 25.71
C THR A 270 -4.46 -27.41 24.47
N TYR A 271 -5.10 -26.80 23.51
CA TYR A 271 -4.39 -26.29 22.30
C TYR A 271 -4.58 -24.81 22.25
N ARG A 272 -3.69 -24.10 21.59
CA ARG A 272 -3.88 -22.65 21.46
C ARG A 272 -3.29 -22.24 20.06
N ILE A 273 -3.65 -21.05 19.59
CA ILE A 273 -3.06 -20.51 18.37
C ILE A 273 -1.55 -20.27 18.70
N GLU A 274 -0.68 -20.86 17.92
CA GLU A 274 0.71 -20.76 18.17
C GLU A 274 1.26 -19.35 17.81
N ARG A 275 2.10 -18.79 18.70
CA ARG A 275 2.63 -17.43 18.53
C ARG A 275 4.09 -17.46 18.05
N ASN A 276 4.75 -18.58 18.19
CA ASN A 276 6.17 -18.74 17.81
C ASN A 276 6.25 -19.48 16.48
N ALA A 277 7.45 -19.52 15.91
CA ALA A 277 7.74 -20.33 14.77
C ALA A 277 8.25 -21.69 15.18
N GLY A 278 8.14 -22.65 14.27
CA GLY A 278 8.70 -23.98 14.56
C GLY A 278 7.80 -25.12 14.09
N ILE A 279 8.17 -26.30 14.54
CA ILE A 279 7.46 -27.53 14.26
C ILE A 279 6.80 -27.92 15.52
N PHE A 280 5.49 -28.12 15.52
CA PHE A 280 4.72 -28.33 16.74
C PHE A 280 4.06 -29.69 16.75
N SER A 281 3.71 -30.15 17.95
CA SER A 281 3.09 -31.46 18.11
C SER A 281 1.58 -31.65 17.80
N PRO A 282 0.73 -30.61 17.85
CA PRO A 282 -0.69 -30.90 17.69
C PRO A 282 -1.01 -31.45 16.28
N THR A 283 -1.66 -32.58 16.25
CA THR A 283 -1.86 -33.35 15.06
C THR A 283 -3.28 -33.92 15.09
N LEU A 284 -3.96 -33.84 13.96
CA LEU A 284 -5.27 -34.50 13.83
C LEU A 284 -5.18 -36.01 13.99
N ASP A 285 -6.24 -36.56 14.57
CA ASP A 285 -6.32 -38.00 14.89
C ASP A 285 -6.92 -38.78 13.74
N PRO A 286 -6.09 -39.59 13.05
CA PRO A 286 -6.61 -40.31 11.89
C PRO A 286 -7.42 -41.58 12.26
N SER A 287 -7.51 -41.86 13.55
CA SER A 287 -8.32 -42.98 14.04
C SER A 287 -9.70 -42.55 14.43
N ASN A 288 -9.97 -41.24 14.47
CA ASN A 288 -11.23 -40.76 15.02
C ASN A 288 -12.14 -40.47 13.86
N PRO A 289 -13.34 -41.10 13.84
CA PRO A 289 -14.27 -40.83 12.76
C PRO A 289 -14.72 -39.37 12.66
N LYS A 290 -14.67 -38.63 13.76
CA LYS A 290 -15.05 -37.25 13.75
C LYS A 290 -14.06 -36.40 12.98
N THR A 291 -12.80 -36.81 12.96
CA THR A 291 -11.79 -36.07 12.13
C THR A 291 -12.24 -36.04 10.65
N TYR A 292 -12.66 -37.20 10.10
CA TYR A 292 -13.09 -37.29 8.72
C TYR A 292 -14.42 -36.58 8.48
N LYS A 293 -15.34 -36.66 9.44
CA LYS A 293 -16.60 -35.95 9.37
C LYS A 293 -16.39 -34.44 9.26
N ILE A 294 -15.57 -33.87 10.14
CA ILE A 294 -15.35 -32.45 10.14
C ILE A 294 -14.62 -32.04 8.85
N LEU A 295 -13.59 -32.79 8.46
CA LEU A 295 -12.89 -32.47 7.23
C LEU A 295 -13.82 -32.55 5.99
N SER A 296 -14.68 -33.58 5.93
N SER A 296 -14.69 -33.56 5.90
CA SER A 296 -15.58 -33.70 4.80
CA SER A 296 -15.54 -33.63 4.72
C SER A 296 -16.52 -32.47 4.74
C SER A 296 -16.53 -32.45 4.73
N GLU A 297 -17.02 -32.03 5.89
CA GLU A 297 -17.85 -30.83 5.96
C GLU A 297 -17.14 -29.55 5.54
N LEU A 298 -15.90 -29.44 5.98
CA LEU A 298 -15.03 -28.35 5.53
C LEU A 298 -14.80 -28.31 4.07
N PHE A 299 -14.51 -29.45 3.44
CA PHE A 299 -14.38 -29.47 1.99
C PHE A 299 -15.71 -29.14 1.33
N ASP A 300 -16.82 -29.62 1.88
CA ASP A 300 -18.09 -29.26 1.29
C ASP A 300 -18.34 -27.76 1.25
N GLU A 301 -17.84 -27.05 2.26
CA GLU A 301 -17.97 -25.58 2.34
C GLU A 301 -16.91 -24.80 1.55
N VAL A 302 -15.69 -25.32 1.56
CA VAL A 302 -14.56 -24.62 1.01
C VAL A 302 -14.25 -24.93 -0.46
N CYS A 303 -14.42 -26.18 -0.87
CA CYS A 303 -14.08 -26.53 -2.26
C CYS A 303 -14.87 -25.72 -3.30
N PRO A 304 -16.16 -25.39 -3.04
CA PRO A 304 -16.91 -24.59 -3.98
C PRO A 304 -16.40 -23.19 -4.20
N LEU A 305 -15.57 -22.71 -3.27
CA LEU A 305 -14.98 -21.37 -3.37
C LEU A 305 -13.86 -21.31 -4.40
N PHE A 306 -13.23 -22.45 -4.64
CA PHE A 306 -12.04 -22.54 -5.47
C PHE A 306 -12.32 -23.41 -6.71
N PRO A 307 -12.54 -22.80 -7.87
CA PRO A 307 -12.94 -23.58 -9.03
C PRO A 307 -11.83 -24.41 -9.69
N GLY A 308 -10.56 -24.11 -9.34
CA GLY A 308 -9.43 -24.80 -9.84
C GLY A 308 -9.50 -26.28 -9.51
N ALA A 309 -8.88 -27.09 -10.35
CA ALA A 309 -9.00 -28.53 -10.20
C ALA A 309 -8.20 -29.19 -9.15
N TYR A 310 -7.30 -28.44 -8.44
CA TYR A 310 -6.33 -29.00 -7.50
C TYR A 310 -6.61 -28.46 -6.09
N PHE A 311 -6.53 -29.36 -5.13
CA PHE A 311 -6.72 -29.03 -3.73
C PHE A 311 -5.56 -29.60 -2.94
N HIS A 312 -4.82 -28.72 -2.25
CA HIS A 312 -3.62 -29.11 -1.48
C HIS A 312 -4.08 -29.41 -0.06
N ILE A 313 -3.74 -30.60 0.45
CA ILE A 313 -4.05 -31.02 1.80
C ILE A 313 -2.84 -30.99 2.69
N GLY A 314 -1.76 -30.38 2.20
CA GLY A 314 -0.59 -30.29 3.05
C GLY A 314 0.12 -31.58 3.36
N GLY A 315 0.33 -31.90 4.65
CA GLY A 315 0.89 -33.15 5.06
C GLY A 315 2.35 -33.10 5.48
N ASP A 316 2.93 -31.90 5.61
CA ASP A 316 4.33 -31.75 6.03
C ASP A 316 4.49 -31.90 7.54
N GLU A 317 5.63 -32.47 7.95
CA GLU A 317 6.10 -32.28 9.32
C GLU A 317 5.17 -32.73 10.43
N ASN A 318 4.53 -33.90 10.23
CA ASN A 318 3.92 -34.61 11.35
C ASN A 318 5.09 -35.36 12.01
N GLU A 319 5.57 -34.91 13.14
CA GLU A 319 6.68 -35.70 13.74
C GLU A 319 6.25 -36.93 14.51
N GLY A 320 4.95 -37.09 14.66
CA GLY A 320 4.47 -38.39 14.97
C GLY A 320 4.46 -38.72 16.50
N LYS A 321 4.83 -37.79 17.35
CA LYS A 321 4.96 -38.09 18.81
C LYS A 321 3.62 -38.38 19.47
N ASP A 322 2.59 -37.57 19.21
CA ASP A 322 1.27 -37.90 19.77
C ASP A 322 0.71 -39.19 19.21
N TRP A 323 0.92 -39.43 17.92
CA TRP A 323 0.52 -40.71 17.33
C TRP A 323 1.17 -41.90 18.03
N ASP A 324 2.47 -41.83 18.22
CA ASP A 324 3.25 -42.90 18.87
C ASP A 324 2.71 -43.18 20.29
N ALA A 325 2.27 -42.16 20.99
CA ALA A 325 1.88 -42.28 22.40
C ALA A 325 0.46 -42.73 22.57
N ASN A 326 -0.38 -42.68 21.53
CA ASN A 326 -1.80 -42.83 21.72
C ASN A 326 -2.14 -44.30 21.46
N PRO A 327 -2.52 -45.04 22.51
CA PRO A 327 -2.85 -46.45 22.35
C PRO A 327 -3.95 -46.77 21.30
N LYS A 328 -4.95 -45.89 21.15
CA LYS A 328 -5.97 -46.03 20.14
C LYS A 328 -5.46 -45.93 18.74
N ILE A 329 -4.53 -44.99 18.49
CA ILE A 329 -3.95 -44.83 17.18
C ILE A 329 -3.07 -46.06 16.92
N GLN A 330 -2.36 -46.54 17.95
CA GLN A 330 -1.58 -47.78 17.75
C GLN A 330 -2.45 -48.98 17.41
N GLU A 331 -3.60 -49.16 18.06
CA GLU A 331 -4.53 -50.22 17.65
C GLU A 331 -5.02 -50.06 16.25
N PHE A 332 -5.27 -48.80 15.82
CA PHE A 332 -5.77 -48.54 14.49
C PHE A 332 -4.72 -48.90 13.45
N LYS A 333 -3.44 -48.62 13.74
CA LYS A 333 -2.41 -49.00 12.85
C LYS A 333 -2.34 -50.55 12.73
N LYS A 334 -2.54 -51.25 13.83
CA LYS A 334 -2.55 -52.74 13.83
C LYS A 334 -3.70 -53.22 13.01
N LYS A 335 -4.88 -52.64 13.21
CA LYS A 335 -6.10 -53.00 12.46
C LYS A 335 -5.87 -52.87 10.96
N HIS A 336 -5.23 -51.81 10.53
CA HIS A 336 -5.04 -51.62 9.10
C HIS A 336 -3.72 -52.04 8.56
N ASN A 337 -2.91 -52.68 9.39
CA ASN A 337 -1.59 -53.14 8.94
C ASN A 337 -0.73 -52.02 8.39
N LEU A 338 -0.63 -50.95 9.18
CA LEU A 338 0.12 -49.76 8.79
C LEU A 338 1.29 -49.71 9.76
N LYS A 339 2.50 -49.83 9.26
CA LYS A 339 3.60 -50.06 10.15
C LYS A 339 4.25 -48.78 10.61
N THR A 340 4.16 -47.73 9.79
CA THR A 340 4.88 -46.50 10.05
C THR A 340 3.83 -45.34 10.15
N ASN A 341 4.25 -44.26 10.77
CA ASN A 341 3.43 -43.03 10.78
C ASN A 341 3.17 -42.55 9.36
N HIS A 342 4.20 -42.57 8.49
CA HIS A 342 3.98 -42.14 7.12
C HIS A 342 2.93 -43.00 6.42
N GLU A 343 2.94 -44.32 6.66
CA GLU A 343 1.90 -45.19 6.08
C GLU A 343 0.52 -44.82 6.61
N LEU A 344 0.47 -44.52 7.90
CA LEU A 344 -0.81 -44.12 8.46
C LEU A 344 -1.30 -42.77 7.92
N GLN A 345 -0.34 -41.86 7.74
CA GLN A 345 -0.68 -40.55 7.19
C GLN A 345 -1.10 -40.64 5.72
N THR A 346 -0.52 -41.58 4.98
CA THR A 346 -0.96 -41.79 3.60
C THR A 346 -2.38 -42.39 3.60
N TYR A 347 -2.64 -43.35 4.51
CA TYR A 347 -4.04 -43.83 4.67
C TYR A 347 -5.05 -42.69 4.94
N PHE A 348 -4.69 -41.82 5.89
CA PHE A 348 -5.47 -40.63 6.24
C PHE A 348 -5.69 -39.77 5.00
N THR A 349 -4.64 -39.46 4.29
CA THR A 349 -4.68 -38.71 3.06
C THR A 349 -5.61 -39.31 1.99
N MET A 350 -5.54 -40.64 1.88
CA MET A 350 -6.39 -41.35 0.89
C MET A 350 -7.84 -41.44 1.32
N GLN A 351 -8.14 -41.22 2.60
CA GLN A 351 -9.52 -41.04 3.04
C GLN A 351 -10.10 -39.68 2.55
N LEU A 352 -9.22 -38.67 2.39
CA LEU A 352 -9.63 -37.31 1.93
C LEU A 352 -9.85 -37.32 0.38
N ALA A 353 -9.14 -38.21 -0.30
CA ALA A 353 -9.11 -38.25 -1.79
C ALA A 353 -10.53 -38.35 -2.39
N PRO A 354 -11.38 -39.21 -1.85
CA PRO A 354 -12.77 -39.22 -2.42
C PRO A 354 -13.61 -38.01 -2.07
N MET A 355 -13.37 -37.40 -0.90
CA MET A 355 -14.02 -36.13 -0.54
C MET A 355 -13.67 -35.06 -1.54
N LEU A 356 -12.38 -34.94 -1.90
CA LEU A 356 -11.99 -33.97 -2.89
C LEU A 356 -12.57 -34.33 -4.24
N LYS A 357 -12.56 -35.64 -4.58
CA LYS A 357 -13.02 -36.00 -5.94
C LYS A 357 -14.53 -35.72 -6.09
N LYS A 358 -15.27 -35.80 -4.99
CA LYS A 358 -16.69 -35.54 -4.98
C LYS A 358 -16.95 -34.06 -5.42
N HIS A 359 -15.97 -33.19 -5.16
CA HIS A 359 -16.04 -31.77 -5.60
C HIS A 359 -15.33 -31.51 -6.93
N GLY A 360 -14.81 -32.57 -7.54
CA GLY A 360 -14.10 -32.50 -8.78
C GLY A 360 -12.64 -32.11 -8.68
N LYS A 361 -12.07 -32.38 -7.51
CA LYS A 361 -10.67 -31.97 -7.27
C LYS A 361 -9.72 -33.10 -7.14
N GLN A 362 -8.55 -32.85 -7.69
CA GLN A 362 -7.42 -33.72 -7.53
C GLN A 362 -6.59 -33.30 -6.32
N LEU A 363 -5.97 -34.29 -5.68
CA LEU A 363 -5.28 -34.08 -4.38
C LEU A 363 -3.83 -33.81 -4.57
N MET A 364 -3.32 -32.82 -3.84
CA MET A 364 -1.91 -32.50 -3.80
C MET A 364 -1.47 -32.46 -2.35
N GLY A 365 -0.22 -32.78 -2.13
CA GLY A 365 0.37 -32.69 -0.80
C GLY A 365 1.87 -32.59 -0.79
N TRP A 366 2.41 -32.13 0.35
CA TRP A 366 3.85 -32.12 0.57
C TRP A 366 4.38 -33.58 0.56
N GLU A 367 5.63 -33.74 0.17
CA GLU A 367 6.19 -35.05 -0.19
C GLU A 367 5.99 -36.15 0.85
N GLU A 368 5.88 -35.79 2.12
CA GLU A 368 5.62 -36.81 3.17
C GLU A 368 4.47 -37.71 2.89
N ILE A 369 3.50 -37.26 2.10
CA ILE A 369 2.35 -38.09 1.80
C ILE A 369 2.65 -39.32 0.96
N LEU A 370 3.78 -39.31 0.29
CA LEU A 370 4.11 -40.41 -0.60
C LEU A 370 4.69 -41.63 0.14
N THR A 371 3.80 -42.61 0.30
CA THR A 371 4.16 -44.01 0.55
C THR A 371 3.40 -44.87 -0.46
N LYS A 372 3.64 -46.21 -0.45
CA LYS A 372 3.22 -47.03 -1.59
C LYS A 372 1.75 -46.95 -1.96
N ASP A 373 0.86 -46.79 -1.01
CA ASP A 373 -0.55 -46.84 -1.36
C ASP A 373 -1.17 -45.45 -1.72
N LEU A 374 -0.38 -44.37 -1.75
CA LEU A 374 -0.87 -43.13 -2.31
C LEU A 374 -1.29 -43.30 -3.75
N SER A 375 -2.50 -42.93 -4.09
CA SER A 375 -2.91 -42.91 -5.50
C SER A 375 -1.93 -42.17 -6.40
N LYS A 376 -1.61 -42.77 -7.56
CA LYS A 376 -0.74 -42.09 -8.50
C LYS A 376 -1.40 -40.89 -9.18
N GLU A 377 -2.68 -40.64 -8.87
CA GLU A 377 -3.31 -39.39 -9.31
C GLU A 377 -3.00 -38.22 -8.35
N ALA A 378 -2.42 -38.47 -7.21
CA ALA A 378 -1.99 -37.34 -6.26
C ALA A 378 -0.77 -36.63 -6.83
N ILE A 379 -0.80 -35.29 -6.69
CA ILE A 379 0.39 -34.50 -7.01
C ILE A 379 1.31 -34.37 -5.81
N VAL A 380 2.61 -34.64 -6.01
CA VAL A 380 3.58 -34.68 -4.92
C VAL A 380 4.32 -33.35 -4.94
N HIS A 381 4.39 -32.67 -3.79
CA HIS A 381 5.05 -31.38 -3.71
C HIS A 381 6.40 -31.59 -3.03
N SER A 382 7.47 -31.58 -3.84
CA SER A 382 8.80 -31.84 -3.39
C SER A 382 9.44 -30.58 -2.77
N TRP A 383 9.79 -30.69 -1.49
CA TRP A 383 10.29 -29.56 -0.71
C TRP A 383 11.52 -29.79 0.16
N ARG A 384 11.83 -31.04 0.45
CA ARG A 384 12.96 -31.35 1.34
C ARG A 384 14.26 -31.49 0.61
N GLY A 385 15.32 -31.11 1.28
CA GLY A 385 16.65 -31.08 0.71
C GLY A 385 17.67 -31.02 1.83
N PRO A 386 18.80 -30.38 1.62
CA PRO A 386 19.83 -30.42 2.65
C PRO A 386 19.48 -29.84 4.01
N ASN A 387 18.61 -28.85 4.05
CA ASN A 387 18.13 -28.32 5.35
C ASN A 387 17.38 -29.38 6.21
N GLU A 388 16.88 -30.42 5.58
CA GLU A 388 16.14 -31.56 6.21
C GLU A 388 16.97 -32.82 6.16
N GLY A 389 18.25 -32.66 5.82
CA GLY A 389 19.21 -33.79 5.72
C GLY A 389 19.09 -34.66 4.52
N MET A 390 18.44 -34.15 3.47
N MET A 390 18.45 -34.15 3.46
CA MET A 390 18.19 -34.89 2.23
CA MET A 390 18.21 -34.93 2.26
C MET A 390 18.99 -34.31 1.10
C MET A 390 18.97 -34.31 1.10
N VAL A 391 18.98 -35.00 -0.04
CA VAL A 391 19.63 -34.50 -1.26
C VAL A 391 18.61 -33.65 -2.01
N ALA A 392 19.02 -32.45 -2.37
CA ALA A 392 18.15 -31.49 -3.12
C ALA A 392 17.58 -32.19 -4.36
N GLY A 393 16.26 -32.14 -4.52
CA GLY A 393 15.62 -32.68 -5.75
C GLY A 393 15.33 -34.18 -5.66
N GLN A 394 15.90 -34.92 -4.68
CA GLN A 394 15.79 -36.37 -4.74
C GLN A 394 14.34 -36.84 -4.55
N SER A 395 13.53 -36.16 -3.72
CA SER A 395 12.19 -36.63 -3.55
C SER A 395 11.37 -36.47 -4.83
N LEU A 396 11.79 -35.50 -5.67
CA LEU A 396 11.11 -35.29 -6.93
C LEU A 396 11.47 -36.42 -7.89
N VAL A 397 12.74 -36.71 -7.97
CA VAL A 397 13.26 -37.84 -8.80
C VAL A 397 12.54 -39.10 -8.41
N ASP A 398 12.51 -39.39 -7.13
CA ASP A 398 11.80 -40.61 -6.65
C ASP A 398 10.30 -40.65 -6.98
N ALA A 399 9.61 -39.53 -6.84
CA ALA A 399 8.21 -39.48 -7.10
C ALA A 399 7.90 -39.66 -8.58
N VAL A 400 8.65 -39.03 -9.45
CA VAL A 400 8.29 -39.15 -10.90
C VAL A 400 8.63 -40.56 -11.39
N LYS A 401 9.72 -41.14 -10.86
CA LYS A 401 10.03 -42.57 -11.21
C LYS A 401 8.93 -43.53 -10.77
N LYS A 402 8.29 -43.23 -9.65
CA LYS A 402 7.20 -44.07 -9.17
C LYS A 402 5.86 -43.80 -9.79
N GLY A 403 5.74 -42.78 -10.61
CA GLY A 403 4.53 -42.52 -11.33
C GLY A 403 3.67 -41.32 -10.98
N TYR A 404 4.23 -40.41 -10.15
CA TYR A 404 3.50 -39.27 -9.58
C TYR A 404 3.94 -37.96 -10.21
N LYS A 405 2.95 -37.15 -10.59
CA LYS A 405 3.24 -35.80 -11.04
C LYS A 405 3.77 -34.98 -9.88
N THR A 406 4.74 -34.13 -10.16
CA THR A 406 5.47 -33.45 -9.07
C THR A 406 5.67 -31.96 -9.37
N VAL A 407 5.75 -31.17 -8.30
CA VAL A 407 6.11 -29.76 -8.37
C VAL A 407 7.26 -29.56 -7.42
N LEU A 408 8.30 -28.84 -7.87
CA LEU A 408 9.50 -28.58 -7.10
C LEU A 408 9.35 -27.23 -6.37
N SER A 409 9.42 -27.28 -5.05
CA SER A 409 9.69 -26.07 -4.21
C SER A 409 11.03 -26.06 -3.49
N ASN A 410 11.62 -27.21 -3.23
CA ASN A 410 12.97 -27.24 -2.68
C ASN A 410 13.90 -26.37 -3.53
N GLY A 411 14.68 -25.51 -2.88
CA GLY A 411 15.61 -24.58 -3.55
C GLY A 411 14.97 -23.27 -4.01
N PHE A 412 13.65 -23.12 -3.76
CA PHE A 412 12.91 -21.88 -4.03
C PHE A 412 12.25 -21.36 -2.70
N TYR A 413 12.97 -21.57 -1.60
CA TYR A 413 12.53 -21.13 -0.26
C TYR A 413 12.99 -19.69 -0.04
N ILE A 414 12.29 -18.75 -0.68
CA ILE A 414 12.68 -17.31 -0.70
C ILE A 414 12.61 -16.69 0.72
N ASP A 415 11.82 -17.29 1.64
CA ASP A 415 11.76 -16.77 2.97
C ASP A 415 13.04 -16.86 3.74
N LEU A 416 13.98 -17.76 3.33
CA LEU A 416 15.19 -18.00 4.11
C LEU A 416 16.29 -17.00 3.80
N MET A 417 15.99 -16.10 2.86
CA MET A 417 16.88 -14.96 2.56
C MET A 417 18.18 -15.32 1.88
N TYR A 418 18.17 -16.42 1.17
CA TYR A 418 19.37 -16.82 0.37
C TYR A 418 19.58 -15.91 -0.83
N PRO A 419 20.84 -15.90 -1.34
CA PRO A 419 21.12 -15.10 -2.53
C PRO A 419 20.31 -15.53 -3.75
N VAL A 420 20.01 -14.57 -4.62
CA VAL A 420 19.21 -14.82 -5.80
C VAL A 420 19.78 -15.97 -6.65
N ALA A 421 21.11 -16.04 -6.80
CA ALA A 421 21.65 -17.10 -7.67
C ALA A 421 21.35 -18.49 -7.20
N SER A 422 21.20 -18.73 -5.89
CA SER A 422 20.82 -20.07 -5.43
CA SER A 422 20.79 -20.03 -5.36
C SER A 422 19.43 -20.45 -5.95
N HIS A 423 18.51 -19.50 -6.05
CA HIS A 423 17.20 -19.77 -6.61
C HIS A 423 17.18 -19.85 -8.16
N TYR A 424 17.97 -18.95 -8.81
CA TYR A 424 17.97 -18.88 -10.26
C TYR A 424 18.51 -20.11 -10.88
N LEU A 425 19.46 -20.75 -10.22
CA LEU A 425 20.14 -21.96 -10.81
C LEU A 425 19.50 -23.21 -10.34
N ASN A 426 18.46 -23.12 -9.49
CA ASN A 426 17.78 -24.30 -9.07
C ASN A 426 16.81 -24.79 -10.14
N ASP A 427 16.92 -26.00 -10.63
CA ASP A 427 16.13 -26.39 -11.82
C ASP A 427 15.21 -27.54 -11.49
N PRO A 428 13.94 -27.46 -11.82
CA PRO A 428 13.05 -28.57 -11.52
C PRO A 428 13.46 -29.89 -12.21
N MET A 429 14.22 -29.80 -13.30
CA MET A 429 14.75 -30.99 -14.00
C MET A 429 16.02 -31.46 -13.39
N PRO A 430 15.96 -32.66 -12.82
CA PRO A 430 17.20 -33.14 -12.19
C PRO A 430 18.26 -33.51 -13.22
N LYS A 431 19.53 -33.40 -12.80
CA LYS A 431 20.72 -33.86 -13.57
C LYS A 431 21.03 -35.33 -13.25
N GLY A 432 21.60 -36.02 -14.23
CA GLY A 432 22.00 -37.42 -14.09
C GLY A 432 21.02 -38.43 -13.49
N ALA A 433 19.71 -38.24 -13.75
CA ALA A 433 18.69 -39.21 -13.28
C ALA A 433 18.19 -40.16 -14.41
N ASP A 434 18.79 -40.06 -15.60
CA ASP A 434 18.35 -40.87 -16.74
C ASP A 434 16.82 -41.04 -16.65
N LEU A 435 16.11 -39.91 -16.48
CA LEU A 435 14.66 -39.89 -16.63
C LEU A 435 14.15 -40.20 -18.03
N SER A 436 13.10 -41.01 -18.10
CA SER A 436 12.40 -41.25 -19.35
C SER A 436 11.64 -40.03 -19.81
N ALA A 437 11.12 -40.03 -21.03
CA ALA A 437 10.33 -38.89 -21.49
C ALA A 437 9.03 -38.83 -20.68
N GLU A 438 8.48 -40.01 -20.34
CA GLU A 438 7.26 -40.10 -19.54
C GLU A 438 7.53 -39.46 -18.15
N GLU A 439 8.70 -39.75 -17.57
CA GLU A 439 9.07 -39.23 -16.25
C GLU A 439 9.30 -37.75 -16.29
N LYS A 440 10.04 -37.23 -17.28
CA LYS A 440 10.14 -35.77 -17.46
C LYS A 440 8.84 -35.08 -17.54
N ALA A 441 7.85 -35.66 -18.20
CA ALA A 441 6.60 -34.98 -18.39
C ALA A 441 5.80 -34.89 -17.10
N ARG A 442 6.16 -35.68 -16.12
CA ARG A 442 5.55 -35.63 -14.78
C ARG A 442 6.06 -34.43 -13.97
N ILE A 443 7.17 -33.79 -14.36
CA ILE A 443 7.62 -32.61 -13.65
C ILE A 443 6.78 -31.42 -14.13
N LEU A 444 5.79 -31.11 -13.35
CA LEU A 444 4.83 -30.08 -13.77
C LEU A 444 5.49 -28.68 -13.76
N GLY A 445 6.43 -28.45 -12.84
CA GLY A 445 7.05 -27.14 -12.75
C GLY A 445 7.54 -26.89 -11.35
N GLY A 446 7.52 -25.62 -10.94
CA GLY A 446 8.08 -25.25 -9.62
C GLY A 446 7.29 -24.13 -9.00
N GLU A 447 7.62 -23.89 -7.73
CA GLU A 447 6.97 -22.86 -7.00
C GLU A 447 7.86 -22.24 -5.91
N ALA A 448 7.92 -20.92 -5.94
CA ALA A 448 8.57 -20.13 -4.85
C ALA A 448 7.64 -20.18 -3.65
N THR A 449 8.18 -20.40 -2.46
CA THR A 449 7.36 -20.48 -1.27
C THR A 449 7.65 -19.35 -0.30
N MET A 450 6.74 -18.41 -0.17
CA MET A 450 6.87 -17.33 0.81
C MET A 450 6.17 -17.61 2.11
N TRP A 451 6.86 -18.37 2.94
CA TRP A 451 6.52 -18.60 4.35
C TRP A 451 6.65 -17.25 5.12
N THR A 452 5.69 -16.98 6.03
CA THR A 452 5.61 -15.62 6.62
C THR A 452 5.85 -15.49 8.11
N GLU A 453 6.62 -16.41 8.70
CA GLU A 453 7.07 -16.22 10.07
C GLU A 453 7.67 -14.85 10.31
N LEU A 454 8.51 -14.38 9.35
CA LEU A 454 9.27 -13.22 9.50
C LEU A 454 8.97 -12.12 8.46
N ALA A 455 7.76 -12.11 7.94
CA ALA A 455 7.32 -11.09 6.97
C ALA A 455 5.92 -10.64 7.30
N THR A 456 5.80 -9.35 7.53
CA THR A 456 4.49 -8.71 7.75
C THR A 456 3.94 -8.28 6.42
N PRO A 457 2.71 -7.80 6.39
CA PRO A 457 2.24 -7.22 5.12
C PRO A 457 3.10 -6.09 4.62
N GLU A 458 3.78 -5.41 5.54
CA GLU A 458 4.71 -4.32 5.16
C GLU A 458 5.97 -4.81 4.50
N THR A 459 6.53 -5.89 4.99
CA THR A 459 7.80 -6.35 4.49
C THR A 459 7.71 -7.52 3.45
N PHE A 460 6.51 -8.06 3.28
CA PHE A 460 6.22 -9.20 2.38
C PHE A 460 6.84 -9.02 0.99
N ASP A 461 6.54 -7.90 0.34
CA ASP A 461 7.03 -7.71 -1.03
C ASP A 461 8.58 -7.60 -1.11
N SER A 462 9.23 -7.03 -0.07
CA SER A 462 10.67 -6.95 -0.05
C SER A 462 11.34 -8.31 0.02
N ARG A 463 10.64 -9.27 0.57
CA ARG A 463 11.13 -10.67 0.61
C ARG A 463 10.86 -11.39 -0.72
N VAL A 464 9.66 -11.24 -1.27
CA VAL A 464 9.28 -11.95 -2.51
C VAL A 464 10.02 -11.42 -3.74
N TRP A 465 10.13 -10.11 -3.85
CA TRP A 465 10.62 -9.41 -5.07
C TRP A 465 11.87 -8.66 -4.76
N PRO A 466 12.87 -8.66 -5.67
CA PRO A 466 12.76 -9.19 -7.01
C PRO A 466 13.22 -10.63 -7.20
N ARG A 467 13.57 -11.36 -6.17
CA ARG A 467 14.05 -12.71 -6.35
C ARG A 467 13.09 -13.64 -7.05
N THR A 468 11.79 -13.52 -6.79
CA THR A 468 10.83 -14.38 -7.45
C THR A 468 10.76 -14.13 -8.98
N ALA A 469 11.22 -12.95 -9.41
CA ALA A 469 11.29 -12.65 -10.87
C ALA A 469 12.35 -13.49 -11.54
N ALA A 470 13.47 -13.75 -10.86
CA ALA A 470 14.48 -14.67 -11.36
C ALA A 470 13.97 -16.13 -11.38
N ILE A 471 13.18 -16.51 -10.35
CA ILE A 471 12.56 -17.78 -10.33
C ILE A 471 11.58 -17.90 -11.51
N ALA A 472 10.82 -16.86 -11.80
CA ALA A 472 9.90 -16.85 -12.92
C ALA A 472 10.66 -17.20 -14.18
N GLU A 473 11.85 -16.59 -14.35
CA GLU A 473 12.65 -16.89 -15.55
C GLU A 473 13.07 -18.36 -15.60
N ARG A 474 13.50 -18.91 -14.48
CA ARG A 474 13.79 -20.34 -14.46
C ARG A 474 12.61 -21.22 -14.86
N LEU A 475 11.42 -20.83 -14.51
CA LEU A 475 10.28 -21.67 -14.70
C LEU A 475 9.70 -21.51 -16.12
N TRP A 476 10.02 -20.40 -16.80
CA TRP A 476 9.47 -20.14 -18.16
C TRP A 476 10.51 -20.37 -19.24
N SER A 477 11.69 -19.80 -19.07
CA SER A 477 12.69 -19.70 -20.13
C SER A 477 13.38 -21.07 -20.36
N ALA A 478 14.12 -21.10 -21.42
CA ALA A 478 14.86 -22.31 -21.77
C ALA A 478 15.85 -22.69 -20.66
N GLU A 479 16.15 -23.98 -20.58
CA GLU A 479 17.01 -24.52 -19.53
C GLU A 479 18.39 -23.93 -19.58
N ASN A 480 18.88 -23.54 -20.75
CA ASN A 480 20.21 -22.96 -20.84
C ASN A 480 20.34 -21.48 -20.60
N ILE A 481 19.27 -20.78 -20.17
CA ILE A 481 19.44 -19.39 -19.84
C ILE A 481 19.86 -19.36 -18.34
N THR A 482 21.17 -19.22 -18.10
CA THR A 482 21.73 -19.46 -16.77
C THR A 482 22.76 -18.40 -16.36
N ASP A 483 22.99 -17.40 -17.20
CA ASP A 483 24.05 -16.40 -16.97
C ASP A 483 23.56 -15.47 -15.81
N VAL A 484 24.16 -15.65 -14.66
CA VAL A 484 23.69 -14.90 -13.48
C VAL A 484 23.93 -13.42 -13.69
N ALA A 485 25.13 -13.02 -14.15
CA ALA A 485 25.34 -11.59 -14.30
C ALA A 485 24.41 -10.89 -15.24
N ASN A 486 24.09 -11.53 -16.38
CA ASN A 486 23.15 -10.97 -17.33
C ASN A 486 21.75 -10.90 -16.69
N MET A 487 21.37 -11.94 -15.98
CA MET A 487 20.08 -11.95 -15.28
C MET A 487 20.04 -10.74 -14.30
N ARG A 488 21.12 -10.51 -13.54
CA ARG A 488 21.07 -9.38 -12.60
C ARG A 488 20.87 -8.05 -13.32
N LYS A 489 21.54 -7.89 -14.46
CA LYS A 489 21.48 -6.65 -15.25
C LYS A 489 20.05 -6.37 -15.69
N ARG A 490 19.33 -7.41 -16.12
CA ARG A 490 17.94 -7.29 -16.57
C ARG A 490 16.99 -7.11 -15.40
N LEU A 491 17.37 -7.70 -14.27
CA LEU A 491 16.42 -7.72 -13.11
C LEU A 491 16.14 -6.31 -12.57
N GLU A 492 17.12 -5.40 -12.70
CA GLU A 492 17.02 -4.08 -12.13
C GLU A 492 15.79 -3.33 -12.67
N SER A 493 15.60 -3.33 -13.98
CA SER A 493 14.44 -2.64 -14.54
C SER A 493 13.14 -3.40 -14.33
N VAL A 494 13.19 -4.71 -14.33
CA VAL A 494 12.02 -5.53 -14.02
C VAL A 494 11.52 -5.19 -12.61
N SER A 495 12.43 -5.13 -11.66
CA SER A 495 12.07 -4.84 -10.29
C SER A 495 11.47 -3.42 -10.14
N PHE A 496 12.10 -2.45 -10.80
CA PHE A 496 11.58 -1.10 -10.84
C PHE A 496 10.18 -1.02 -11.40
N ARG A 497 9.93 -1.66 -12.55
CA ARG A 497 8.61 -1.57 -13.18
C ARG A 497 7.49 -2.25 -12.41
N LEU A 498 7.84 -3.22 -11.54
CA LEU A 498 6.81 -3.80 -10.69
C LEU A 498 6.18 -2.74 -9.76
N GLU A 499 6.86 -1.63 -9.52
CA GLU A 499 6.31 -0.65 -8.59
C GLU A 499 5.01 -0.05 -9.06
N GLU A 500 4.80 -0.04 -10.38
CA GLU A 500 3.53 0.46 -10.87
C GLU A 500 2.34 -0.37 -10.50
N LEU A 501 2.58 -1.60 -10.08
CA LEU A 501 1.53 -2.51 -9.68
C LEU A 501 1.31 -2.45 -8.13
N GLY A 502 1.97 -1.51 -7.46
CA GLY A 502 1.83 -1.32 -6.02
C GLY A 502 2.82 -2.08 -5.18
N LEU A 503 3.70 -2.84 -5.81
CA LEU A 503 4.64 -3.65 -5.00
C LEU A 503 5.53 -2.76 -4.16
N THR A 504 5.80 -3.15 -2.93
CA THR A 504 6.34 -2.23 -1.92
C THR A 504 7.78 -2.53 -1.63
N HIS A 505 8.41 -3.40 -2.42
CA HIS A 505 9.76 -3.86 -2.07
C HIS A 505 10.80 -2.73 -1.90
N ILE A 506 10.74 -1.73 -2.74
CA ILE A 506 11.68 -0.59 -2.67
C ILE A 506 11.11 0.45 -1.70
N LYS A 507 9.85 0.82 -1.84
CA LYS A 507 9.34 2.02 -1.12
C LYS A 507 9.13 1.79 0.38
N ASN A 508 8.74 0.59 0.79
CA ASN A 508 8.52 0.34 2.20
C ASN A 508 9.86 0.31 2.95
N LYS A 509 11.00 0.10 2.28
CA LYS A 509 12.28 0.14 2.93
C LYS A 509 12.53 1.52 3.49
N ALA A 510 12.11 2.56 2.76
CA ALA A 510 12.36 3.95 3.27
C ALA A 510 11.51 4.28 4.49
N VAL A 511 10.29 3.74 4.59
CA VAL A 511 9.49 3.86 5.72
C VAL A 511 10.18 3.31 6.96
N ILE A 512 10.73 2.10 6.81
CA ILE A 512 11.48 1.45 7.90
C ILE A 512 12.71 2.28 8.27
N LEU A 513 13.40 2.83 7.29
CA LEU A 513 14.62 3.59 7.56
C LEU A 513 14.25 4.90 8.30
N ARG A 514 13.14 5.52 7.93
CA ARG A 514 12.66 6.72 8.68
C ARG A 514 12.32 6.38 10.11
N ASN A 515 11.68 5.24 10.33
CA ASN A 515 11.40 4.79 11.69
C ASN A 515 12.73 4.63 12.48
N ILE A 516 13.68 3.95 11.89
CA ILE A 516 14.93 3.69 12.54
C ILE A 516 15.70 5.01 12.87
N ALA A 517 15.67 5.93 11.90
CA ALA A 517 16.38 7.20 12.00
C ALA A 517 15.60 8.25 12.77
N ASN A 518 14.40 7.97 13.29
CA ASN A 518 13.62 8.99 13.91
C ASN A 518 13.39 10.15 12.98
N ASN A 519 13.15 9.85 11.71
CA ASN A 519 12.78 10.82 10.64
C ASN A 519 13.83 11.84 10.39
N GLN A 520 15.07 11.53 10.74
CA GLN A 520 16.22 12.30 10.30
C GLN A 520 16.59 11.87 8.88
N ASN A 521 17.63 12.49 8.30
CA ASN A 521 18.08 12.16 6.99
C ASN A 521 18.47 10.69 6.91
N ILE A 522 17.87 9.93 6.02
CA ILE A 522 18.11 8.46 6.00
C ILE A 522 19.27 8.04 5.16
N LYS A 523 19.98 9.01 4.55
CA LYS A 523 21.05 8.65 3.62
C LYS A 523 22.06 7.62 4.16
N SER A 524 22.61 7.85 5.34
CA SER A 524 23.65 6.96 5.87
C SER A 524 23.11 5.58 6.22
N VAL A 525 21.88 5.54 6.74
CA VAL A 525 21.31 4.21 7.05
C VAL A 525 20.93 3.44 5.80
N ASN A 526 20.44 4.14 4.79
CA ASN A 526 20.19 3.49 3.49
C ASN A 526 21.49 2.98 2.86
N GLU A 527 22.54 3.78 2.89
CA GLU A 527 23.80 3.27 2.38
C GLU A 527 24.31 2.09 3.14
N PHE A 528 24.11 2.07 4.45
CA PHE A 528 24.56 0.90 5.24
C PHE A 528 23.69 -0.36 4.88
N THR A 529 22.41 -0.22 4.54
CA THR A 529 21.68 -1.41 4.09
C THR A 529 22.32 -2.05 2.88
N ASN A 530 23.05 -1.24 2.08
CA ASN A 530 23.67 -1.73 0.86
C ASN A 530 24.93 -2.56 1.00
N VAL A 531 25.38 -2.83 2.25
CA VAL A 531 26.37 -3.81 2.57
C VAL A 531 25.92 -4.85 3.57
N CYS A 532 24.64 -4.85 3.93
CA CYS A 532 24.15 -5.75 4.98
C CYS A 532 22.96 -6.62 4.46
N GLU A 533 22.94 -7.85 4.94
CA GLU A 533 21.93 -8.85 4.54
C GLU A 533 21.36 -9.51 5.76
N PRO A 534 20.07 -9.75 5.74
CA PRO A 534 19.52 -10.41 6.91
C PRO A 534 20.05 -11.84 7.10
N LEU A 535 20.20 -12.27 8.34
CA LEU A 535 20.75 -13.60 8.58
C LEU A 535 19.94 -14.67 7.85
N LYS A 536 20.65 -15.65 7.30
CA LYS A 536 20.07 -16.60 6.36
C LYS A 536 19.69 -17.93 6.98
N GLY A 537 18.76 -18.64 6.37
CA GLY A 537 18.47 -19.99 6.84
C GLY A 537 17.49 -19.89 8.03
N TYR A 538 17.90 -20.53 9.12
CA TYR A 538 17.07 -20.53 10.33
C TYR A 538 17.83 -19.87 11.49
N THR A 539 18.65 -18.82 11.19
CA THR A 539 19.45 -18.15 12.15
C THR A 539 18.97 -16.78 12.57
N ARG A 540 18.03 -16.18 11.89
CA ARG A 540 17.48 -14.93 12.35
C ARG A 540 16.62 -15.09 13.61
N ASN A 541 15.71 -16.03 13.57
CA ASN A 541 14.77 -16.28 14.71
C ASN A 541 15.22 -17.58 15.33
N LYS A 542 16.25 -17.53 16.14
N LYS A 542 16.26 -17.53 16.14
CA LYS A 542 16.87 -18.76 16.60
CA LYS A 542 16.91 -18.76 16.59
C LYS A 542 15.90 -19.54 17.46
C LYS A 542 15.97 -19.55 17.49
N GLY A 543 15.71 -20.81 17.12
CA GLY A 543 14.79 -21.65 17.85
C GLY A 543 13.34 -21.33 17.67
N GLY A 544 13.05 -20.31 16.86
CA GLY A 544 11.65 -19.93 16.66
C GLY A 544 11.06 -19.08 17.75
N THR A 545 11.81 -18.74 18.80
CA THR A 545 11.33 -18.08 19.98
C THR A 545 11.80 -16.63 20.12
N GLU A 546 12.68 -16.16 19.24
CA GLU A 546 13.15 -14.79 19.32
C GLU A 546 12.18 -13.76 18.78
N TYR A 547 11.34 -14.20 17.81
CA TYR A 547 10.28 -13.32 17.27
C TYR A 547 8.98 -14.11 17.34
N GLN A 548 7.94 -13.44 17.81
CA GLN A 548 6.63 -13.94 17.75
C GLN A 548 5.91 -13.39 16.53
N MET A 549 4.68 -13.89 16.30
CA MET A 549 3.91 -13.49 15.14
C MET A 549 3.33 -12.04 15.31
N TYR A 550 3.53 -11.45 16.49
CA TYR A 550 3.19 -10.06 16.75
C TYR A 550 4.41 -9.16 17.09
N SER A 551 5.62 -9.64 16.82
CA SER A 551 6.78 -8.83 17.07
C SER A 551 6.93 -7.72 16.07
N PRO A 552 7.75 -6.69 16.38
CA PRO A 552 7.94 -5.60 15.47
C PRO A 552 8.93 -5.90 14.38
N PHE A 553 8.50 -5.79 13.14
CA PHE A 553 9.37 -6.04 11.93
C PHE A 553 9.58 -4.72 11.25
N THR A 554 10.01 -3.75 12.06
CA THR A 554 10.26 -2.36 11.64
C THR A 554 11.70 -1.90 11.88
N LEU A 555 12.62 -2.85 11.91
CA LEU A 555 13.96 -2.60 12.39
C LEU A 555 14.94 -2.84 11.27
N PHE A 556 16.25 -2.70 11.58
CA PHE A 556 17.21 -2.72 10.48
C PHE A 556 17.20 -3.96 9.62
N ALA A 557 17.06 -5.13 10.20
CA ALA A 557 17.03 -6.37 9.40
C ALA A 557 15.88 -6.40 8.38
N ASP A 558 14.77 -5.73 8.76
CA ASP A 558 13.59 -5.65 7.91
C ASP A 558 13.77 -4.75 6.71
N ALA A 559 14.73 -3.82 6.75
CA ALA A 559 15.12 -2.98 5.62
C ALA A 559 16.18 -3.54 4.75
N CYS A 560 16.81 -4.64 5.20
CA CYS A 560 17.87 -5.27 4.41
C CYS A 560 17.38 -6.48 3.60
N THR A 561 18.12 -6.74 2.49
CA THR A 561 17.80 -7.84 1.61
C THR A 561 19.05 -8.57 1.19
N PRO A 562 18.96 -9.80 0.64
CA PRO A 562 20.17 -10.43 0.05
C PRO A 562 20.64 -9.71 -1.19
N ASP A 563 21.84 -10.08 -1.64
CA ASP A 563 22.46 -9.46 -2.84
C ASP A 563 22.58 -7.95 -2.64
N ALA A 564 23.07 -7.54 -1.47
CA ALA A 564 23.18 -6.11 -1.19
C ALA A 564 24.01 -5.40 -2.27
N LYS A 565 23.52 -4.28 -2.80
CA LYS A 565 24.11 -3.81 -4.09
C LYS A 565 25.53 -3.37 -3.94
N ASP A 566 25.86 -2.71 -2.82
CA ASP A 566 27.27 -2.23 -2.73
C ASP A 566 28.25 -3.35 -2.43
N SER A 567 27.79 -4.39 -1.69
CA SER A 567 28.57 -5.61 -1.50
C SER A 567 28.92 -6.22 -2.86
N LEU A 568 27.93 -6.38 -3.73
CA LEU A 568 28.21 -7.01 -5.04
C LEU A 568 29.21 -6.13 -5.81
N ALA A 569 29.04 -4.83 -5.75
CA ALA A 569 30.01 -3.93 -6.41
C ALA A 569 31.39 -3.99 -5.85
N PHE A 570 31.48 -4.08 -4.56
CA PHE A 570 32.74 -4.24 -3.86
C PHE A 570 33.42 -5.49 -4.27
N ASP A 571 32.65 -6.59 -4.28
CA ASP A 571 33.22 -7.86 -4.61
C ASP A 571 33.90 -7.81 -6.01
N GLU A 572 33.21 -7.16 -6.94
CA GLU A 572 33.67 -7.01 -8.35
C GLU A 572 34.93 -6.17 -8.32
N ALA A 573 34.93 -5.06 -7.60
CA ALA A 573 36.10 -4.21 -7.56
C ALA A 573 37.29 -4.95 -6.94
N VAL A 574 37.07 -5.71 -5.87
CA VAL A 574 38.17 -6.47 -5.25
C VAL A 574 38.76 -7.55 -6.20
N SER A 575 37.87 -8.24 -6.88
CA SER A 575 38.29 -9.29 -7.87
C SER A 575 39.10 -8.66 -8.97
N GLN A 576 38.64 -7.53 -9.47
CA GLN A 576 39.37 -6.89 -10.60
C GLN A 576 40.75 -6.43 -10.14
N TYR A 577 40.79 -5.81 -8.95
CA TYR A 577 42.06 -5.38 -8.38
C TYR A 577 43.00 -6.51 -8.15
N LEU A 578 42.54 -7.66 -7.56
CA LEU A 578 43.53 -8.67 -7.21
C LEU A 578 44.11 -9.29 -8.48
N ALA A 579 43.32 -9.31 -9.53
CA ALA A 579 43.72 -9.83 -10.85
C ALA A 579 44.65 -8.86 -11.57
N ASN A 580 44.53 -7.57 -11.31
CA ASN A 580 45.29 -6.52 -11.99
C ASN A 580 45.33 -5.34 -11.06
N LYS A 581 46.46 -5.18 -10.36
CA LYS A 581 46.64 -4.19 -9.31
C LYS A 581 47.05 -2.80 -9.86
N SER A 582 46.28 -2.35 -10.82
CA SER A 582 46.41 -1.06 -11.45
C SER A 582 46.03 0.08 -10.50
N ALA A 583 46.55 1.30 -10.79
CA ALA A 583 46.14 2.43 -10.01
C ALA A 583 44.64 2.63 -9.96
N ASP A 584 44.01 2.51 -11.11
CA ASP A 584 42.62 2.80 -11.24
C ASP A 584 41.85 1.78 -10.46
N ASN A 585 42.27 0.51 -10.58
CA ASN A 585 41.56 -0.56 -9.84
C ASN A 585 41.72 -0.39 -8.34
N LYS A 586 42.91 -0.03 -7.86
CA LYS A 586 43.14 0.18 -6.45
C LYS A 586 42.25 1.33 -5.93
N ALA A 587 42.16 2.39 -6.72
CA ALA A 587 41.30 3.52 -6.35
C ALA A 587 39.81 3.13 -6.28
N LYS A 588 39.35 2.19 -7.13
CA LYS A 588 37.93 1.72 -7.06
C LYS A 588 37.69 1.01 -5.74
N VAL A 589 38.68 0.27 -5.26
CA VAL A 589 38.53 -0.46 -3.99
C VAL A 589 38.55 0.58 -2.86
N ALA A 590 39.52 1.49 -2.86
CA ALA A 590 39.66 2.49 -1.85
C ALA A 590 38.38 3.36 -1.72
N ALA A 591 37.66 3.63 -2.83
CA ALA A 591 36.48 4.45 -2.81
C ALA A 591 35.42 3.86 -1.82
N PHE A 592 35.39 2.54 -1.73
CA PHE A 592 34.39 1.88 -0.83
C PHE A 592 34.79 2.11 0.60
N PHE A 593 36.08 2.02 0.88
CA PHE A 593 36.53 2.29 2.23
C PHE A 593 36.26 3.71 2.68
N ASN A 594 36.52 4.70 1.82
CA ASN A 594 36.21 6.06 2.17
C ASN A 594 34.68 6.22 2.36
N LYS A 595 33.89 5.56 1.53
CA LYS A 595 32.45 5.63 1.66
C LYS A 595 31.97 5.05 2.99
N TRP A 596 32.49 3.90 3.38
CA TRP A 596 32.04 3.27 4.63
C TRP A 596 32.43 4.05 5.87
N ILE A 597 33.62 4.67 5.82
CA ILE A 597 34.02 5.60 6.89
C ILE A 597 33.00 6.70 7.03
N ALA A 598 32.57 7.28 5.90
CA ALA A 598 31.60 8.34 5.95
C ALA A 598 30.24 7.84 6.46
N VAL A 599 29.84 6.66 6.00
CA VAL A 599 28.57 6.08 6.46
C VAL A 599 28.55 5.92 7.98
N ASN A 600 29.63 5.43 8.53
CA ASN A 600 29.71 5.20 9.97
C ASN A 600 29.60 6.54 10.67
N LYS A 601 30.30 7.57 10.19
CA LYS A 601 30.13 8.91 10.79
C LYS A 601 28.69 9.35 10.77
N GLY A 602 28.00 9.12 9.67
CA GLY A 602 26.63 9.51 9.56
C GLY A 602 25.71 8.79 10.51
N LEU A 603 25.98 7.50 10.70
CA LEU A 603 25.19 6.73 11.64
C LEU A 603 25.41 7.19 13.09
N VAL A 604 26.67 7.47 13.43
CA VAL A 604 26.98 8.00 14.78
C VAL A 604 26.26 9.34 15.01
N GLU A 605 26.24 10.19 14.02
CA GLU A 605 25.54 11.49 14.10
C GLU A 605 24.06 11.20 14.34
N LEU A 606 23.46 10.31 13.52
CA LEU A 606 22.03 10.00 13.70
C LEU A 606 21.67 9.48 15.04
N SER A 607 22.57 8.61 15.58
CA SER A 607 22.29 7.93 16.82
C SER A 607 22.03 8.81 18.05
N ALA A 608 22.47 10.10 18.00
CA ALA A 608 22.23 11.02 19.10
C ALA A 608 20.76 11.18 19.39
N ASN A 609 19.94 11.02 18.36
CA ASN A 609 18.47 11.16 18.51
C ASN A 609 17.70 9.97 17.91
N ALA A 610 18.30 8.77 17.96
CA ALA A 610 17.67 7.61 17.30
C ALA A 610 18.14 6.31 17.97
N PRO A 611 17.45 5.84 19.04
CA PRO A 611 17.82 4.64 19.68
C PRO A 611 17.89 3.42 18.76
N LEU A 612 17.03 3.37 17.71
CA LEU A 612 17.03 2.19 16.86
C LEU A 612 18.26 2.11 15.95
N VAL A 613 19.13 3.12 15.96
CA VAL A 613 20.42 3.05 15.28
C VAL A 613 21.48 2.34 16.16
N GLN A 614 21.26 2.31 17.47
CA GLN A 614 22.23 1.72 18.38
C GLN A 614 22.61 0.27 18.03
N PRO A 615 21.63 -0.55 17.65
CA PRO A 615 22.04 -1.94 17.34
C PRO A 615 22.96 -2.10 16.14
N ILE A 616 22.99 -1.12 15.24
CA ILE A 616 23.83 -1.28 14.11
C ILE A 616 25.18 -0.62 14.29
N LEU A 617 25.30 0.24 15.26
CA LEU A 617 26.60 0.97 15.45
C LEU A 617 27.79 0.01 15.59
N PRO A 618 27.67 -1.11 16.33
CA PRO A 618 28.87 -1.93 16.47
C PRO A 618 29.33 -2.49 15.13
N LEU A 619 28.39 -2.74 14.23
CA LEU A 619 28.67 -3.34 12.98
C LEU A 619 29.29 -2.31 12.02
N SER A 620 28.76 -1.11 12.03
CA SER A 620 29.27 -0.05 11.16
C SER A 620 30.62 0.40 11.68
N LYS A 621 30.85 0.32 13.01
CA LYS A 621 32.18 0.65 13.57
C LYS A 621 33.17 -0.40 13.15
N LYS A 622 32.82 -1.69 13.22
CA LYS A 622 33.70 -2.74 12.75
C LYS A 622 34.12 -2.58 11.29
N LEU A 623 33.17 -2.22 10.42
CA LEU A 623 33.50 -1.99 9.02
C LEU A 623 34.38 -0.73 8.81
N SER A 624 34.11 0.35 9.54
CA SER A 624 34.84 1.60 9.47
C SER A 624 36.22 1.34 9.94
N ASP A 625 36.36 0.61 11.03
CA ASP A 625 37.74 0.30 11.53
C ASP A 625 38.54 -0.47 10.52
N ALA A 626 37.97 -1.53 9.94
CA ALA A 626 38.65 -2.29 8.90
C ALA A 626 38.98 -1.40 7.69
N SER A 627 38.04 -0.55 7.29
CA SER A 627 38.21 0.36 6.14
C SER A 627 39.42 1.28 6.36
N GLN A 628 39.50 1.86 7.55
CA GLN A 628 40.60 2.79 7.88
C GLN A 628 41.94 2.08 7.71
N GLU A 629 42.02 0.88 8.20
CA GLU A 629 43.32 0.15 8.17
C GLU A 629 43.67 -0.34 6.74
N LEU A 630 42.65 -0.84 6.03
CA LEU A 630 42.85 -1.28 4.69
C LEU A 630 43.22 -0.13 3.76
N LEU A 631 42.76 1.09 4.00
CA LEU A 631 43.28 2.23 3.23
C LEU A 631 44.83 2.32 3.40
N LEU A 632 45.30 2.08 4.60
CA LEU A 632 46.76 2.14 4.82
C LEU A 632 47.44 0.96 4.18
N VAL A 633 46.84 -0.21 4.28
CA VAL A 633 47.34 -1.40 3.62
C VAL A 633 47.51 -1.18 2.10
N LEU A 634 46.47 -0.67 1.43
CA LEU A 634 46.51 -0.43 -0.01
C LEU A 634 47.66 0.53 -0.40
N ASP A 635 48.01 1.47 0.45
CA ASP A 635 49.21 2.31 0.26
C ASP A 635 50.52 1.90 0.95
N ASN A 636 50.69 0.62 1.32
CA ASN A 636 51.74 0.17 2.29
C ASN A 636 52.15 1.21 3.37
N LYS A 637 51.21 1.99 3.90
CA LYS A 637 51.45 2.77 5.13
C LYS A 637 50.98 1.96 6.39
N SER A 638 50.57 0.69 6.27
CA SER A 638 50.09 -0.02 7.47
C SER A 638 51.25 -0.67 8.22
N THR A 639 51.28 -0.51 9.54
CA THR A 639 52.27 -1.19 10.38
C THR A 639 51.65 -2.25 11.28
N LEU A 640 50.32 -2.41 11.20
CA LEU A 640 49.68 -3.45 12.01
C LEU A 640 50.25 -4.83 11.68
N LYS A 641 50.60 -5.65 12.68
CA LYS A 641 50.99 -7.09 12.49
C LYS A 641 49.96 -7.94 11.72
N THR A 642 50.42 -8.92 10.92
CA THR A 642 49.54 -9.79 10.12
C THR A 642 48.36 -10.39 10.89
N ALA A 643 48.68 -10.96 12.06
CA ALA A 643 47.69 -11.58 12.94
C ALA A 643 46.62 -10.54 13.44
N ASP A 644 47.06 -9.33 13.73
CA ASP A 644 46.18 -8.27 14.20
C ASP A 644 45.33 -7.66 13.07
N LEU A 645 45.89 -7.59 11.88
CA LEU A 645 45.13 -7.22 10.71
C LEU A 645 44.06 -8.28 10.46
N LYS A 646 44.41 -9.54 10.67
CA LYS A 646 43.48 -10.60 10.40
C LYS A 646 42.31 -10.49 11.39
N THR A 647 42.63 -10.30 12.66
CA THR A 647 41.57 -10.19 13.70
C THR A 647 40.60 -9.01 13.39
N LEU A 648 41.18 -7.91 12.91
CA LEU A 648 40.46 -6.71 12.62
C LEU A 648 39.40 -7.00 11.52
N ILE A 649 39.80 -7.69 10.47
CA ILE A 649 38.86 -8.05 9.38
C ILE A 649 37.88 -9.08 9.88
N GLU A 650 38.32 -10.04 10.69
CA GLU A 650 37.42 -11.04 11.19
C GLU A 650 36.31 -10.49 12.00
N GLN A 651 36.51 -9.36 12.64
CA GLN A 651 35.41 -8.72 13.41
C GLN A 651 34.19 -8.54 12.50
N CYS A 652 34.45 -8.31 11.23
CA CYS A 652 33.37 -7.96 10.31
C CYS A 652 32.51 -9.19 9.91
N ASN A 653 32.88 -10.39 10.34
CA ASN A 653 32.03 -11.58 10.06
C ASN A 653 31.04 -11.87 11.14
N THR A 654 30.93 -10.98 12.10
CA THR A 654 30.00 -11.17 13.22
C THR A 654 28.57 -11.25 12.74
N LYS A 655 27.82 -12.10 13.41
CA LYS A 655 26.35 -12.27 13.16
C LYS A 655 25.58 -11.74 14.36
N ASP A 656 26.24 -11.12 15.33
CA ASP A 656 25.61 -10.75 16.58
C ASP A 656 24.81 -9.45 16.61
N HIS A 657 24.84 -8.64 15.55
CA HIS A 657 24.26 -7.31 15.58
C HIS A 657 23.09 -7.22 14.61
N ALA A 658 21.91 -6.91 15.17
CA ALA A 658 20.73 -6.49 14.38
C ALA A 658 20.18 -7.59 13.48
N ASP A 659 20.59 -8.86 13.67
CA ASP A 659 20.17 -9.94 12.80
C ASP A 659 20.47 -9.66 11.34
N VAL A 660 21.62 -9.04 11.11
CA VAL A 660 22.14 -8.94 9.77
C VAL A 660 23.63 -9.32 9.79
N GLU A 661 24.18 -9.43 8.59
CA GLU A 661 25.57 -9.67 8.35
C GLU A 661 26.11 -8.73 7.31
N LEU A 662 27.40 -8.44 7.43
CA LEU A 662 28.13 -7.70 6.41
C LEU A 662 28.56 -8.59 5.25
N SER A 663 28.00 -8.36 4.06
CA SER A 663 28.23 -9.27 2.97
C SER A 663 29.39 -8.84 2.09
N VAL A 664 30.19 -7.95 2.64
CA VAL A 664 31.55 -7.62 2.12
C VAL A 664 32.65 -8.36 2.85
N TYR A 665 32.34 -9.09 3.92
CA TYR A 665 33.35 -9.79 4.66
C TYR A 665 34.28 -10.70 3.84
N GLU A 666 33.68 -11.54 2.98
CA GLU A 666 34.51 -12.49 2.19
C GLU A 666 35.56 -11.75 1.33
N SER A 667 35.15 -10.64 0.74
CA SER A 667 36.06 -9.82 -0.06
C SER A 667 37.08 -9.06 0.74
N LEU A 668 36.73 -8.66 1.96
CA LEU A 668 37.72 -8.10 2.84
C LEU A 668 38.82 -9.14 3.09
N LYS A 669 38.39 -10.37 3.38
CA LYS A 669 39.32 -11.48 3.70
C LYS A 669 40.22 -11.74 2.48
N LYS A 670 39.65 -11.70 1.27
CA LYS A 670 40.43 -11.94 0.04
C LYS A 670 41.50 -10.90 -0.15
N LEU A 671 41.21 -9.66 0.28
CA LEU A 671 42.23 -8.58 0.10
C LEU A 671 43.46 -8.78 0.92
N ILE A 672 43.34 -9.44 2.05
CA ILE A 672 44.43 -9.55 2.93
C ILE A 672 45.04 -10.96 2.97
N ALA A 673 44.62 -11.88 2.12
CA ALA A 673 45.09 -13.26 2.15
C ALA A 673 46.60 -13.46 1.82
N GLN B 1 11.80 18.50 33.35
CA GLN B 1 12.55 19.68 32.89
C GLN B 1 12.17 20.11 31.44
N MET B 2 11.71 19.25 30.52
CA MET B 2 11.51 19.73 29.09
C MET B 2 10.38 20.74 28.98
N GLN B 3 10.49 21.67 28.01
CA GLN B 3 9.42 22.68 27.78
C GLN B 3 8.22 21.99 27.08
N LYS B 4 6.99 22.39 27.48
CA LYS B 4 5.74 22.09 26.76
C LYS B 4 5.92 22.34 25.23
N GLU B 5 6.65 23.40 24.86
CA GLU B 5 6.90 23.74 23.44
C GLU B 5 7.61 22.67 22.61
N GLN B 6 8.28 21.75 23.28
CA GLN B 6 8.97 20.69 22.62
C GLN B 6 8.02 19.48 22.34
N LEU B 7 6.77 19.53 22.83
CA LEU B 7 5.86 18.37 22.60
C LEU B 7 5.17 18.46 21.24
N ASN B 8 5.15 17.35 20.52
CA ASN B 8 4.53 17.36 19.19
C ASN B 8 3.18 16.68 19.24
N LEU B 9 2.29 17.29 19.98
CA LEU B 9 0.93 16.83 20.11
C LEU B 9 0.05 17.50 19.08
N MET B 10 -0.87 16.74 18.49
CA MET B 10 -1.80 17.25 17.48
C MET B 10 -2.97 16.28 17.37
N PRO B 11 -4.19 16.74 17.57
CA PRO B 11 -4.54 18.11 18.05
C PRO B 11 -3.91 18.46 19.38
N TRP B 12 -3.55 19.73 19.47
CA TRP B 12 -2.98 20.23 20.77
C TRP B 12 -4.12 20.08 21.82
N PRO B 13 -3.84 19.34 22.91
CA PRO B 13 -4.93 19.10 23.87
C PRO B 13 -5.40 20.39 24.59
N GLN B 14 -6.58 20.33 25.17
CA GLN B 14 -7.15 21.53 25.85
C GLN B 14 -6.27 21.99 27.00
N ASN B 15 -5.86 21.03 27.83
CA ASN B 15 -5.01 21.24 29.00
C ASN B 15 -3.78 20.39 28.99
N VAL B 16 -2.63 21.02 29.08
CA VAL B 16 -1.36 20.32 29.10
C VAL B 16 -0.38 20.92 30.14
N VAL B 17 0.24 20.07 30.94
CA VAL B 17 1.31 20.47 31.84
C VAL B 17 2.36 19.42 31.91
N VAL B 18 3.60 19.88 31.92
CA VAL B 18 4.74 18.97 32.08
C VAL B 18 5.52 19.29 33.35
N ASN B 19 6.06 18.26 34.02
CA ASN B 19 6.83 18.37 35.27
C ASN B 19 8.14 17.60 35.18
N ASP B 20 8.97 17.75 36.20
CA ASP B 20 10.24 17.08 36.16
C ASP B 20 10.02 15.58 36.13
N GLY B 21 10.87 14.94 35.37
CA GLY B 21 10.94 13.51 35.51
C GLY B 21 10.34 12.86 34.26
N ASN B 22 10.64 11.59 34.13
CA ASN B 22 10.21 10.76 33.02
C ASN B 22 9.81 9.40 33.48
N PHE B 23 8.88 8.81 32.74
CA PHE B 23 8.57 7.41 32.75
C PHE B 23 9.43 6.74 31.69
N THR B 24 10.29 5.78 32.04
CA THR B 24 11.11 5.08 31.04
C THR B 24 10.46 3.81 30.47
N LEU B 25 10.43 3.67 29.16
CA LEU B 25 9.85 2.56 28.55
C LEU B 25 10.85 1.41 28.52
N THR B 26 10.43 0.27 29.07
CA THR B 26 11.23 -0.95 29.16
C THR B 26 10.41 -2.18 28.76
N LYS B 27 11.11 -3.33 28.75
CA LYS B 27 10.47 -4.58 28.44
C LYS B 27 9.43 -5.05 29.47
N ASN B 28 9.36 -4.33 30.58
CA ASN B 28 8.36 -4.57 31.59
C ASN B 28 6.99 -3.99 31.24
N PHE B 29 6.93 -3.12 30.23
CA PHE B 29 5.73 -2.35 29.89
C PHE B 29 4.57 -3.25 29.55
N LYS B 30 3.41 -3.08 30.25
CA LYS B 30 2.21 -3.83 30.00
C LYS B 30 1.04 -2.84 30.20
N VAL B 31 -0.10 -3.19 29.63
CA VAL B 31 -1.30 -2.48 29.72
C VAL B 31 -2.43 -3.28 30.33
N ASN B 32 -3.24 -2.55 31.09
CA ASN B 32 -4.45 -3.10 31.70
C ASN B 32 -5.61 -2.21 31.44
N ILE B 33 -6.80 -2.81 31.33
CA ILE B 33 -8.04 -2.12 31.08
C ILE B 33 -9.06 -2.48 32.16
N SER B 34 -9.72 -1.46 32.71
CA SER B 34 -10.69 -1.64 33.78
C SER B 34 -11.92 -0.79 33.54
N GLY B 35 -12.99 -1.10 34.27
CA GLY B 35 -14.27 -0.42 34.12
C GLY B 35 -15.26 -1.12 33.28
N ASN B 36 -16.00 -0.36 32.48
CA ASN B 36 -17.00 -0.95 31.61
C ASN B 36 -16.97 -0.36 30.20
N PRO B 37 -15.84 -0.51 29.50
CA PRO B 37 -15.78 -0.01 28.11
C PRO B 37 -16.53 -0.91 27.16
N ASP B 38 -16.91 -0.35 26.02
CA ASP B 38 -17.29 -1.16 24.86
C ASP B 38 -16.09 -2.00 24.41
N SER B 39 -16.38 -3.18 23.84
CA SER B 39 -15.35 -4.07 23.35
C SER B 39 -14.43 -3.51 22.31
N ARG B 40 -14.78 -2.39 21.66
CA ARG B 40 -13.85 -1.76 20.70
C ARG B 40 -12.56 -1.39 21.37
N ILE B 41 -12.57 -1.25 22.70
CA ILE B 41 -11.33 -0.96 23.39
C ILE B 41 -10.20 -1.99 23.20
N PHE B 42 -10.57 -3.24 23.01
CA PHE B 42 -9.55 -4.27 22.98
C PHE B 42 -8.65 -4.21 21.75
N GLY B 43 -9.25 -4.04 20.58
CA GLY B 43 -8.47 -3.88 19.33
C GLY B 43 -7.71 -2.61 19.39
N GLY B 44 -8.31 -1.56 19.96
CA GLY B 44 -7.59 -0.29 20.01
C GLY B 44 -6.33 -0.33 20.85
N VAL B 45 -6.41 -0.96 22.04
CA VAL B 45 -5.28 -1.11 22.87
C VAL B 45 -4.24 -2.05 22.26
N THR B 46 -4.69 -3.13 21.62
CA THR B 46 -3.76 -4.05 20.90
C THR B 46 -3.00 -3.25 19.83
N ARG B 47 -3.73 -2.47 19.05
CA ARG B 47 -3.06 -1.68 17.97
C ARG B 47 -2.08 -0.67 18.53
N PHE B 48 -2.47 -0.01 19.62
CA PHE B 48 -1.59 0.91 20.31
C PHE B 48 -0.25 0.21 20.66
N LEU B 49 -0.37 -0.95 21.26
CA LEU B 49 0.83 -1.68 21.69
C LEU B 49 1.71 -2.07 20.51
N ARG B 50 1.05 -2.50 19.43
CA ARG B 50 1.80 -2.85 18.20
C ARG B 50 2.54 -1.65 17.64
N ARG B 51 1.84 -0.53 17.59
CA ARG B 51 2.45 0.70 17.04
C ARG B 51 3.60 1.14 17.93
N LEU B 52 3.37 1.12 19.26
CA LEU B 52 4.47 1.57 20.18
C LEU B 52 5.70 0.67 20.00
N ASP B 53 5.47 -0.64 19.90
CA ASP B 53 6.59 -1.56 19.73
C ASP B 53 7.30 -1.35 18.39
N GLY B 54 6.52 -1.06 17.35
CA GLY B 54 7.10 -0.75 16.01
C GLY B 54 8.06 0.42 16.08
N ARG B 55 7.76 1.40 16.94
CA ARG B 55 8.62 2.61 17.05
C ARG B 55 9.82 2.42 17.94
N THR B 56 9.78 1.43 18.81
CA THR B 56 10.77 1.26 19.90
C THR B 56 11.60 0.01 19.91
N GLY B 57 11.12 -1.03 19.24
CA GLY B 57 11.85 -2.26 19.13
C GLY B 57 12.10 -2.95 20.43
N ILE B 58 11.16 -2.79 21.37
CA ILE B 58 11.26 -3.38 22.68
C ILE B 58 10.93 -4.86 22.77
N PHE B 59 9.92 -5.31 22.01
CA PHE B 59 9.37 -6.67 21.98
C PHE B 59 8.62 -6.88 23.27
N PHE B 60 7.49 -6.17 23.31
CA PHE B 60 6.61 -6.27 24.47
C PHE B 60 6.11 -7.67 24.67
N GLU B 61 5.80 -7.96 25.97
CA GLU B 61 5.31 -9.27 26.38
C GLU B 61 3.95 -9.61 25.87
N GLN B 62 3.05 -8.65 25.88
CA GLN B 62 1.67 -8.95 25.48
C GLN B 62 1.51 -9.08 23.96
N GLY B 63 0.61 -9.98 23.54
CA GLY B 63 0.22 -10.13 22.14
C GLY B 63 -1.11 -9.41 21.94
N PHE B 64 -2.20 -10.18 21.86
CA PHE B 64 -3.51 -9.62 21.71
C PHE B 64 -4.11 -9.34 23.09
N ILE B 65 -4.66 -8.13 23.28
CA ILE B 65 -5.36 -7.78 24.50
C ILE B 65 -6.84 -8.01 24.22
N THR B 66 -7.47 -8.81 25.08
CA THR B 66 -8.88 -9.21 24.83
C THR B 66 -9.83 -9.13 26.03
N LYS B 67 -9.31 -8.94 27.23
CA LYS B 67 -10.18 -9.02 28.42
C LYS B 67 -9.84 -7.90 29.36
N LEU B 68 -10.77 -7.57 30.23
CA LEU B 68 -10.44 -6.61 31.32
C LEU B 68 -9.58 -7.25 32.36
N ASN B 69 -8.83 -6.39 33.05
CA ASN B 69 -8.10 -6.77 34.25
C ASN B 69 -7.02 -7.85 34.02
N GLU B 70 -6.44 -7.84 32.85
CA GLU B 70 -5.37 -8.78 32.52
C GLU B 70 -4.18 -8.65 33.42
N PHE B 71 -3.83 -7.43 33.80
CA PHE B 71 -2.65 -7.12 34.56
C PHE B 71 -2.91 -5.96 35.51
N PRO B 72 -3.55 -6.26 36.69
CA PRO B 72 -3.90 -5.20 37.62
C PRO B 72 -2.79 -4.23 38.04
N ASN B 73 -1.55 -4.70 38.05
CA ASN B 73 -0.39 -3.93 38.40
C ASN B 73 0.39 -3.36 37.23
N ALA B 74 -0.19 -3.41 36.04
CA ALA B 74 0.54 -2.96 34.88
C ALA B 74 0.89 -1.49 34.96
N GLU B 75 1.95 -1.13 34.24
CA GLU B 75 2.38 0.21 34.13
C GLU B 75 1.43 1.15 33.42
N LEU B 76 0.68 0.71 32.42
CA LEU B 76 -0.35 1.55 31.85
C LEU B 76 -1.70 1.04 32.21
N GLN B 77 -2.49 1.91 32.86
CA GLN B 77 -3.83 1.56 33.28
C GLN B 77 -4.83 2.42 32.49
N ILE B 78 -5.86 1.80 31.96
CA ILE B 78 -6.87 2.52 31.19
C ILE B 78 -8.21 2.21 31.82
N ASN B 79 -8.88 3.22 32.30
CA ASN B 79 -10.19 3.12 33.05
C ASN B 79 -11.27 3.80 32.26
N CYS B 80 -12.31 3.05 31.87
CA CYS B 80 -13.43 3.58 31.12
C CYS B 80 -14.66 3.39 31.95
N THR B 81 -15.40 4.46 32.18
CA THR B 81 -16.59 4.32 33.05
C THR B 81 -17.73 3.63 32.38
N LYS B 82 -17.93 3.84 31.09
CA LYS B 82 -19.05 3.24 30.36
C LYS B 82 -18.77 2.95 28.88
N ASN B 83 -19.74 2.34 28.21
CA ASN B 83 -19.63 1.96 26.83
C ASN B 83 -19.86 3.13 25.94
N GLY B 84 -18.91 3.44 25.04
CA GLY B 84 -19.20 4.49 24.07
C GLY B 84 -20.12 4.06 22.94
N LYS B 85 -20.80 5.00 22.36
CA LYS B 85 -21.66 4.78 21.20
C LYS B 85 -21.14 5.53 19.99
N ILE B 86 -21.31 5.00 18.78
CA ILE B 86 -20.87 5.74 17.60
C ILE B 86 -21.92 6.82 17.28
N GLY B 87 -21.48 8.06 17.06
CA GLY B 87 -22.45 9.09 16.69
C GLY B 87 -21.96 10.46 17.10
N LEU B 88 -22.89 11.42 17.05
CA LEU B 88 -22.60 12.78 17.51
C LEU B 88 -22.92 12.97 18.98
N TYR B 89 -22.33 14.03 19.54
CA TYR B 89 -22.56 14.51 20.88
C TYR B 89 -22.14 13.53 21.99
N GLU B 90 -21.29 12.56 21.67
CA GLU B 90 -20.79 11.67 22.70
C GLU B 90 -19.72 12.36 23.52
N ASP B 91 -19.56 11.91 24.77
CA ASP B 91 -18.50 12.40 25.62
C ASP B 91 -17.18 11.71 25.23
N GLU B 92 -16.35 12.50 24.60
CA GLU B 92 -15.09 12.08 24.04
C GLU B 92 -13.90 12.49 24.91
N SER B 93 -14.18 12.92 26.14
CA SER B 93 -13.13 13.42 26.98
C SER B 93 -12.28 12.36 27.61
N TYR B 94 -11.07 12.72 28.02
CA TYR B 94 -10.18 11.80 28.75
C TYR B 94 -9.15 12.68 29.53
N SER B 95 -8.48 12.03 30.48
CA SER B 95 -7.29 12.53 31.10
C SER B 95 -6.21 11.49 30.95
N LEU B 96 -5.00 11.96 30.84
CA LEU B 96 -3.78 11.15 30.67
C LEU B 96 -2.74 11.68 31.66
N ASP B 97 -2.42 10.84 32.64
CA ASP B 97 -1.45 11.15 33.67
C ASP B 97 -0.23 10.29 33.54
N VAL B 98 0.90 10.88 33.24
CA VAL B 98 2.15 10.16 33.21
C VAL B 98 2.89 10.46 34.52
N LYS B 99 3.16 9.42 35.34
CA LYS B 99 3.96 9.55 36.57
C LYS B 99 5.23 8.73 36.36
N ALA B 100 6.15 8.82 37.30
CA ALA B 100 7.45 8.27 37.09
C ALA B 100 7.42 6.74 36.85
N ASN B 101 6.45 6.07 37.47
CA ASN B 101 6.38 4.60 37.46
C ASN B 101 5.07 4.05 36.95
N LYS B 102 4.15 4.92 36.51
CA LYS B 102 2.80 4.42 36.12
C LYS B 102 2.09 5.48 35.29
N ILE B 103 1.34 5.06 34.29
CA ILE B 103 0.63 5.92 33.38
C ILE B 103 -0.83 5.57 33.49
N THR B 104 -1.72 6.56 33.60
CA THR B 104 -3.11 6.30 33.73
C THR B 104 -3.97 7.12 32.74
N ILE B 105 -4.82 6.43 31.98
CA ILE B 105 -5.82 7.09 31.20
C ILE B 105 -7.17 6.87 31.89
N ASN B 106 -7.88 7.96 32.07
CA ASN B 106 -9.27 7.91 32.58
C ASN B 106 -10.17 8.55 31.58
N ALA B 107 -11.26 7.86 31.26
CA ALA B 107 -12.17 8.40 30.30
C ALA B 107 -13.57 8.01 30.68
N THR B 108 -14.49 8.83 30.27
CA THR B 108 -15.92 8.55 30.43
C THR B 108 -16.25 7.26 29.71
N SER B 109 -15.74 7.10 28.50
CA SER B 109 -15.89 5.82 27.78
C SER B 109 -14.62 5.44 26.98
N ASP B 110 -14.74 4.31 26.34
CA ASP B 110 -13.72 3.86 25.41
C ASP B 110 -13.44 4.90 24.37
N LEU B 111 -14.40 5.71 24.00
CA LEU B 111 -14.12 6.76 22.96
C LEU B 111 -12.99 7.67 23.38
N GLY B 112 -13.06 8.21 24.58
CA GLY B 112 -12.04 9.06 25.09
C GLY B 112 -10.74 8.30 25.26
N ALA B 113 -10.85 7.07 25.73
CA ALA B 113 -9.66 6.23 25.97
C ALA B 113 -8.88 5.99 24.67
N LEU B 114 -9.60 5.69 23.60
CA LEU B 114 -8.92 5.57 22.29
C LEU B 114 -8.23 6.83 21.85
N HIS B 115 -8.85 7.98 22.03
CA HIS B 115 -8.16 9.22 21.87
C HIS B 115 -6.93 9.39 22.73
N GLY B 116 -7.01 9.03 24.00
CA GLY B 116 -5.88 9.17 24.92
C GLY B 116 -4.67 8.36 24.50
N LEU B 117 -4.92 7.18 23.90
CA LEU B 117 -3.80 6.34 23.37
C LEU B 117 -3.04 7.07 22.27
N GLU B 118 -3.75 7.79 21.44
CA GLU B 118 -3.10 8.57 20.36
C GLU B 118 -2.24 9.70 20.94
N THR B 119 -2.77 10.39 21.99
CA THR B 119 -1.96 11.42 22.65
C THR B 119 -0.70 10.84 23.27
N LEU B 120 -0.88 9.67 23.91
CA LEU B 120 0.22 9.02 24.61
C LEU B 120 1.31 8.62 23.58
N LEU B 121 0.92 8.13 22.40
CA LEU B 121 1.96 7.85 21.36
C LEU B 121 2.71 9.11 20.99
N GLN B 122 2.00 10.26 20.90
CA GLN B 122 2.63 11.52 20.50
C GLN B 122 3.53 12.07 21.58
N LEU B 123 3.32 11.61 22.81
CA LEU B 123 4.15 12.05 23.92
C LEU B 123 5.56 11.37 23.99
N LEU B 124 5.75 10.31 23.23
CA LEU B 124 6.96 9.46 23.32
C LEU B 124 8.15 10.34 22.97
N GLN B 125 9.14 10.32 23.84
N GLN B 125 9.13 10.35 23.86
CA GLN B 125 10.39 11.00 23.66
CA GLN B 125 10.39 11.03 23.68
C GLN B 125 11.54 10.03 23.70
C GLN B 125 11.53 10.03 23.69
N ASN B 126 12.74 10.50 23.37
CA ASN B 126 13.87 9.60 23.44
C ASN B 126 15.16 10.39 23.63
N ASP B 127 16.17 9.68 24.07
CA ASP B 127 17.57 10.16 23.93
C ASP B 127 18.31 9.34 22.87
N SER B 128 19.63 9.14 23.04
CA SER B 128 20.30 8.32 22.09
C SER B 128 20.03 6.81 22.23
N LYS B 129 19.50 6.36 23.40
CA LYS B 129 19.43 4.95 23.75
C LYS B 129 18.07 4.47 24.21
N LYS B 130 17.27 5.33 24.79
CA LYS B 130 16.05 4.94 25.49
C LYS B 130 14.90 5.80 25.07
N PHE B 131 13.71 5.23 25.25
CA PHE B 131 12.48 5.95 25.04
C PHE B 131 11.80 6.25 26.36
N TYR B 132 11.06 7.36 26.44
CA TYR B 132 10.39 7.70 27.67
C TYR B 132 9.22 8.64 27.42
N PHE B 133 8.35 8.83 28.41
CA PHE B 133 7.33 9.85 28.31
C PHE B 133 7.62 10.84 29.48
N PRO B 134 7.44 12.13 29.26
CA PRO B 134 7.62 13.11 30.32
C PRO B 134 6.54 13.03 31.37
N VAL B 135 6.89 13.19 32.64
CA VAL B 135 5.87 13.31 33.68
C VAL B 135 5.01 14.52 33.34
N SER B 136 3.69 14.36 33.41
CA SER B 136 2.80 15.29 32.77
C SER B 136 1.35 14.92 33.08
N GLN B 137 0.45 15.90 32.92
CA GLN B 137 -0.95 15.61 32.86
C GLN B 137 -1.57 16.38 31.68
N ILE B 138 -2.41 15.65 30.94
CA ILE B 138 -3.19 16.18 29.90
C ILE B 138 -4.65 15.91 30.23
N SER B 139 -5.51 16.90 30.12
CA SER B 139 -6.97 16.63 30.14
C SER B 139 -7.59 17.31 28.91
N ASP B 140 -8.55 16.66 28.26
CA ASP B 140 -8.85 16.95 26.86
C ASP B 140 -10.25 16.60 26.51
N PHE B 141 -10.73 17.25 25.46
CA PHE B 141 -12.09 17.08 24.91
C PHE B 141 -12.10 17.87 23.63
N PRO B 142 -13.01 17.53 22.70
CA PRO B 142 -13.05 18.25 21.43
C PRO B 142 -13.89 19.52 21.46
N ARG B 143 -13.43 20.47 20.70
CA ARG B 143 -14.17 21.72 20.49
C ARG B 143 -15.47 21.47 19.73
N PHE B 144 -15.41 20.71 18.66
CA PHE B 144 -16.58 20.35 17.86
C PHE B 144 -16.87 18.85 17.83
N THR B 145 -18.15 18.44 17.72
CA THR B 145 -18.53 17.04 17.77
C THR B 145 -18.43 16.33 16.40
N TRP B 146 -18.45 17.09 15.30
CA TRP B 146 -18.39 16.57 13.95
C TRP B 146 -17.02 16.94 13.37
N ARG B 147 -16.14 15.95 13.28
CA ARG B 147 -14.76 16.23 12.80
C ARG B 147 -14.41 15.20 11.71
N GLY B 148 -14.60 15.62 10.45
CA GLY B 148 -14.71 14.67 9.38
C GLY B 148 -13.73 14.81 8.24
N LEU B 149 -13.63 13.70 7.51
CA LEU B 149 -13.08 13.62 6.16
C LEU B 149 -14.13 13.04 5.20
N MET B 150 -14.28 13.68 4.06
CA MET B 150 -15.04 13.13 2.93
C MET B 150 -14.12 12.57 1.90
N LEU B 151 -14.40 11.32 1.55
CA LEU B 151 -13.70 10.63 0.47
C LEU B 151 -14.64 10.48 -0.73
N ASP B 152 -14.24 11.03 -1.87
CA ASP B 152 -14.92 10.87 -3.15
C ASP B 152 -14.46 9.59 -3.82
N ALA B 153 -15.34 8.60 -3.83
CA ALA B 153 -15.07 7.30 -4.45
C ALA B 153 -15.51 7.26 -5.94
N SER B 154 -16.19 8.31 -6.39
CA SER B 154 -16.72 8.32 -7.78
C SER B 154 -15.70 8.74 -8.81
N ARG B 155 -15.09 9.87 -8.63
CA ARG B 155 -14.15 10.43 -9.61
C ARG B 155 -13.01 9.51 -9.93
N HIS B 156 -12.21 9.17 -8.90
CA HIS B 156 -11.39 8.00 -8.94
C HIS B 156 -11.81 7.08 -7.81
N PHE B 157 -12.15 5.85 -8.16
CA PHE B 157 -12.48 4.84 -7.18
C PHE B 157 -11.27 4.61 -6.25
N GLN B 158 -11.61 4.53 -4.95
CA GLN B 158 -10.62 4.28 -3.90
C GLN B 158 -10.87 2.94 -3.24
N PRO B 159 -10.00 1.96 -3.52
CA PRO B 159 -10.26 0.59 -3.04
C PRO B 159 -10.30 0.49 -1.53
N VAL B 160 -10.78 -0.66 -1.05
CA VAL B 160 -10.95 -0.94 0.37
C VAL B 160 -9.68 -0.60 1.13
N ASP B 161 -8.50 -0.88 0.58
CA ASP B 161 -7.27 -0.62 1.37
C ASP B 161 -7.05 0.86 1.65
N VAL B 162 -7.36 1.69 0.67
CA VAL B 162 -7.27 3.14 0.86
C VAL B 162 -8.21 3.58 1.99
N VAL B 163 -9.43 3.09 1.92
CA VAL B 163 -10.43 3.49 2.89
C VAL B 163 -9.97 3.07 4.31
N LYS B 164 -9.57 1.81 4.47
CA LYS B 164 -9.19 1.30 5.81
C LYS B 164 -8.04 2.13 6.41
N ARG B 165 -6.97 2.33 5.63
CA ARG B 165 -5.82 3.09 6.18
C ARG B 165 -6.14 4.56 6.49
N ASN B 166 -7.04 5.16 5.73
CA ASN B 166 -7.49 6.48 6.03
C ASN B 166 -8.38 6.55 7.30
N LEU B 167 -9.14 5.50 7.56
CA LEU B 167 -9.88 5.39 8.84
C LEU B 167 -8.87 5.35 10.01
N ASP B 168 -7.79 4.57 9.85
CA ASP B 168 -6.73 4.60 10.88
C ASP B 168 -6.16 6.01 11.09
N ALA B 169 -5.86 6.73 10.00
CA ALA B 169 -5.34 8.06 10.13
C ALA B 169 -6.33 9.04 10.76
N LEU B 170 -7.60 8.92 10.41
CA LEU B 170 -8.65 9.72 11.11
C LEU B 170 -8.55 9.50 12.60
N ALA B 171 -8.55 8.24 13.04
CA ALA B 171 -8.46 7.95 14.47
C ALA B 171 -7.19 8.54 15.08
N ALA B 172 -6.08 8.40 14.40
CA ALA B 172 -4.86 8.95 14.86
C ALA B 172 -4.89 10.46 15.11
N MET B 173 -5.72 11.17 14.41
CA MET B 173 -5.90 12.58 14.54
C MET B 173 -7.18 12.92 15.30
N LYS B 174 -7.79 11.94 15.95
CA LYS B 174 -9.04 12.16 16.73
C LYS B 174 -10.19 12.72 15.92
N MET B 175 -10.20 12.38 14.62
CA MET B 175 -11.36 12.64 13.76
C MET B 175 -12.33 11.51 13.84
N ASN B 176 -13.62 11.86 13.85
CA ASN B 176 -14.65 10.87 14.16
C ASN B 176 -15.79 10.70 13.15
N VAL B 177 -15.66 11.34 11.99
CA VAL B 177 -16.64 11.18 10.88
C VAL B 177 -15.95 10.91 9.58
N PHE B 178 -16.46 9.92 8.85
CA PHE B 178 -15.97 9.58 7.51
C PHE B 178 -17.22 9.67 6.63
N HIS B 179 -17.23 10.67 5.76
CA HIS B 179 -18.33 10.91 4.83
C HIS B 179 -17.96 10.32 3.51
N TRP B 180 -18.76 9.36 3.05
CA TRP B 180 -18.37 8.54 1.91
C TRP B 180 -19.22 8.99 0.66
N HIS B 181 -18.56 9.71 -0.26
CA HIS B 181 -19.23 10.27 -1.44
C HIS B 181 -19.22 9.17 -2.49
N LEU B 182 -20.30 8.44 -2.60
CA LEU B 182 -20.33 7.07 -3.23
C LEU B 182 -20.92 7.08 -4.68
N VAL B 183 -21.33 8.25 -5.12
CA VAL B 183 -21.94 8.43 -6.44
C VAL B 183 -21.63 9.80 -6.92
N ASP B 184 -21.31 9.93 -8.22
CA ASP B 184 -21.25 11.23 -8.89
C ASP B 184 -21.32 10.94 -10.42
N ASP B 185 -21.09 11.96 -11.24
CA ASP B 185 -21.24 11.82 -12.69
C ASP B 185 -20.32 10.73 -13.30
N GLN B 186 -19.20 10.51 -12.58
CA GLN B 186 -18.10 9.63 -13.00
C GLN B 186 -18.18 8.16 -12.50
N GLY B 187 -19.28 7.79 -11.87
CA GLY B 187 -19.50 6.43 -11.42
C GLY B 187 -20.31 6.28 -10.15
N TRP B 188 -21.05 5.17 -10.12
CA TRP B 188 -21.82 4.69 -9.00
C TRP B 188 -21.07 3.59 -8.26
N ARG B 189 -20.92 3.66 -6.93
CA ARG B 189 -20.01 2.76 -6.25
C ARG B 189 -20.61 1.81 -5.25
N ILE B 190 -21.92 1.62 -5.25
CA ILE B 190 -22.58 0.77 -4.24
C ILE B 190 -23.15 -0.45 -4.86
N GLU B 191 -22.66 -1.68 -4.53
CA GLU B 191 -23.29 -2.84 -5.03
C GLU B 191 -24.81 -2.84 -4.67
N THR B 192 -25.62 -3.06 -5.70
N THR B 192 -25.62 -2.98 -5.71
CA THR B 192 -27.08 -3.07 -5.55
CA THR B 192 -27.07 -3.11 -5.55
C THR B 192 -27.77 -4.18 -6.36
C THR B 192 -27.53 -4.32 -6.36
N LYS B 193 -28.19 -5.22 -5.67
CA LYS B 193 -28.91 -6.33 -6.29
C LYS B 193 -30.27 -5.99 -6.84
N LYS B 194 -31.01 -5.14 -6.18
CA LYS B 194 -32.34 -4.72 -6.67
C LYS B 194 -32.26 -3.84 -7.92
N HIS B 195 -31.13 -3.16 -8.19
CA HIS B 195 -31.03 -2.23 -9.27
C HIS B 195 -29.67 -2.47 -9.94
N PRO B 196 -29.50 -3.68 -10.48
CA PRO B 196 -28.19 -4.03 -11.00
C PRO B 196 -27.68 -3.20 -12.16
N LYS B 197 -28.54 -2.50 -12.91
CA LYS B 197 -28.01 -1.63 -13.94
C LYS B 197 -27.03 -0.62 -13.42
N LEU B 198 -27.18 -0.23 -12.18
CA LEU B 198 -26.25 0.82 -11.69
C LEU B 198 -24.81 0.25 -11.63
N ILE B 199 -24.69 -1.02 -11.34
CA ILE B 199 -23.37 -1.66 -11.38
C ILE B 199 -22.97 -2.02 -12.79
N GLU B 200 -23.93 -2.58 -13.54
CA GLU B 200 -23.62 -3.09 -14.89
C GLU B 200 -23.17 -1.96 -15.80
N LEU B 201 -23.90 -0.87 -15.76
CA LEU B 201 -23.79 0.23 -16.71
C LEU B 201 -23.22 1.56 -16.17
N ALA B 202 -23.10 1.73 -14.83
CA ALA B 202 -22.67 2.99 -14.31
C ALA B 202 -21.47 2.89 -13.37
N SER B 203 -20.75 1.77 -13.36
CA SER B 203 -19.57 1.61 -12.48
C SER B 203 -18.23 1.30 -13.10
N ASP B 204 -18.20 0.83 -14.37
CA ASP B 204 -16.95 0.26 -14.95
C ASP B 204 -16.41 -0.95 -14.20
N GLY B 205 -17.26 -1.54 -13.41
CA GLY B 205 -16.83 -2.61 -12.53
C GLY B 205 -16.09 -2.28 -11.28
N LEU B 206 -16.03 -0.98 -10.98
CA LEU B 206 -15.45 -0.43 -9.77
C LEU B 206 -16.48 -0.02 -8.76
N TYR B 207 -16.56 -0.80 -7.67
CA TYR B 207 -17.55 -0.52 -6.64
C TYR B 207 -17.26 -1.25 -5.38
N TYR B 208 -17.93 -0.85 -4.29
CA TYR B 208 -17.79 -1.57 -3.02
C TYR B 208 -18.90 -2.58 -2.91
N THR B 209 -18.59 -3.81 -2.52
CA THR B 209 -19.62 -4.76 -2.26
C THR B 209 -20.40 -4.41 -1.00
N GLN B 210 -21.64 -4.93 -0.85
CA GLN B 210 -22.37 -4.75 0.41
C GLN B 210 -21.61 -5.26 1.63
N GLU B 211 -20.99 -6.41 1.49
CA GLU B 211 -20.20 -6.96 2.57
C GLU B 211 -19.00 -6.07 2.91
N GLU B 212 -18.31 -5.55 1.92
CA GLU B 212 -17.20 -4.67 2.13
C GLU B 212 -17.69 -3.42 2.84
N ILE B 213 -18.85 -2.88 2.45
CA ILE B 213 -19.44 -1.80 3.18
C ILE B 213 -19.70 -2.12 4.66
N ARG B 214 -20.36 -3.23 4.96
CA ARG B 214 -20.58 -3.60 6.29
C ARG B 214 -19.29 -3.75 7.05
N ASN B 215 -18.28 -4.32 6.39
CA ASN B 215 -16.98 -4.53 7.07
C ASN B 215 -16.23 -3.27 7.31
N ILE B 216 -16.37 -2.30 6.41
CA ILE B 216 -15.78 -0.94 6.63
C ILE B 216 -16.49 -0.17 7.73
N VAL B 217 -17.82 -0.31 7.81
CA VAL B 217 -18.60 0.21 8.90
C VAL B 217 -18.07 -0.32 10.25
N LYS B 218 -17.81 -1.62 10.32
CA LYS B 218 -17.34 -2.26 11.57
C LYS B 218 -15.90 -1.70 11.85
N TYR B 219 -15.07 -1.65 10.82
CA TYR B 219 -13.65 -1.21 10.98
C TYR B 219 -13.67 0.22 11.54
N ALA B 220 -14.54 1.07 10.99
CA ALA B 220 -14.67 2.44 11.52
C ALA B 220 -15.16 2.46 12.97
N ASP B 221 -16.20 1.67 13.27
CA ASP B 221 -16.79 1.65 14.60
C ASP B 221 -15.74 1.20 15.61
N GLU B 222 -14.97 0.21 15.25
CA GLU B 222 -13.88 -0.23 16.15
C GLU B 222 -12.93 0.92 16.50
N ARG B 223 -12.83 1.85 15.59
CA ARG B 223 -11.96 3.02 15.73
C ARG B 223 -12.66 4.32 16.10
N GLY B 224 -13.92 4.22 16.53
CA GLY B 224 -14.63 5.35 17.08
C GLY B 224 -15.25 6.31 16.06
N ILE B 225 -15.34 5.84 14.81
CA ILE B 225 -15.70 6.71 13.68
C ILE B 225 -17.09 6.32 13.10
N LEU B 226 -17.91 7.35 12.95
CA LEU B 226 -19.25 7.31 12.29
C LEU B 226 -19.04 7.42 10.76
N ILE B 227 -19.78 6.62 9.97
CA ILE B 227 -19.79 6.75 8.51
C ILE B 227 -21.10 7.39 8.08
N VAL B 228 -20.94 8.40 7.25
CA VAL B 228 -22.06 9.10 6.68
C VAL B 228 -22.04 8.83 5.18
N PRO B 229 -22.97 8.02 4.67
CA PRO B 229 -23.01 7.74 3.24
C PRO B 229 -23.67 8.90 2.49
N GLU B 230 -23.26 9.08 1.23
CA GLU B 230 -23.87 10.09 0.34
C GLU B 230 -24.24 9.53 -0.98
N ILE B 231 -25.52 9.69 -1.35
CA ILE B 231 -26.02 9.48 -2.72
C ILE B 231 -26.46 10.81 -3.18
N ASP B 232 -25.67 11.47 -4.04
CA ASP B 232 -25.91 12.86 -4.43
C ASP B 232 -26.97 12.96 -5.52
N VAL B 233 -28.09 13.58 -5.14
CA VAL B 233 -29.24 13.79 -6.06
C VAL B 233 -29.83 15.18 -5.86
N PRO B 234 -30.44 15.80 -6.90
CA PRO B 234 -30.64 15.24 -8.24
C PRO B 234 -29.69 15.68 -9.34
N GLY B 235 -28.79 16.59 -8.99
CA GLY B 235 -27.66 16.98 -9.86
C GLY B 235 -26.62 15.88 -9.92
N HIS B 236 -25.52 16.10 -10.65
CA HIS B 236 -24.44 15.15 -10.72
C HIS B 236 -24.99 13.79 -11.16
N GLY B 237 -25.98 13.80 -12.09
CA GLY B 237 -26.76 12.59 -12.40
C GLY B 237 -26.26 11.71 -13.50
N SER B 238 -25.06 11.96 -14.08
CA SER B 238 -24.70 11.32 -15.34
C SER B 238 -24.68 9.82 -15.28
N ALA B 239 -24.14 9.27 -14.21
CA ALA B 239 -24.03 7.83 -14.06
C ALA B 239 -25.37 7.17 -13.69
N ILE B 240 -26.14 7.73 -12.82
CA ILE B 240 -27.47 7.24 -12.44
C ILE B 240 -28.27 7.17 -13.74
N LEU B 241 -28.17 8.23 -14.52
CA LEU B 241 -29.03 8.34 -15.74
C LEU B 241 -28.53 7.49 -16.91
N THR B 242 -27.26 7.01 -16.84
CA THR B 242 -26.78 6.00 -17.74
C THR B 242 -27.54 4.70 -17.50
N ALA B 243 -27.75 4.38 -16.23
CA ALA B 243 -28.57 3.22 -15.87
C ALA B 243 -30.06 3.38 -16.11
N TYR B 244 -30.58 4.56 -15.75
CA TYR B 244 -32.03 4.84 -15.77
C TYR B 244 -32.31 6.17 -16.54
N PRO B 245 -32.13 6.11 -17.86
CA PRO B 245 -32.36 7.34 -18.63
C PRO B 245 -33.79 7.83 -18.53
N GLU B 246 -34.71 6.93 -18.24
CA GLU B 246 -36.11 7.34 -18.14
C GLU B 246 -36.44 8.27 -17.04
N ILE B 247 -35.59 8.43 -16.01
CA ILE B 247 -35.84 9.44 -14.99
C ILE B 247 -34.98 10.73 -15.16
N GLY B 248 -34.40 10.91 -16.34
CA GLY B 248 -33.68 12.14 -16.64
C GLY B 248 -34.64 13.28 -16.96
N SER B 249 -34.10 14.48 -17.00
CA SER B 249 -34.90 15.67 -17.14
C SER B 249 -34.88 16.27 -18.58
N LYS B 250 -33.90 15.87 -19.37
CA LYS B 250 -33.75 16.38 -20.71
C LYS B 250 -34.95 15.87 -21.52
N VAL B 251 -35.60 16.76 -22.24
CA VAL B 251 -36.75 16.34 -23.07
C VAL B 251 -36.23 15.52 -24.25
N THR B 270 -28.05 8.60 -24.86
CA THR B 270 -28.27 9.92 -24.28
C THR B 270 -27.23 10.20 -23.16
N TYR B 271 -27.20 9.34 -22.15
CA TYR B 271 -26.33 9.59 -20.95
C TYR B 271 -25.19 8.61 -20.91
N ARG B 272 -24.04 8.98 -20.35
CA ARG B 272 -22.92 8.09 -20.26
C ARG B 272 -22.13 8.41 -18.97
N ILE B 273 -21.30 7.46 -18.56
CA ILE B 273 -20.45 7.71 -17.42
C ILE B 273 -19.52 8.83 -17.82
N GLU B 274 -19.44 9.93 -17.03
CA GLU B 274 -18.62 11.05 -17.42
C GLU B 274 -17.13 10.79 -17.19
N ARG B 275 -16.28 11.12 -18.14
CA ARG B 275 -14.83 10.88 -17.99
C ARG B 275 -14.02 12.13 -17.67
N ASN B 276 -14.61 13.32 -17.83
CA ASN B 276 -13.98 14.58 -17.51
C ASN B 276 -14.47 15.09 -16.13
N ALA B 277 -13.83 16.16 -15.68
CA ALA B 277 -14.20 16.85 -14.48
C ALA B 277 -15.10 18.00 -14.87
N GLY B 278 -15.92 18.42 -13.90
CA GLY B 278 -16.72 19.63 -14.07
C GLY B 278 -18.11 19.55 -13.55
N ILE B 279 -18.95 20.48 -14.05
CA ILE B 279 -20.36 20.50 -13.69
C ILE B 279 -21.14 20.11 -14.95
N PHE B 280 -22.03 19.14 -14.85
CA PHE B 280 -22.70 18.57 -16.00
C PHE B 280 -24.19 18.75 -15.86
N SER B 281 -24.90 18.67 -17.00
CA SER B 281 -26.30 18.87 -17.01
C SER B 281 -27.28 17.75 -16.60
N PRO B 282 -26.89 16.47 -16.69
CA PRO B 282 -27.83 15.43 -16.32
C PRO B 282 -28.37 15.53 -14.91
N THR B 283 -29.69 15.54 -14.76
CA THR B 283 -30.35 15.85 -13.52
C THR B 283 -31.59 14.99 -13.45
N LEU B 284 -31.85 14.37 -12.29
CA LEU B 284 -33.03 13.58 -12.11
C LEU B 284 -34.28 14.47 -12.19
N ASP B 285 -35.37 13.88 -12.68
CA ASP B 285 -36.62 14.61 -12.88
C ASP B 285 -37.54 14.55 -11.69
N PRO B 286 -37.76 15.69 -10.97
CA PRO B 286 -38.51 15.71 -9.74
C PRO B 286 -40.03 15.66 -9.92
N SER B 287 -40.41 15.70 -11.18
CA SER B 287 -41.84 15.56 -11.57
C SER B 287 -42.23 14.13 -11.96
N ASN B 288 -41.25 13.24 -12.12
CA ASN B 288 -41.47 11.86 -12.55
C ASN B 288 -41.66 10.96 -11.31
N PRO B 289 -42.85 10.37 -11.12
CA PRO B 289 -43.04 9.50 -9.95
C PRO B 289 -42.02 8.37 -9.86
N LYS B 290 -41.57 7.88 -11.00
CA LYS B 290 -40.54 6.81 -11.10
C LYS B 290 -39.22 7.22 -10.41
N THR B 291 -38.86 8.50 -10.47
CA THR B 291 -37.67 9.03 -9.79
C THR B 291 -37.75 8.68 -8.33
N TYR B 292 -38.92 8.90 -7.73
CA TYR B 292 -39.11 8.68 -6.33
C TYR B 292 -39.21 7.22 -5.99
N LYS B 293 -39.85 6.45 -6.84
CA LYS B 293 -39.93 4.99 -6.62
C LYS B 293 -38.49 4.36 -6.61
N ILE B 294 -37.68 4.68 -7.60
CA ILE B 294 -36.31 4.14 -7.72
C ILE B 294 -35.50 4.59 -6.49
N LEU B 295 -35.59 5.88 -6.10
CA LEU B 295 -34.82 6.30 -4.91
C LEU B 295 -35.29 5.64 -3.66
N SER B 296 -36.60 5.52 -3.50
N SER B 296 -36.61 5.51 -3.48
CA SER B 296 -37.16 4.85 -2.34
CA SER B 296 -37.14 4.83 -2.31
C SER B 296 -36.65 3.41 -2.24
C SER B 296 -36.63 3.40 -2.23
N GLU B 297 -36.58 2.70 -3.36
CA GLU B 297 -36.10 1.34 -3.40
C GLU B 297 -34.58 1.29 -3.12
N LEU B 298 -33.81 2.23 -3.67
CA LEU B 298 -32.40 2.43 -3.27
C LEU B 298 -32.19 2.61 -1.79
N PHE B 299 -32.96 3.49 -1.11
CA PHE B 299 -32.85 3.63 0.30
C PHE B 299 -33.20 2.33 1.01
N ASP B 300 -34.22 1.57 0.57
CA ASP B 300 -34.58 0.33 1.25
C ASP B 300 -33.40 -0.62 1.20
N GLU B 301 -32.64 -0.61 0.10
CA GLU B 301 -31.51 -1.54 -0.04
C GLU B 301 -30.21 -1.02 0.63
N VAL B 302 -29.98 0.30 0.57
CA VAL B 302 -28.69 0.89 1.01
C VAL B 302 -28.71 1.33 2.45
N CYS B 303 -29.80 1.93 2.92
CA CYS B 303 -29.87 2.39 4.30
C CYS B 303 -29.50 1.31 5.35
N PRO B 304 -29.95 0.06 5.21
CA PRO B 304 -29.58 -0.95 6.23
C PRO B 304 -28.08 -1.26 6.32
N LEU B 305 -27.32 -0.80 5.32
CA LEU B 305 -25.85 -1.03 5.33
C LEU B 305 -25.10 -0.09 6.27
N PHE B 306 -25.73 1.07 6.53
CA PHE B 306 -25.13 2.16 7.25
C PHE B 306 -25.92 2.46 8.51
N PRO B 307 -25.41 2.01 9.66
CA PRO B 307 -26.23 2.15 10.90
C PRO B 307 -26.27 3.57 11.51
N GLY B 308 -25.35 4.45 11.08
CA GLY B 308 -25.28 5.86 11.54
C GLY B 308 -26.60 6.57 11.27
N ALA B 309 -26.89 7.59 12.07
CA ALA B 309 -28.20 8.25 11.96
C ALA B 309 -28.38 9.19 10.80
N TYR B 310 -27.35 9.46 10.03
CA TYR B 310 -27.40 10.53 9.06
C TYR B 310 -27.22 9.95 7.67
N PHE B 311 -28.03 10.42 6.76
CA PHE B 311 -27.90 10.05 5.35
C PHE B 311 -27.83 11.31 4.52
N HIS B 312 -26.75 11.45 3.75
CA HIS B 312 -26.49 12.62 2.95
C HIS B 312 -27.06 12.36 1.52
N ILE B 313 -27.97 13.25 1.10
CA ILE B 313 -28.54 13.18 -0.23
C ILE B 313 -27.96 14.15 -1.22
N GLY B 314 -26.82 14.76 -0.88
CA GLY B 314 -26.12 15.68 -1.77
C GLY B 314 -26.92 16.97 -2.02
N GLY B 315 -27.18 17.21 -3.31
CA GLY B 315 -27.94 18.39 -3.73
C GLY B 315 -27.14 19.55 -4.26
N ASP B 316 -25.83 19.36 -4.56
CA ASP B 316 -25.03 20.43 -5.02
C ASP B 316 -25.12 20.59 -6.56
N GLU B 317 -24.97 21.82 -7.02
CA GLU B 317 -24.66 22.13 -8.43
C GLU B 317 -25.67 21.58 -9.45
N ASN B 318 -26.96 21.66 -9.17
CA ASN B 318 -27.91 21.48 -10.24
C ASN B 318 -27.95 22.82 -11.04
N GLU B 319 -27.50 22.90 -12.26
CA GLU B 319 -27.52 24.23 -12.87
C GLU B 319 -28.84 24.57 -13.52
N GLY B 320 -29.70 23.59 -13.53
CA GLY B 320 -31.10 23.91 -13.78
C GLY B 320 -31.50 23.98 -15.24
N LYS B 321 -30.60 23.76 -16.16
CA LYS B 321 -30.93 24.02 -17.60
C LYS B 321 -31.95 23.06 -18.20
N ASP B 322 -31.80 21.77 -17.88
CA ASP B 322 -32.83 20.82 -18.37
C ASP B 322 -34.17 21.04 -17.67
N TRP B 323 -34.17 21.36 -16.39
CA TRP B 323 -35.43 21.67 -15.69
C TRP B 323 -36.11 22.90 -16.40
N ASP B 324 -35.35 23.94 -16.66
CA ASP B 324 -35.91 25.19 -17.28
C ASP B 324 -36.54 24.90 -18.62
N ALA B 325 -35.95 23.97 -19.38
CA ALA B 325 -36.38 23.68 -20.77
C ALA B 325 -37.57 22.71 -20.84
N ASN B 326 -37.88 22.09 -19.73
CA ASN B 326 -38.85 20.99 -19.73
C ASN B 326 -40.25 21.40 -19.31
N PRO B 327 -41.19 21.48 -20.25
CA PRO B 327 -42.50 22.06 -19.88
C PRO B 327 -43.30 21.31 -18.83
N LYS B 328 -43.04 20.00 -18.77
CA LYS B 328 -43.62 19.17 -17.78
C LYS B 328 -43.14 19.53 -16.39
N ILE B 329 -41.84 19.81 -16.27
CA ILE B 329 -41.30 20.28 -15.01
C ILE B 329 -41.83 21.71 -14.73
N GLN B 330 -41.95 22.54 -15.77
CA GLN B 330 -42.43 23.90 -15.52
C GLN B 330 -43.87 23.87 -14.94
N GLU B 331 -44.65 22.96 -15.48
CA GLU B 331 -46.07 22.75 -15.03
C GLU B 331 -46.12 22.27 -13.57
N PHE B 332 -45.14 21.43 -13.19
CA PHE B 332 -45.09 20.87 -11.86
C PHE B 332 -44.76 21.93 -10.82
N LYS B 333 -43.81 22.82 -11.19
CA LYS B 333 -43.50 23.95 -10.41
C LYS B 333 -44.75 24.80 -10.13
N LYS B 334 -45.49 25.08 -11.18
CA LYS B 334 -46.68 25.96 -11.12
C LYS B 334 -47.67 25.28 -10.16
N LYS B 335 -47.98 24.01 -10.41
CA LYS B 335 -48.85 23.18 -9.55
C LYS B 335 -48.49 23.29 -8.08
N HIS B 336 -47.20 23.29 -7.74
CA HIS B 336 -46.77 23.37 -6.33
C HIS B 336 -46.34 24.71 -5.79
N ASN B 337 -46.65 25.77 -6.56
CA ASN B 337 -46.30 27.17 -6.17
C ASN B 337 -44.80 27.29 -5.88
N LEU B 338 -43.98 26.70 -6.74
CA LEU B 338 -42.51 26.70 -6.59
C LEU B 338 -41.92 27.64 -7.64
N LYS B 339 -41.30 28.71 -7.21
CA LYS B 339 -40.93 29.73 -8.20
C LYS B 339 -39.57 29.44 -8.81
N THR B 340 -38.69 28.86 -8.01
CA THR B 340 -37.29 28.81 -8.45
C THR B 340 -36.89 27.34 -8.50
N ASN B 341 -35.84 27.03 -9.26
CA ASN B 341 -35.29 25.67 -9.24
C ASN B 341 -34.88 25.26 -7.84
N HIS B 342 -34.32 26.15 -7.03
CA HIS B 342 -33.93 25.72 -5.67
C HIS B 342 -35.15 25.38 -4.84
N GLU B 343 -36.26 26.06 -5.04
CA GLU B 343 -37.48 25.70 -4.30
C GLU B 343 -38.01 24.34 -4.78
N LEU B 344 -37.99 24.11 -6.09
CA LEU B 344 -38.33 22.81 -6.65
C LEU B 344 -37.37 21.70 -6.07
N GLN B 345 -36.09 21.98 -6.03
CA GLN B 345 -35.13 20.99 -5.49
C GLN B 345 -35.36 20.70 -3.98
N THR B 346 -35.79 21.71 -3.21
CA THR B 346 -36.12 21.50 -1.81
C THR B 346 -37.36 20.64 -1.69
N TYR B 347 -38.32 20.91 -2.56
CA TYR B 347 -39.52 20.04 -2.58
C TYR B 347 -39.12 18.59 -2.87
N PHE B 348 -38.28 18.39 -3.89
CA PHE B 348 -37.76 17.06 -4.22
C PHE B 348 -37.12 16.44 -2.94
N THR B 349 -36.28 17.20 -2.29
CA THR B 349 -35.53 16.72 -1.10
C THR B 349 -36.49 16.34 0.02
N MET B 350 -37.54 17.15 0.14
CA MET B 350 -38.57 16.84 1.13
C MET B 350 -39.44 15.62 0.83
N GLN B 351 -39.44 15.11 -0.38
CA GLN B 351 -40.04 13.84 -0.63
C GLN B 351 -39.16 12.68 -0.17
N LEU B 352 -37.85 12.93 -0.15
CA LEU B 352 -36.92 11.91 0.36
C LEU B 352 -36.89 11.80 1.89
N ALA B 353 -37.19 12.90 2.57
CA ALA B 353 -37.08 12.94 3.98
C ALA B 353 -37.91 11.86 4.68
N PRO B 354 -39.16 11.65 4.27
CA PRO B 354 -39.87 10.57 4.97
C PRO B 354 -39.38 9.18 4.65
N MET B 355 -38.83 9.00 3.45
CA MET B 355 -38.19 7.74 3.09
C MET B 355 -37.02 7.46 4.06
N LEU B 356 -36.14 8.45 4.26
CA LEU B 356 -35.03 8.27 5.21
C LEU B 356 -35.54 8.09 6.61
N LYS B 357 -36.57 8.86 6.97
CA LYS B 357 -37.17 8.73 8.33
C LYS B 357 -37.67 7.32 8.61
N LYS B 358 -38.16 6.62 7.57
CA LYS B 358 -38.70 5.25 7.72
C LYS B 358 -37.59 4.30 8.10
N HIS B 359 -36.37 4.63 7.65
CA HIS B 359 -35.18 3.89 8.02
C HIS B 359 -34.47 4.34 9.27
N GLY B 360 -35.04 5.32 9.97
CA GLY B 360 -34.42 5.94 11.14
C GLY B 360 -33.33 6.95 10.91
N LYS B 361 -33.32 7.55 9.74
CA LYS B 361 -32.25 8.46 9.34
C LYS B 361 -32.68 9.90 9.24
N GLN B 362 -31.78 10.77 9.64
CA GLN B 362 -31.87 12.22 9.44
C GLN B 362 -31.23 12.62 8.14
N LEU B 363 -31.80 13.59 7.44
CA LEU B 363 -31.30 13.97 6.13
C LEU B 363 -30.27 15.03 6.23
N MET B 364 -29.21 14.93 5.41
CA MET B 364 -28.21 15.95 5.32
C MET B 364 -28.03 16.28 3.82
N GLY B 365 -27.68 17.53 3.48
CA GLY B 365 -27.42 17.87 2.09
C GLY B 365 -26.55 19.12 2.00
N TRP B 366 -25.93 19.30 0.85
CA TRP B 366 -25.20 20.48 0.51
C TRP B 366 -26.16 21.66 0.55
N GLU B 367 -25.61 22.78 0.83
CA GLU B 367 -26.38 23.98 1.21
C GLU B 367 -27.47 24.39 0.22
N GLU B 368 -27.35 24.05 -1.06
CA GLU B 368 -28.36 24.51 -2.03
C GLU B 368 -29.75 23.98 -1.63
N ILE B 369 -29.81 22.90 -0.84
CA ILE B 369 -31.10 22.34 -0.39
C ILE B 369 -31.90 23.27 0.50
N LEU B 370 -31.24 24.27 1.08
CA LEU B 370 -31.88 25.20 2.00
C LEU B 370 -32.68 26.31 1.28
N THR B 371 -33.99 26.12 1.30
CA THR B 371 -34.94 27.21 1.07
C THR B 371 -36.09 27.04 2.07
N LYS B 372 -37.10 27.92 1.97
CA LYS B 372 -38.05 28.11 3.05
C LYS B 372 -38.61 26.78 3.61
N ASP B 373 -39.01 25.84 2.75
CA ASP B 373 -39.75 24.65 3.19
C ASP B 373 -38.85 23.46 3.60
N LEU B 374 -37.54 23.65 3.64
CA LEU B 374 -36.67 22.58 4.15
C LEU B 374 -36.91 22.37 5.63
N SER B 375 -37.19 21.15 6.04
CA SER B 375 -37.35 20.82 7.46
C SER B 375 -36.16 21.27 8.25
N LYS B 376 -36.39 21.83 9.42
CA LYS B 376 -35.31 22.26 10.31
C LYS B 376 -34.60 21.09 10.95
N GLU B 377 -35.08 19.89 10.70
CA GLU B 377 -34.36 18.69 11.16
C GLU B 377 -33.22 18.35 10.16
N ALA B 378 -33.22 18.98 9.01
CA ALA B 378 -32.16 18.61 7.98
C ALA B 378 -30.85 19.22 8.41
N ILE B 379 -29.70 18.54 8.14
CA ILE B 379 -28.39 19.12 8.40
C ILE B 379 -27.89 19.73 7.10
N VAL B 380 -27.43 20.98 7.18
CA VAL B 380 -26.99 21.77 6.06
C VAL B 380 -25.48 21.70 6.03
N HIS B 381 -24.97 21.36 4.86
CA HIS B 381 -23.53 21.19 4.62
C HIS B 381 -23.04 22.43 3.84
N SER B 382 -22.39 23.35 4.57
CA SER B 382 -22.01 24.63 4.05
C SER B 382 -20.72 24.49 3.29
N TRP B 383 -20.72 24.75 1.98
CA TRP B 383 -19.58 24.50 1.16
C TRP B 383 -19.12 25.64 0.27
N ARG B 384 -20.01 26.61 0.01
CA ARG B 384 -19.76 27.61 -1.01
C ARG B 384 -19.12 28.86 -0.38
N GLY B 385 -18.23 29.47 -1.17
CA GLY B 385 -17.42 30.58 -0.72
C GLY B 385 -16.94 31.39 -1.90
N PRO B 386 -15.71 31.96 -1.82
CA PRO B 386 -15.26 32.87 -2.86
C PRO B 386 -15.14 32.19 -4.25
N ASN B 387 -14.81 30.90 -4.25
CA ASN B 387 -14.71 30.18 -5.51
C ASN B 387 -16.05 30.13 -6.24
N GLU B 388 -17.14 30.21 -5.48
CA GLU B 388 -18.49 30.23 -6.00
C GLU B 388 -19.11 31.61 -6.00
N GLY B 389 -18.30 32.66 -5.78
CA GLY B 389 -18.84 34.07 -5.72
C GLY B 389 -19.50 34.51 -4.41
N MET B 390 -19.32 33.71 -3.37
N MET B 390 -19.35 33.70 -3.37
CA MET B 390 -19.97 33.90 -2.11
CA MET B 390 -19.98 33.95 -2.11
C MET B 390 -18.95 34.30 -1.03
C MET B 390 -18.95 34.29 -1.02
N VAL B 391 -19.45 34.73 0.11
CA VAL B 391 -18.57 35.08 1.23
C VAL B 391 -18.34 33.79 2.04
N ALA B 392 -17.08 33.52 2.36
CA ALA B 392 -16.70 32.30 3.10
C ALA B 392 -17.51 32.22 4.36
N GLY B 393 -18.15 31.10 4.59
CA GLY B 393 -18.86 30.88 5.86
C GLY B 393 -20.26 31.43 5.92
N GLN B 394 -20.61 32.30 4.96
CA GLN B 394 -21.93 32.99 5.07
C GLN B 394 -23.11 32.06 5.02
N SER B 395 -23.04 31.00 4.24
CA SER B 395 -24.17 30.08 4.19
C SER B 395 -24.36 29.32 5.50
N LEU B 396 -23.26 29.13 6.22
CA LEU B 396 -23.33 28.56 7.53
C LEU B 396 -24.05 29.50 8.57
N VAL B 397 -23.67 30.76 8.53
CA VAL B 397 -24.22 31.80 9.42
C VAL B 397 -25.72 31.83 9.18
N ASP B 398 -26.09 31.85 7.91
CA ASP B 398 -27.51 31.97 7.53
C ASP B 398 -28.30 30.77 7.95
N ALA B 399 -27.75 29.57 7.73
CA ALA B 399 -28.43 28.36 8.21
C ALA B 399 -28.61 28.26 9.70
N VAL B 400 -27.59 28.55 10.49
CA VAL B 400 -27.79 28.39 11.94
C VAL B 400 -28.74 29.45 12.48
N LYS B 401 -28.72 30.64 11.90
CA LYS B 401 -29.67 31.71 12.33
C LYS B 401 -31.09 31.28 11.97
N LYS B 402 -31.26 30.51 10.88
CA LYS B 402 -32.61 30.03 10.56
C LYS B 402 -33.07 28.78 11.30
N GLY B 403 -32.18 28.15 12.07
CA GLY B 403 -32.53 27.02 12.88
C GLY B 403 -32.02 25.64 12.46
N TYR B 404 -31.08 25.61 11.52
CA TYR B 404 -30.51 24.33 10.99
C TYR B 404 -29.13 24.06 11.60
N LYS B 405 -28.90 22.82 12.04
CA LYS B 405 -27.60 22.30 12.37
C LYS B 405 -26.77 22.29 11.08
N THR B 406 -25.51 22.62 11.19
CA THR B 406 -24.69 22.88 10.01
C THR B 406 -23.29 22.30 10.22
N VAL B 407 -22.68 21.85 9.13
CA VAL B 407 -21.27 21.40 9.09
C VAL B 407 -20.57 22.26 8.06
N LEU B 408 -19.36 22.75 8.36
CA LEU B 408 -18.61 23.55 7.45
C LEU B 408 -17.61 22.72 6.65
N SER B 409 -17.72 22.76 5.32
CA SER B 409 -16.61 22.30 4.47
C SER B 409 -15.96 23.39 3.67
N ASN B 410 -16.64 24.51 3.45
CA ASN B 410 -15.94 25.59 2.79
C ASN B 410 -14.66 25.94 3.47
N GLY B 411 -13.58 26.13 2.71
CA GLY B 411 -12.29 26.48 3.34
C GLY B 411 -11.51 25.23 3.76
N PHE B 412 -12.08 24.05 3.56
CA PHE B 412 -11.41 22.77 3.85
C PHE B 412 -11.32 21.88 2.59
N TYR B 413 -11.26 22.50 1.41
CA TYR B 413 -11.27 21.82 0.07
C TYR B 413 -9.81 21.47 -0.26
N ILE B 414 -9.35 20.43 0.41
CA ILE B 414 -7.99 19.97 0.31
C ILE B 414 -7.57 19.47 -1.10
N ASP B 415 -8.53 19.10 -1.94
CA ASP B 415 -8.24 18.70 -3.31
C ASP B 415 -7.66 19.84 -4.17
N LEU B 416 -7.86 21.14 -3.75
CA LEU B 416 -7.52 22.28 -4.57
C LEU B 416 -6.02 22.66 -4.39
N MET B 417 -5.36 21.94 -3.48
CA MET B 417 -3.88 22.03 -3.27
C MET B 417 -3.43 23.40 -2.71
N TYR B 418 -4.29 24.05 -1.95
CA TYR B 418 -3.94 25.24 -1.27
C TYR B 418 -2.99 24.99 -0.10
N PRO B 419 -2.28 26.04 0.35
CA PRO B 419 -1.37 25.92 1.48
C PRO B 419 -2.08 25.55 2.76
N VAL B 420 -1.40 24.76 3.59
CA VAL B 420 -1.95 24.30 4.83
C VAL B 420 -2.51 25.44 5.70
N ALA B 421 -1.84 26.60 5.74
CA ALA B 421 -2.34 27.67 6.63
C ALA B 421 -3.77 28.10 6.28
N SER B 422 -4.12 28.08 5.00
N SER B 422 -4.10 28.10 4.99
CA SER B 422 -5.45 28.48 4.56
CA SER B 422 -5.43 28.45 4.52
C SER B 422 -6.52 27.58 5.17
C SER B 422 -6.46 27.60 5.24
N HIS B 423 -6.16 26.31 5.36
CA HIS B 423 -7.06 25.36 6.00
C HIS B 423 -7.00 25.46 7.48
N TYR B 424 -5.82 25.60 8.02
CA TYR B 424 -5.64 25.63 9.50
C TYR B 424 -6.34 26.79 10.18
N LEU B 425 -6.39 27.92 9.49
CA LEU B 425 -7.00 29.13 10.05
C LEU B 425 -8.48 29.23 9.75
N ASN B 426 -9.03 28.34 8.94
CA ASN B 426 -10.45 28.34 8.56
C ASN B 426 -11.31 27.83 9.75
N ASP B 427 -12.09 28.67 10.38
CA ASP B 427 -12.75 28.26 11.64
C ASP B 427 -14.23 28.06 11.40
N PRO B 428 -14.84 26.95 11.88
CA PRO B 428 -16.28 26.77 11.69
C PRO B 428 -17.10 27.91 12.34
N MET B 429 -16.59 28.57 13.38
CA MET B 429 -17.41 29.65 14.05
C MET B 429 -17.05 30.95 13.39
N PRO B 430 -18.04 31.58 12.74
CA PRO B 430 -17.89 32.84 12.01
C PRO B 430 -17.36 34.01 12.89
N LYS B 431 -16.68 34.96 12.25
CA LYS B 431 -16.30 36.23 12.89
C LYS B 431 -17.50 37.18 12.73
N GLY B 432 -17.77 37.94 13.78
CA GLY B 432 -19.00 38.71 13.84
C GLY B 432 -20.14 37.73 14.05
N ALA B 433 -21.25 38.03 13.40
CA ALA B 433 -22.43 37.18 13.43
C ALA B 433 -23.30 37.38 14.66
N ASP B 434 -22.70 37.90 15.74
CA ASP B 434 -23.37 38.04 17.05
C ASP B 434 -24.29 36.83 17.23
N LEU B 435 -23.70 35.64 17.09
CA LEU B 435 -24.45 34.41 17.24
C LEU B 435 -24.89 34.20 18.67
N SER B 436 -26.14 33.81 18.87
CA SER B 436 -26.57 33.33 20.15
C SER B 436 -25.92 31.99 20.49
N ALA B 437 -26.03 31.64 21.75
CA ALA B 437 -25.52 30.37 22.20
C ALA B 437 -26.22 29.21 21.51
N GLU B 438 -27.55 29.32 21.31
CA GLU B 438 -28.31 28.31 20.63
C GLU B 438 -27.79 28.21 19.18
N GLU B 439 -27.44 29.34 18.59
CA GLU B 439 -26.94 29.37 17.20
C GLU B 439 -25.57 28.73 17.10
N LYS B 440 -24.67 29.12 18.00
CA LYS B 440 -23.36 28.44 18.17
C LYS B 440 -23.46 26.94 18.32
N ALA B 441 -24.41 26.43 19.09
CA ALA B 441 -24.50 25.04 19.34
C ALA B 441 -24.98 24.22 18.11
N ARG B 442 -25.56 24.89 17.12
CA ARG B 442 -25.95 24.27 15.85
C ARG B 442 -24.77 24.09 14.92
N ILE B 443 -23.61 24.68 15.22
CA ILE B 443 -22.42 24.44 14.40
C ILE B 443 -21.79 23.13 14.87
N LEU B 444 -22.06 22.07 14.11
CA LEU B 444 -21.70 20.70 14.51
C LEU B 444 -20.19 20.51 14.41
N GLY B 445 -19.60 21.18 13.44
CA GLY B 445 -18.13 21.03 13.19
C GLY B 445 -17.81 21.27 11.73
N GLY B 446 -16.87 20.46 11.22
CA GLY B 446 -16.26 20.73 9.98
C GLY B 446 -15.79 19.45 9.33
N GLU B 447 -15.48 19.52 8.03
CA GLU B 447 -15.04 18.33 7.32
C GLU B 447 -14.17 18.68 6.13
N ALA B 448 -12.99 18.05 6.06
CA ALA B 448 -12.14 18.22 4.91
C ALA B 448 -12.76 17.39 3.78
N THR B 449 -12.75 17.89 2.54
CA THR B 449 -13.32 17.22 1.41
C THR B 449 -12.28 16.83 0.38
N MET B 450 -12.01 15.54 0.28
CA MET B 450 -11.15 15.03 -0.73
C MET B 450 -11.93 14.55 -1.95
N TRP B 451 -12.18 15.52 -2.84
CA TRP B 451 -12.66 15.25 -4.18
C TRP B 451 -11.51 14.62 -5.00
N THR B 452 -11.83 13.68 -5.87
CA THR B 452 -10.80 12.82 -6.46
C THR B 452 -10.67 12.91 -7.98
N GLU B 453 -11.07 14.01 -8.58
CA GLU B 453 -10.75 14.22 -10.02
C GLU B 453 -9.28 14.01 -10.33
N LEU B 454 -8.42 14.50 -9.46
CA LEU B 454 -7.02 14.54 -9.72
C LEU B 454 -6.15 13.70 -8.76
N ALA B 455 -6.77 12.70 -8.17
CA ALA B 455 -6.12 11.86 -7.15
C ALA B 455 -6.50 10.41 -7.40
N THR B 456 -5.51 9.61 -7.71
CA THR B 456 -5.68 8.18 -7.85
C THR B 456 -5.47 7.50 -6.49
N PRO B 457 -5.74 6.21 -6.40
CA PRO B 457 -5.38 5.51 -5.16
C PRO B 457 -3.92 5.66 -4.76
N GLU B 458 -3.09 5.82 -5.74
CA GLU B 458 -1.66 6.00 -5.50
C GLU B 458 -1.35 7.37 -4.96
N THR B 459 -2.00 8.41 -5.46
CA THR B 459 -1.64 9.79 -4.97
C THR B 459 -2.56 10.36 -3.88
N PHE B 460 -3.63 9.63 -3.58
CA PHE B 460 -4.64 10.05 -2.60
C PHE B 460 -4.05 10.55 -1.29
N ASP B 461 -3.25 9.72 -0.66
CA ASP B 461 -2.73 10.08 0.65
C ASP B 461 -1.88 11.34 0.59
N SER B 462 -1.08 11.53 -0.49
CA SER B 462 -0.30 12.68 -0.62
C SER B 462 -1.04 14.00 -0.69
N ARG B 463 -2.27 13.89 -1.13
CA ARG B 463 -3.18 15.05 -1.15
C ARG B 463 -3.86 15.23 0.22
N VAL B 464 -4.32 14.15 0.85
CA VAL B 464 -5.01 14.25 2.14
C VAL B 464 -4.08 14.65 3.27
N TRP B 465 -2.88 14.07 3.29
CA TRP B 465 -1.97 14.16 4.45
C TRP B 465 -0.70 14.84 4.02
N PRO B 466 -0.14 15.74 4.87
CA PRO B 466 -0.56 15.99 6.23
C PRO B 466 -1.52 17.14 6.47
N ARG B 467 -2.01 17.80 5.44
CA ARG B 467 -2.86 18.98 5.69
C ARG B 467 -4.13 18.63 6.48
N THR B 468 -4.66 17.43 6.35
CA THR B 468 -5.90 17.10 7.08
C THR B 468 -5.57 16.99 8.58
N ALA B 469 -4.32 16.68 8.90
CA ALA B 469 -3.93 16.68 10.34
C ALA B 469 -4.05 18.10 10.97
N ALA B 470 -3.69 19.12 10.22
CA ALA B 470 -3.87 20.49 10.67
C ALA B 470 -5.37 20.84 10.81
N ILE B 471 -6.20 20.37 9.88
CA ILE B 471 -7.62 20.51 9.98
C ILE B 471 -8.15 19.82 11.24
N ALA B 472 -7.64 18.62 11.52
CA ALA B 472 -8.07 17.91 12.69
C ALA B 472 -7.81 18.76 13.95
N GLU B 473 -6.68 19.43 14.00
CA GLU B 473 -6.38 20.33 15.09
C GLU B 473 -7.43 21.46 15.17
N ARG B 474 -7.72 22.09 14.05
CA ARG B 474 -8.80 23.11 14.12
C ARG B 474 -10.13 22.59 14.63
N LEU B 475 -10.49 21.38 14.35
CA LEU B 475 -11.79 20.85 14.70
C LEU B 475 -11.87 20.34 16.12
N TRP B 476 -10.71 20.00 16.69
CA TRP B 476 -10.64 19.49 18.10
C TRP B 476 -10.16 20.53 19.12
N SER B 477 -9.04 21.19 18.81
CA SER B 477 -8.35 22.07 19.74
C SER B 477 -9.10 23.38 20.03
N ALA B 478 -8.68 24.07 21.10
CA ALA B 478 -9.26 25.38 21.42
C ALA B 478 -9.16 26.35 20.26
N GLU B 479 -10.16 27.26 20.20
CA GLU B 479 -10.19 28.27 19.16
C GLU B 479 -8.94 29.13 19.07
N ASN B 480 -8.24 29.32 20.17
CA ASN B 480 -7.06 30.16 20.17
C ASN B 480 -5.76 29.48 19.89
N ILE B 481 -5.81 28.21 19.47
CA ILE B 481 -4.62 27.54 18.99
C ILE B 481 -4.49 27.87 17.49
N THR B 482 -3.68 28.90 17.16
CA THR B 482 -3.71 29.42 15.80
C THR B 482 -2.31 29.76 15.26
N ASP B 483 -1.23 29.47 16.01
CA ASP B 483 0.15 29.79 15.63
C ASP B 483 0.63 28.82 14.54
N VAL B 484 0.71 29.36 13.34
CA VAL B 484 1.05 28.54 12.17
C VAL B 484 2.46 27.94 12.28
N ALA B 485 3.48 28.72 12.63
CA ALA B 485 4.85 28.15 12.76
C ALA B 485 4.90 27.02 13.75
N ASN B 486 4.17 27.14 14.86
CA ASN B 486 4.19 26.12 15.87
C ASN B 486 3.53 24.85 15.37
N MET B 487 2.44 25.02 14.66
CA MET B 487 1.70 23.93 14.04
C MET B 487 2.62 23.21 13.06
N ARG B 488 3.37 23.95 12.26
CA ARG B 488 4.25 23.31 11.28
C ARG B 488 5.30 22.46 11.93
N LYS B 489 5.83 22.96 13.03
CA LYS B 489 6.91 22.26 13.79
C LYS B 489 6.37 20.91 14.29
N ARG B 490 5.15 20.91 14.81
CA ARG B 490 4.58 19.71 15.33
C ARG B 490 4.14 18.76 14.22
N LEU B 491 3.72 19.30 13.07
CA LEU B 491 3.16 18.48 11.98
C LEU B 491 4.20 17.52 11.40
N GLU B 492 5.49 17.91 11.40
CA GLU B 492 6.50 17.07 10.82
C GLU B 492 6.46 15.67 11.43
N SER B 493 6.47 15.56 12.75
CA SER B 493 6.49 14.23 13.36
C SER B 493 5.16 13.54 13.26
N VAL B 494 4.07 14.32 13.31
CA VAL B 494 2.72 13.76 13.10
C VAL B 494 2.63 13.04 11.76
N SER B 495 3.10 13.72 10.74
CA SER B 495 3.08 13.20 9.36
C SER B 495 3.92 11.94 9.19
N PHE B 496 5.13 11.96 9.76
CA PHE B 496 6.01 10.83 9.81
C PHE B 496 5.36 9.63 10.43
N ARG B 497 4.79 9.83 11.61
CA ARG B 497 4.26 8.67 12.34
C ARG B 497 3.00 8.12 11.72
N LEU B 498 2.36 8.86 10.83
CA LEU B 498 1.26 8.29 10.07
C LEU B 498 1.71 7.16 9.12
N GLU B 499 2.99 7.12 8.75
CA GLU B 499 3.42 6.08 7.86
C GLU B 499 3.24 4.68 8.44
N GLU B 500 3.29 4.56 9.77
CA GLU B 500 3.10 3.25 10.36
C GLU B 500 1.73 2.65 10.15
N LEU B 501 0.76 3.47 9.73
CA LEU B 501 -0.59 3.04 9.42
C LEU B 501 -0.79 2.72 7.93
N GLY B 502 0.27 2.80 7.16
CA GLY B 502 0.28 2.49 5.75
C GLY B 502 0.05 3.69 4.85
N LEU B 503 -0.09 4.88 5.43
N LEU B 503 -0.06 4.88 5.42
CA LEU B 503 -0.31 6.08 4.62
CA LEU B 503 -0.28 6.06 4.61
C LEU B 503 0.89 6.28 3.66
C LEU B 503 0.90 6.29 3.64
N THR B 504 0.57 6.63 2.38
CA THR B 504 1.53 6.63 1.30
C THR B 504 2.10 7.99 0.94
N HIS B 505 1.75 8.99 1.70
CA HIS B 505 2.06 10.38 1.30
C HIS B 505 3.53 10.60 1.00
N ILE B 506 4.41 10.03 1.77
CA ILE B 506 5.84 10.23 1.53
C ILE B 506 6.41 9.16 0.59
N LYS B 507 6.03 7.91 0.79
CA LYS B 507 6.67 6.83 0.09
C LYS B 507 6.26 6.74 -1.39
N ASN B 508 5.03 7.11 -1.72
CA ASN B 508 4.60 6.92 -3.10
C ASN B 508 5.23 7.96 -3.99
N LYS B 509 5.72 9.06 -3.40
CA LYS B 509 6.41 10.06 -4.15
C LYS B 509 7.65 9.50 -4.81
N ALA B 510 8.39 8.66 -4.05
CA ALA B 510 9.58 8.05 -4.64
C ALA B 510 9.26 7.15 -5.84
N VAL B 511 8.13 6.44 -5.82
CA VAL B 511 7.69 5.61 -6.92
C VAL B 511 7.57 6.46 -8.21
N ILE B 512 6.89 7.60 -8.04
CA ILE B 512 6.63 8.52 -9.15
C ILE B 512 7.96 9.04 -9.65
N LEU B 513 8.85 9.44 -8.74
CA LEU B 513 10.12 10.00 -9.14
C LEU B 513 10.98 8.98 -9.90
N ARG B 514 11.02 7.74 -9.44
CA ARG B 514 11.66 6.69 -10.21
C ARG B 514 11.09 6.56 -11.62
N ASN B 515 9.77 6.60 -11.73
CA ASN B 515 9.16 6.54 -13.01
C ASN B 515 9.63 7.65 -13.94
N ILE B 516 9.55 8.90 -13.45
CA ILE B 516 9.98 10.05 -14.24
C ILE B 516 11.45 9.99 -14.62
N ALA B 517 12.30 9.47 -13.73
CA ALA B 517 13.74 9.50 -13.94
C ALA B 517 14.22 8.22 -14.58
N ASN B 518 13.31 7.33 -14.99
CA ASN B 518 13.69 6.05 -15.64
C ASN B 518 14.64 5.26 -14.70
N ASN B 519 14.33 5.35 -13.38
CA ASN B 519 15.04 4.66 -12.33
C ASN B 519 16.54 4.98 -12.28
N GLN B 520 16.91 6.16 -12.76
CA GLN B 520 18.21 6.70 -12.48
C GLN B 520 18.21 7.25 -11.03
N ASN B 521 19.30 7.83 -10.60
CA ASN B 521 19.38 8.42 -9.25
C ASN B 521 18.40 9.55 -9.14
N ILE B 522 17.44 9.45 -8.21
CA ILE B 522 16.40 10.47 -8.09
C ILE B 522 16.72 11.67 -7.29
N LYS B 523 17.96 11.82 -6.80
CA LYS B 523 18.27 12.91 -5.89
C LYS B 523 17.87 14.26 -6.41
N SER B 524 18.24 14.58 -7.66
CA SER B 524 17.98 15.92 -8.20
C SER B 524 16.52 16.15 -8.43
N VAL B 525 15.81 15.17 -8.93
CA VAL B 525 14.39 15.37 -9.20
C VAL B 525 13.62 15.46 -7.84
N ASN B 526 14.01 14.67 -6.86
CA ASN B 526 13.46 14.82 -5.50
C ASN B 526 13.74 16.21 -4.89
N GLU B 527 14.96 16.74 -5.03
CA GLU B 527 15.25 18.09 -4.55
C GLU B 527 14.38 19.13 -5.27
N PHE B 528 14.11 18.92 -6.56
CA PHE B 528 13.35 19.90 -7.31
C PHE B 528 11.90 19.83 -6.86
N THR B 529 11.38 18.66 -6.51
CA THR B 529 9.98 18.66 -6.00
C THR B 529 9.89 19.58 -4.74
N ASN B 530 11.00 19.75 -4.01
CA ASN B 530 10.90 20.43 -2.73
C ASN B 530 10.89 21.93 -2.88
N VAL B 531 10.82 22.43 -4.13
CA VAL B 531 10.53 23.83 -4.37
C VAL B 531 9.41 24.04 -5.36
N CYS B 532 8.68 22.95 -5.68
CA CYS B 532 7.60 23.04 -6.63
C CYS B 532 6.31 22.58 -6.01
N GLU B 533 5.20 23.19 -6.46
CA GLU B 533 3.85 22.89 -5.91
C GLU B 533 2.90 22.75 -7.06
N PRO B 534 1.99 21.78 -6.99
CA PRO B 534 1.01 21.69 -8.06
C PRO B 534 0.14 22.90 -8.17
N LEU B 535 -0.25 23.22 -9.39
CA LEU B 535 -1.07 24.40 -9.61
C LEU B 535 -2.38 24.28 -8.81
N LYS B 536 -2.79 25.42 -8.25
CA LYS B 536 -3.82 25.47 -7.24
C LYS B 536 -5.18 25.86 -7.76
N GLY B 537 -6.24 25.52 -7.03
CA GLY B 537 -7.58 25.99 -7.49
C GLY B 537 -8.04 25.04 -8.60
N TYR B 538 -8.48 25.65 -9.72
CA TYR B 538 -9.01 24.92 -10.83
C TYR B 538 -8.13 25.18 -12.07
N THR B 539 -6.83 25.31 -11.84
CA THR B 539 -5.83 25.60 -12.85
C THR B 539 -4.97 24.49 -13.31
N ARG B 540 -4.96 23.37 -12.63
CA ARG B 540 -4.21 22.18 -13.15
C ARG B 540 -4.93 21.53 -14.30
N ASN B 541 -6.21 21.22 -14.15
CA ASN B 541 -7.04 20.55 -15.15
C ASN B 541 -7.96 21.61 -15.77
N LYS B 542 -7.40 22.35 -16.71
CA LYS B 542 -8.12 23.55 -17.18
C LYS B 542 -9.34 23.21 -18.02
N GLY B 543 -10.47 23.71 -17.55
CA GLY B 543 -11.75 23.38 -18.13
C GLY B 543 -12.26 22.00 -17.86
N GLY B 544 -11.53 21.25 -17.01
CA GLY B 544 -11.87 19.86 -16.76
C GLY B 544 -11.58 18.87 -17.84
N THR B 545 -10.95 19.27 -18.93
CA THR B 545 -10.83 18.41 -20.09
C THR B 545 -9.37 18.05 -20.38
N GLU B 546 -8.45 18.49 -19.54
CA GLU B 546 -7.06 18.16 -19.75
C GLU B 546 -6.66 16.84 -19.15
N TYR B 547 -7.40 16.43 -18.14
CA TYR B 547 -7.17 15.13 -17.51
C TYR B 547 -8.53 14.44 -17.47
N GLN B 548 -8.58 13.19 -17.92
CA GLN B 548 -9.71 12.29 -17.70
C GLN B 548 -9.50 11.40 -16.48
N MET B 549 -10.56 10.73 -16.07
CA MET B 549 -10.54 9.88 -14.93
C MET B 549 -9.67 8.62 -15.14
N TYR B 550 -9.08 8.44 -16.36
CA TYR B 550 -8.16 7.35 -16.65
C TYR B 550 -6.84 7.86 -17.14
N SER B 551 -6.61 9.17 -16.98
CA SER B 551 -5.33 9.78 -17.34
C SER B 551 -4.21 9.32 -16.39
N PRO B 552 -2.95 9.45 -16.82
CA PRO B 552 -1.83 9.01 -15.94
C PRO B 552 -1.44 10.04 -14.93
N PHE B 553 -1.53 9.68 -13.65
CA PHE B 553 -1.13 10.58 -12.56
C PHE B 553 0.22 10.11 -11.95
N THR B 554 1.21 9.95 -12.83
CA THR B 554 2.53 9.40 -12.49
C THR B 554 3.63 10.32 -12.90
N LEU B 555 3.25 11.62 -13.02
CA LEU B 555 4.16 12.62 -13.52
C LEU B 555 4.60 13.65 -12.45
N PHE B 556 5.41 14.63 -12.82
CA PHE B 556 6.04 15.47 -11.84
C PHE B 556 5.05 16.16 -10.91
N ALA B 557 3.93 16.67 -11.44
CA ALA B 557 3.00 17.35 -10.59
C ALA B 557 2.45 16.41 -9.53
N ASP B 558 2.35 15.15 -9.85
CA ASP B 558 1.81 14.16 -8.91
C ASP B 558 2.75 13.85 -7.77
N ALA B 559 4.05 14.12 -7.94
CA ALA B 559 5.04 14.00 -6.89
C ALA B 559 5.15 15.23 -5.99
N CYS B 560 4.55 16.35 -6.42
CA CYS B 560 4.64 17.58 -5.70
C CYS B 560 3.40 17.86 -4.80
N THR B 561 3.64 18.61 -3.74
CA THR B 561 2.62 18.96 -2.77
C THR B 561 2.76 20.43 -2.41
N PRO B 562 1.73 21.03 -1.82
CA PRO B 562 1.84 22.40 -1.32
C PRO B 562 2.83 22.43 -0.13
N ASP B 563 3.13 23.65 0.29
CA ASP B 563 4.11 23.88 1.39
C ASP B 563 5.42 23.11 1.18
N ALA B 564 5.97 23.26 -0.04
CA ALA B 564 7.17 22.50 -0.46
C ALA B 564 8.29 22.76 0.60
N LYS B 565 8.92 21.67 1.05
CA LYS B 565 9.81 21.70 2.23
C LYS B 565 10.91 22.72 2.05
N ASP B 566 11.57 22.77 0.87
CA ASP B 566 12.69 23.67 0.70
C ASP B 566 12.25 25.09 0.42
N SER B 567 11.05 25.23 -0.13
CA SER B 567 10.54 26.60 -0.31
C SER B 567 10.29 27.25 1.08
N LEU B 568 9.66 26.51 2.00
CA LEU B 568 9.37 26.98 3.38
C LEU B 568 10.72 27.30 4.06
N ALA B 569 11.70 26.41 3.89
CA ALA B 569 13.01 26.68 4.50
C ALA B 569 13.71 27.91 3.92
N PHE B 570 13.62 28.11 2.62
CA PHE B 570 14.17 29.24 1.93
C PHE B 570 13.43 30.49 2.36
N ASP B 571 12.10 30.41 2.44
CA ASP B 571 11.38 31.61 2.90
C ASP B 571 11.90 32.08 4.30
N GLU B 572 12.03 31.14 5.23
CA GLU B 572 12.48 31.40 6.58
C GLU B 572 13.89 31.97 6.55
N ALA B 573 14.78 31.35 5.76
CA ALA B 573 16.12 31.87 5.60
C ALA B 573 16.17 33.27 5.06
N VAL B 574 15.35 33.55 4.06
CA VAL B 574 15.32 34.86 3.46
C VAL B 574 14.74 35.90 4.49
N SER B 575 13.70 35.56 5.18
CA SER B 575 13.12 36.52 6.15
C SER B 575 14.17 36.86 7.24
N GLN B 576 14.79 35.83 7.80
CA GLN B 576 15.79 36.02 8.86
C GLN B 576 16.92 36.85 8.35
N TYR B 577 17.35 36.55 7.15
CA TYR B 577 18.42 37.31 6.55
C TYR B 577 18.06 38.78 6.40
N LEU B 578 16.95 39.07 5.72
CA LEU B 578 16.56 40.45 5.53
C LEU B 578 16.37 41.24 6.85
N ALA B 579 15.97 40.59 7.93
CA ALA B 579 15.83 41.23 9.28
C ALA B 579 17.20 41.47 9.92
N ASN B 580 18.20 40.65 9.59
CA ASN B 580 19.55 40.75 10.20
C ASN B 580 20.53 40.12 9.23
N LYS B 581 21.21 40.97 8.47
CA LYS B 581 21.95 40.55 7.30
C LYS B 581 23.37 40.05 7.69
N SER B 582 23.39 39.11 8.63
CA SER B 582 24.62 38.61 9.20
C SER B 582 25.23 37.67 8.19
N ALA B 583 26.55 37.43 8.27
CA ALA B 583 27.17 36.48 7.36
C ALA B 583 26.60 35.07 7.52
N ASP B 584 26.25 34.65 8.73
CA ASP B 584 25.68 33.34 8.92
C ASP B 584 24.30 33.24 8.24
N ASN B 585 23.52 34.30 8.39
CA ASN B 585 22.17 34.31 7.79
C ASN B 585 22.25 34.37 6.26
N LYS B 586 23.18 35.17 5.74
CA LYS B 586 23.39 35.22 4.33
C LYS B 586 23.87 33.83 3.77
N ALA B 587 24.77 33.16 4.49
CA ALA B 587 25.21 31.86 3.95
C ALA B 587 24.05 30.88 3.86
N LYS B 588 23.11 30.94 4.81
CA LYS B 588 21.98 30.03 4.87
C LYS B 588 21.17 30.23 3.60
N VAL B 589 21.05 31.49 3.16
CA VAL B 589 20.37 31.79 1.88
C VAL B 589 21.12 31.32 0.67
N ALA B 590 22.39 31.72 0.56
CA ALA B 590 23.26 31.40 -0.58
C ALA B 590 23.34 29.88 -0.81
N ALA B 591 23.23 29.06 0.25
CA ALA B 591 23.38 27.61 0.10
C ALA B 591 22.25 27.04 -0.79
N PHE B 592 21.05 27.65 -0.67
CA PHE B 592 19.90 27.26 -1.55
C PHE B 592 20.26 27.53 -3.00
N PHE B 593 20.84 28.67 -3.27
CA PHE B 593 21.15 28.96 -4.64
C PHE B 593 22.16 28.00 -5.24
N ASN B 594 23.22 27.69 -4.48
CA ASN B 594 24.13 26.70 -4.97
C ASN B 594 23.49 25.35 -5.14
N LYS B 595 22.56 24.99 -4.25
CA LYS B 595 21.84 23.76 -4.35
C LYS B 595 21.05 23.72 -5.68
N TRP B 596 20.36 24.82 -6.02
CA TRP B 596 19.47 24.82 -7.20
C TRP B 596 20.23 24.81 -8.49
N ILE B 597 21.42 25.44 -8.51
CA ILE B 597 22.28 25.35 -9.69
C ILE B 597 22.75 23.89 -9.93
N ALA B 598 23.07 23.19 -8.87
CA ALA B 598 23.45 21.77 -8.93
C ALA B 598 22.24 20.89 -9.33
N VAL B 599 21.05 21.22 -8.80
CA VAL B 599 19.85 20.49 -9.16
C VAL B 599 19.60 20.55 -10.66
N ASN B 600 19.68 21.75 -11.24
CA ASN B 600 19.43 21.94 -12.64
C ASN B 600 20.40 21.13 -13.45
N LYS B 601 21.69 21.17 -13.10
CA LYS B 601 22.66 20.36 -13.86
C LYS B 601 22.34 18.88 -13.79
N GLY B 602 21.85 18.41 -12.62
CA GLY B 602 21.49 17.04 -12.41
C GLY B 602 20.28 16.62 -13.20
N LEU B 603 19.32 17.53 -13.35
CA LEU B 603 18.17 17.26 -14.14
C LEU B 603 18.52 17.25 -15.62
N VAL B 604 19.36 18.14 -16.09
CA VAL B 604 19.76 18.04 -17.48
C VAL B 604 20.43 16.69 -17.76
N GLU B 605 21.27 16.25 -16.86
CA GLU B 605 21.93 14.92 -17.04
C GLU B 605 20.93 13.82 -17.09
N LEU B 606 19.97 13.86 -16.17
CA LEU B 606 18.99 12.78 -16.09
C LEU B 606 18.21 12.69 -17.37
N SER B 607 17.89 13.85 -17.94
CA SER B 607 17.00 13.97 -19.07
C SER B 607 17.52 13.28 -20.31
N ALA B 608 18.86 13.06 -20.36
CA ALA B 608 19.42 12.35 -21.54
C ALA B 608 18.85 10.93 -21.72
N ASN B 609 18.36 10.33 -20.63
CA ASN B 609 17.64 9.02 -20.73
C ASN B 609 16.28 9.02 -20.02
N ALA B 610 15.63 10.16 -19.98
CA ALA B 610 14.34 10.24 -19.31
C ALA B 610 13.43 11.32 -19.83
N PRO B 611 12.61 11.00 -20.82
CA PRO B 611 11.74 12.00 -21.41
C PRO B 611 10.82 12.71 -20.45
N LEU B 612 10.41 12.03 -19.40
CA LEU B 612 9.50 12.65 -18.44
C LEU B 612 10.15 13.72 -17.58
N VAL B 613 11.47 13.91 -17.72
CA VAL B 613 12.14 15.04 -17.10
C VAL B 613 12.05 16.29 -18.00
N GLN B 614 11.87 16.08 -19.29
CA GLN B 614 11.81 17.21 -20.21
C GLN B 614 10.89 18.34 -19.76
N PRO B 615 9.65 18.02 -19.35
CA PRO B 615 8.76 19.10 -18.98
C PRO B 615 9.22 20.03 -17.88
N ILE B 616 10.09 19.59 -16.97
CA ILE B 616 10.54 20.43 -15.89
C ILE B 616 11.84 21.20 -16.19
N LEU B 617 12.52 20.88 -17.27
CA LEU B 617 13.77 21.52 -17.53
C LEU B 617 13.67 23.02 -17.72
N PRO B 618 12.60 23.51 -18.37
CA PRO B 618 12.54 24.98 -18.45
C PRO B 618 12.41 25.65 -17.11
N LEU B 619 11.75 24.98 -16.16
CA LEU B 619 11.56 25.55 -14.87
C LEU B 619 12.86 25.54 -14.06
N SER B 620 13.60 24.42 -14.07
CA SER B 620 14.84 24.36 -13.32
C SER B 620 15.87 25.29 -13.95
N LYS B 621 15.80 25.48 -15.27
CA LYS B 621 16.74 26.42 -15.95
C LYS B 621 16.46 27.82 -15.47
N LYS B 622 15.18 28.20 -15.35
CA LYS B 622 14.83 29.57 -14.89
C LYS B 622 15.24 29.78 -13.43
N LEU B 623 15.08 28.75 -12.59
CA LEU B 623 15.46 28.88 -11.19
C LEU B 623 17.01 29.00 -11.10
N SER B 624 17.69 28.21 -11.91
CA SER B 624 19.17 28.19 -11.88
C SER B 624 19.68 29.52 -12.37
N ASP B 625 19.07 30.05 -13.44
CA ASP B 625 19.50 31.36 -13.92
C ASP B 625 19.33 32.44 -12.88
N ALA B 626 18.20 32.45 -12.19
CA ALA B 626 17.98 33.43 -11.13
C ALA B 626 18.97 33.28 -9.98
N SER B 627 19.20 32.02 -9.62
CA SER B 627 20.01 31.66 -8.50
C SER B 627 21.43 32.20 -8.75
N GLN B 628 21.92 32.02 -9.95
CA GLN B 628 23.24 32.47 -10.28
C GLN B 628 23.37 33.96 -10.08
N GLU B 629 22.38 34.70 -10.56
CA GLU B 629 22.44 36.15 -10.41
C GLU B 629 22.26 36.58 -8.97
N LEU B 630 21.34 35.94 -8.24
CA LEU B 630 21.10 36.30 -6.84
C LEU B 630 22.33 36.08 -5.93
N LEU B 631 23.19 35.12 -6.30
CA LEU B 631 24.45 34.94 -5.55
C LEU B 631 25.29 36.26 -5.65
N LEU B 632 25.29 36.88 -6.83
CA LEU B 632 25.97 38.18 -7.01
C LEU B 632 25.22 39.30 -6.25
N VAL B 633 23.88 39.29 -6.30
CA VAL B 633 23.13 40.27 -5.54
C VAL B 633 23.51 40.23 -4.10
N LEU B 634 23.64 39.04 -3.52
CA LEU B 634 23.87 38.95 -2.10
C LEU B 634 25.24 39.56 -1.68
N ASP B 635 26.19 39.57 -2.62
CA ASP B 635 27.56 40.15 -2.48
C ASP B 635 27.63 41.58 -3.03
N ASN B 636 26.47 42.20 -3.29
CA ASN B 636 26.36 43.52 -3.98
C ASN B 636 27.30 43.59 -5.17
N LYS B 637 27.39 42.50 -5.93
CA LYS B 637 28.23 42.42 -7.14
C LYS B 637 27.41 42.22 -8.44
N SER B 638 26.09 42.42 -8.42
CA SER B 638 25.32 42.21 -9.66
C SER B 638 25.35 43.49 -10.49
N THR B 639 25.52 43.39 -11.79
CA THR B 639 25.46 44.56 -12.65
C THR B 639 24.30 44.59 -13.64
N LEU B 640 23.34 43.68 -13.53
CA LEU B 640 22.16 43.83 -14.35
C LEU B 640 21.43 45.09 -13.90
N LYS B 641 20.91 45.79 -14.91
CA LYS B 641 19.90 46.84 -14.78
C LYS B 641 18.73 46.35 -13.96
N THR B 642 18.17 47.25 -13.17
CA THR B 642 17.04 46.92 -12.33
C THR B 642 15.97 46.13 -13.08
N ALA B 643 15.60 46.61 -14.26
CA ALA B 643 14.51 45.99 -15.00
C ALA B 643 14.85 44.60 -15.47
N ASP B 644 16.12 44.38 -15.79
CA ASP B 644 16.53 43.05 -16.23
C ASP B 644 16.63 42.11 -15.05
N LEU B 645 17.05 42.57 -13.90
CA LEU B 645 17.00 41.70 -12.71
C LEU B 645 15.53 41.35 -12.38
N LYS B 646 14.62 42.33 -12.45
CA LYS B 646 13.16 42.03 -12.20
C LYS B 646 12.63 40.96 -13.18
N THR B 647 12.89 41.14 -14.46
CA THR B 647 12.46 40.17 -15.49
C THR B 647 13.02 38.72 -15.24
N LEU B 648 14.31 38.62 -14.94
CA LEU B 648 14.92 37.33 -14.67
C LEU B 648 14.21 36.57 -13.56
N ILE B 649 13.82 37.26 -12.52
CA ILE B 649 13.19 36.64 -11.38
C ILE B 649 11.75 36.35 -11.81
N GLU B 650 11.16 37.24 -12.59
CA GLU B 650 9.78 37.03 -13.05
C GLU B 650 9.65 35.74 -13.85
N GLN B 651 10.72 35.30 -14.50
CA GLN B 651 10.58 34.06 -15.26
C GLN B 651 10.17 32.93 -14.33
N CYS B 652 10.57 33.01 -13.05
CA CYS B 652 10.31 31.94 -12.10
C CYS B 652 8.83 31.91 -11.64
N ASN B 653 8.02 32.88 -12.08
CA ASN B 653 6.59 32.84 -11.68
C ASN B 653 5.77 32.16 -12.74
N THR B 654 6.38 31.58 -13.76
CA THR B 654 5.63 30.90 -14.83
C THR B 654 4.82 29.68 -14.33
N LYS B 655 3.61 29.56 -14.87
CA LYS B 655 2.76 28.38 -14.56
C LYS B 655 2.65 27.41 -15.75
N ASP B 656 3.48 27.61 -16.77
CA ASP B 656 3.32 26.88 -18.04
C ASP B 656 3.98 25.51 -18.07
N HIS B 657 4.76 25.13 -17.01
CA HIS B 657 5.52 23.89 -17.09
C HIS B 657 5.03 22.87 -16.09
N ALA B 658 4.61 21.71 -16.62
CA ALA B 658 4.42 20.48 -15.85
C ALA B 658 3.32 20.55 -14.83
N ASP B 659 2.46 21.56 -14.94
CA ASP B 659 1.32 21.77 -14.03
C ASP B 659 1.84 21.96 -12.55
N VAL B 660 3.01 22.60 -12.46
CA VAL B 660 3.51 23.02 -11.13
C VAL B 660 4.01 24.48 -11.21
N GLU B 661 4.31 25.01 -10.03
CA GLU B 661 4.83 26.36 -9.88
C GLU B 661 5.97 26.36 -8.89
N LEU B 662 6.90 27.28 -9.11
CA LEU B 662 7.98 27.46 -8.16
C LEU B 662 7.52 28.30 -6.96
N SER B 663 7.55 27.75 -5.76
CA SER B 663 7.02 28.41 -4.60
C SER B 663 8.14 29.13 -3.83
N VAL B 664 9.26 29.32 -4.51
CA VAL B 664 10.29 30.19 -4.00
C VAL B 664 10.21 31.57 -4.63
N TYR B 665 9.34 31.77 -5.63
CA TYR B 665 9.25 33.03 -6.36
C TYR B 665 9.05 34.27 -5.51
N GLU B 666 8.13 34.24 -4.58
CA GLU B 666 7.88 35.44 -3.75
C GLU B 666 9.13 35.85 -2.95
N SER B 667 9.87 34.86 -2.43
CA SER B 667 11.08 35.12 -1.68
C SER B 667 12.22 35.57 -2.58
N LEU B 668 12.24 35.15 -3.84
CA LEU B 668 13.19 35.67 -4.83
C LEU B 668 12.92 37.16 -5.03
N LYS B 669 11.64 37.51 -5.16
CA LYS B 669 11.24 38.94 -5.29
C LYS B 669 11.63 39.73 -4.02
N LYS B 670 11.42 39.20 -2.83
CA LYS B 670 11.76 39.94 -1.61
C LYS B 670 13.27 40.25 -1.58
N LEU B 671 14.09 39.35 -2.14
CA LEU B 671 15.54 39.59 -2.10
C LEU B 671 15.94 40.71 -3.02
N ILE B 672 15.26 40.86 -4.15
CA ILE B 672 15.71 41.87 -5.09
C ILE B 672 15.17 43.27 -4.75
N ALA B 673 14.96 43.56 -3.48
CA ALA B 673 15.69 44.75 -2.95
C ALA B 673 16.27 44.70 -1.51
#